data_2V0G
#
_entry.id   2V0G
#
_cell.length_a   202.050
_cell.length_b   125.800
_cell.length_c   173.200
_cell.angle_alpha   90.00
_cell.angle_beta   118.71
_cell.angle_gamma   90.00
#
_symmetry.space_group_name_H-M   'C 1 2 1'
#
loop_
_entity.id
_entity.type
_entity.pdbx_description
1 polymer 'AMINOACYL-TRNA SYNTHETASE'
2 polymer TRNALEU
3 non-polymer LEUCINE
4 non-polymer 'ZINC ION'
5 non-polymer 'MERCURY (II) ION'
6 non-polymer 'SULFATE ION'
#
loop_
_entity_poly.entity_id
_entity_poly.type
_entity_poly.pdbx_seq_one_letter_code
_entity_poly.pdbx_strand_id
1 'polypeptide(L)'
;MEKYNPHAIEAKWQRFWEEKGFMKAKDLPGGRGKQYVLVMFPYPSGDLHMGHLKNYTMGDVLARFRRMQGYEVLHPMGWD
AFGLPAENAALKFGVHPKDWTYANIRQAKESLRLMGILYDWDREVTTCEPEYYRWNQWIFLKMWEKGLAYRAKGLVNWCP
KCQTVLANEQVVEGRCWRHEDTPVEKRELEQWYLRITAYAERLLKDLEGLNWPEKVKAMQRAWIGRSEGAEILFPVEGKE
VRIPVFTTRPDTLFGATFLVLAPEHPLTLELAAPEKREEVLAYVEAAKRKTEIERQAEGREKTGVFLGAYALNPATGERI
PIWTADYVLFGYGTGAIMAVPAHDQRDYEFARKFGLPIKKVIERPGEPLPEPLERAYEEPGIMVNSGPFDGTESEEGKRK
VIAWLEEKGLGKGRVTYRLRDWLISRQRYWGTPIPMVHCEACGVVPVPEEELPVLLPDLKDVEDIRPKGKSPLEAHPEFY
ETTCPKCGGPAKRDTDTMDTFFDSSWYYLRYTDPHNDRLPFDPEKANAWMPVDQYIGGVEHAVLHLLYSRFFTKFLHDLG
MVKVEEPFQGLFTQGMVLAWTDFGPVEVEGSVVRLPEPTRIRLEIPESALSLEDVRKMGAELRPHEDGTLHLWKPAVMSK
SKGNGVMVGPFVKEQGADIARITILFAAPPENEMVWTEEGVQGAWRFLNRIYRRVAEDREALLETSGVFQAEALEGKDRE
LYGKLHETLKKVTEDLEALRFNTAIAALMEFLNALYEYRKDRPVTPVYRTAIRYYLQMLFPFAPHLAEELWHWFWPDSLF
EAGWPELDEKALEKDVVEVAVQVNGRVRGTIHIPKDAPLEVARAEALKVRNVRAHLEGKEVVKEIYVPGKILNLVVRG
;
A,D
2 'polyribonucleotide'
;GCCGGGGUGGCGGAAUGGGUAGACGCGCAUGACUCAGGAUCAUGUGCGCAAGCGUGCGGGUUCAAGUCCCGCCCCCGGCA
CC(ANZ)
;
B,F
#
# COMPACT_ATOMS: atom_id res chain seq x y z
N MET A 1 -9.10 17.91 45.90
CA MET A 1 -10.24 18.19 44.95
C MET A 1 -11.10 16.93 44.75
N GLU A 2 -12.42 17.10 44.90
CA GLU A 2 -13.38 16.02 44.70
C GLU A 2 -13.46 15.62 43.21
N LYS A 3 -14.31 14.63 42.91
CA LYS A 3 -14.43 14.08 41.58
C LYS A 3 -15.90 14.01 41.19
N TYR A 4 -16.12 13.83 39.89
CA TYR A 4 -17.46 13.72 39.31
C TYR A 4 -18.06 12.37 39.67
N ASN A 5 -19.18 12.41 40.39
CA ASN A 5 -19.90 11.21 40.82
C ASN A 5 -21.30 11.22 40.23
N PRO A 6 -21.51 10.46 39.14
CA PRO A 6 -22.84 10.38 38.57
C PRO A 6 -23.87 10.03 39.63
N HIS A 7 -23.69 8.90 40.31
CA HIS A 7 -24.74 8.33 41.17
C HIS A 7 -25.13 9.31 42.27
N ALA A 8 -24.22 10.22 42.57
CA ALA A 8 -24.51 11.31 43.48
C ALA A 8 -25.55 12.30 42.95
N ILE A 9 -25.47 12.66 41.67
CA ILE A 9 -26.33 13.71 41.13
C ILE A 9 -27.50 13.22 40.23
N GLU A 10 -27.22 12.32 39.30
CA GLU A 10 -28.13 12.10 38.15
C GLU A 10 -29.60 11.81 38.53
N ALA A 11 -29.83 11.08 39.62
CA ALA A 11 -31.18 10.64 40.01
C ALA A 11 -31.88 11.60 40.99
N LYS A 12 -31.07 12.27 41.80
CA LYS A 12 -31.52 13.40 42.63
C LYS A 12 -32.35 14.39 41.82
N TRP A 13 -31.71 14.92 40.77
CA TRP A 13 -32.26 15.99 39.93
C TRP A 13 -33.47 15.55 39.10
N GLN A 14 -33.39 14.34 38.55
CA GLN A 14 -34.56 13.76 37.93
C GLN A 14 -35.78 14.01 38.84
N ARG A 15 -35.76 13.43 40.04
CA ARG A 15 -36.87 13.57 41.01
C ARG A 15 -37.36 15.02 41.06
N PHE A 16 -36.42 15.96 40.90
CA PHE A 16 -36.66 17.40 40.99
C PHE A 16 -37.36 17.95 39.76
N TRP A 17 -36.86 17.61 38.57
CA TRP A 17 -37.45 18.11 37.32
C TRP A 17 -38.90 17.68 37.21
N GLU A 18 -39.23 16.48 37.70
CA GLU A 18 -40.62 16.02 37.73
C GLU A 18 -41.44 16.77 38.76
N GLU A 19 -40.88 16.94 39.96
CA GLU A 19 -41.59 17.64 41.04
C GLU A 19 -41.89 19.06 40.61
N LYS A 20 -40.84 19.77 40.19
CA LYS A 20 -40.98 21.12 39.66
C LYS A 20 -41.45 21.10 38.19
N GLY A 21 -42.22 20.08 37.81
CA GLY A 21 -42.76 19.90 36.48
C GLY A 21 -42.44 20.98 35.49
N PHE A 22 -41.26 20.88 34.89
CA PHE A 22 -40.84 21.86 33.92
C PHE A 22 -41.52 21.50 32.61
N MET A 23 -41.20 20.34 32.04
CA MET A 23 -41.82 19.95 30.78
C MET A 23 -43.29 19.57 30.95
N LYS A 24 -44.00 20.25 31.84
CA LYS A 24 -45.44 20.15 31.89
C LYS A 24 -46.01 20.93 30.69
N ALA A 25 -46.73 20.23 29.83
CA ALA A 25 -47.26 20.84 28.64
C ALA A 25 -48.41 21.78 29.01
N LYS A 26 -48.34 23.01 28.51
CA LYS A 26 -49.44 23.97 28.65
C LYS A 26 -50.65 23.47 27.85
N ASP A 27 -51.83 23.95 28.23
CA ASP A 27 -53.06 23.58 27.55
C ASP A 27 -53.26 24.34 26.24
N LEU A 28 -53.27 25.66 26.32
CA LEU A 28 -53.55 26.48 25.13
C LEU A 28 -52.45 27.52 24.96
N PRO A 29 -51.34 27.14 24.29
CA PRO A 29 -50.23 28.04 24.02
C PRO A 29 -50.64 29.46 23.75
N GLY A 30 -50.10 30.37 24.55
CA GLY A 30 -50.38 31.81 24.42
C GLY A 30 -49.32 32.55 23.60
N GLY A 31 -48.71 33.54 24.24
CA GLY A 31 -47.77 34.45 23.57
C GLY A 31 -46.51 33.80 23.02
N ARG A 32 -45.51 33.69 23.90
CA ARG A 32 -44.09 33.47 23.51
C ARG A 32 -43.77 32.43 22.37
N GLY A 33 -44.79 31.71 21.88
CA GLY A 33 -44.64 30.77 20.74
C GLY A 33 -44.78 29.32 21.17
N LYS A 34 -44.93 28.42 20.20
CA LYS A 34 -45.08 26.98 20.51
C LYS A 34 -44.07 26.10 19.78
N GLN A 35 -43.79 24.94 20.39
CA GLN A 35 -42.92 23.94 19.79
C GLN A 35 -43.36 22.56 20.27
N TYR A 36 -43.71 21.69 19.33
CA TYR A 36 -44.18 20.36 19.60
C TYR A 36 -43.06 19.41 19.21
N VAL A 37 -42.37 18.84 20.19
CA VAL A 37 -41.31 17.86 19.93
C VAL A 37 -41.80 16.42 20.20
N LEU A 38 -41.64 15.54 19.22
CA LEU A 38 -42.20 14.19 19.31
C LEU A 38 -41.25 13.09 18.83
N VAL A 39 -41.07 12.08 19.69
CA VAL A 39 -40.42 10.82 19.34
C VAL A 39 -41.53 9.82 19.01
N MET A 40 -41.42 9.12 17.88
CA MET A 40 -42.36 8.06 17.57
C MET A 40 -42.47 7.19 18.80
N PHE A 41 -43.70 6.86 19.20
CA PHE A 41 -43.88 6.10 20.42
C PHE A 41 -43.67 4.58 20.26
N PRO A 42 -43.25 3.89 21.35
CA PRO A 42 -42.77 2.52 21.21
C PRO A 42 -43.84 1.48 21.35
N TYR A 43 -43.81 0.52 20.45
CA TYR A 43 -44.50 -0.74 20.65
C TYR A 43 -43.83 -1.29 21.88
N PRO A 44 -44.62 -1.64 22.91
CA PRO A 44 -43.97 -2.19 24.10
C PRO A 44 -43.82 -3.70 23.89
N SER A 45 -42.58 -4.17 23.82
CA SER A 45 -42.25 -5.52 23.41
C SER A 45 -40.71 -5.70 23.48
N GLY A 46 -40.22 -5.89 24.70
CA GLY A 46 -38.78 -5.91 24.95
C GLY A 46 -38.41 -4.77 25.89
N ASP A 47 -37.29 -4.92 26.58
CA ASP A 47 -36.77 -3.87 27.44
C ASP A 47 -35.96 -2.97 26.54
N LEU A 48 -35.94 -1.68 26.83
CA LEU A 48 -35.24 -0.72 25.95
C LEU A 48 -33.72 -0.78 26.17
N HIS A 49 -32.96 -0.36 25.16
CA HIS A 49 -31.50 -0.34 25.20
C HIS A 49 -30.98 0.73 24.24
N MET A 50 -29.88 1.41 24.60
CA MET A 50 -29.31 2.52 23.77
C MET A 50 -29.88 2.59 22.37
N GLY A 51 -29.76 1.50 21.63
CA GLY A 51 -30.35 1.36 20.31
C GLY A 51 -31.70 2.05 20.15
N HIS A 52 -32.58 1.79 21.13
CA HIS A 52 -33.85 2.51 21.20
C HIS A 52 -33.60 3.95 21.65
N LEU A 53 -32.97 4.08 22.80
CA LEU A 53 -32.74 5.39 23.43
C LEU A 53 -32.16 6.51 22.56
N LYS A 54 -31.62 6.22 21.37
CA LYS A 54 -31.10 7.32 20.54
C LYS A 54 -32.20 8.36 20.30
N ASN A 55 -33.21 7.96 19.54
CA ASN A 55 -34.32 8.83 19.18
C ASN A 55 -34.91 9.54 20.39
N TYR A 56 -35.43 8.80 21.36
CA TYR A 56 -36.01 9.44 22.54
C TYR A 56 -35.13 10.56 23.07
N THR A 57 -33.81 10.32 23.13
CA THR A 57 -32.88 11.32 23.66
C THR A 57 -32.96 12.57 22.81
N MET A 58 -32.77 12.39 21.50
CA MET A 58 -32.88 13.49 20.52
C MET A 58 -33.99 14.43 20.98
N GLY A 59 -35.23 14.08 20.67
CA GLY A 59 -36.38 14.83 21.14
C GLY A 59 -36.17 15.54 22.47
N ASP A 60 -35.60 14.85 23.46
CA ASP A 60 -35.40 15.45 24.78
C ASP A 60 -34.38 16.61 24.79
N VAL A 61 -33.21 16.41 24.17
CA VAL A 61 -32.26 17.51 23.99
C VAL A 61 -32.96 18.72 23.37
N LEU A 62 -33.48 18.48 22.17
CA LEU A 62 -34.32 19.41 21.46
C LEU A 62 -35.26 20.11 22.43
N ALA A 63 -36.04 19.35 23.19
CA ALA A 63 -37.12 19.90 24.01
C ALA A 63 -36.64 20.75 25.18
N ARG A 64 -35.43 20.51 25.67
CA ARG A 64 -34.92 21.32 26.75
C ARG A 64 -34.42 22.62 26.18
N PHE A 65 -33.97 22.56 24.94
CA PHE A 65 -33.46 23.74 24.23
C PHE A 65 -34.58 24.74 23.98
N ARG A 66 -35.68 24.29 23.40
CA ARG A 66 -36.87 25.12 23.20
C ARG A 66 -37.38 25.73 24.49
N ARG A 67 -37.61 24.88 25.49
CA ARG A 67 -38.04 25.28 26.82
C ARG A 67 -37.03 26.19 27.50
N MET A 68 -35.75 25.99 27.23
CA MET A 68 -34.73 26.95 27.68
C MET A 68 -34.85 28.27 26.92
N GLN A 69 -35.30 28.20 25.67
CA GLN A 69 -35.49 29.42 24.90
C GLN A 69 -36.79 30.12 25.24
N GLY A 70 -37.60 29.51 26.08
CA GLY A 70 -38.81 30.16 26.51
C GLY A 70 -40.02 29.79 25.66
N TYR A 71 -39.82 29.00 24.60
CA TYR A 71 -40.99 28.47 23.88
C TYR A 71 -41.87 27.69 24.85
N GLU A 72 -43.16 27.64 24.59
CA GLU A 72 -44.00 26.68 25.31
C GLU A 72 -43.84 25.33 24.60
N VAL A 73 -43.47 24.28 25.35
CA VAL A 73 -43.02 23.00 24.73
C VAL A 73 -43.84 21.76 25.13
N LEU A 74 -44.31 21.04 24.11
CA LEU A 74 -45.02 19.78 24.29
C LEU A 74 -44.14 18.64 23.81
N HIS A 75 -43.62 17.87 24.77
CA HIS A 75 -42.79 16.70 24.52
C HIS A 75 -43.48 15.52 25.18
N PRO A 76 -44.38 14.83 24.46
CA PRO A 76 -45.22 13.82 25.06
C PRO A 76 -44.68 12.41 24.89
N MET A 77 -45.17 11.50 25.74
CA MET A 77 -44.88 10.08 25.61
C MET A 77 -46.03 9.18 26.04
N GLY A 78 -46.12 8.05 25.36
CA GLY A 78 -47.16 7.06 25.57
C GLY A 78 -46.75 5.79 24.87
N TRP A 79 -47.69 4.91 24.60
CA TRP A 79 -47.37 3.54 24.20
C TRP A 79 -48.16 3.12 22.98
N ASP A 80 -47.88 1.95 22.44
CA ASP A 80 -48.64 1.44 21.31
C ASP A 80 -49.04 0.01 21.60
N ALA A 81 -49.86 -0.12 22.65
CA ALA A 81 -50.17 -1.40 23.27
C ALA A 81 -50.96 -2.35 22.39
N PHE A 82 -51.82 -1.83 21.52
CA PHE A 82 -52.73 -2.67 20.74
C PHE A 82 -52.11 -3.24 19.46
N GLY A 83 -52.79 -4.23 18.90
CA GLY A 83 -52.37 -4.91 17.68
C GLY A 83 -51.30 -5.96 17.86
N LEU A 84 -50.78 -6.45 16.73
CA LEU A 84 -49.83 -7.58 16.68
C LEU A 84 -48.58 -7.44 17.56
N PRO A 85 -47.85 -6.31 17.42
CA PRO A 85 -46.53 -6.18 18.06
C PRO A 85 -46.44 -6.75 19.48
N ALA A 86 -47.29 -6.25 20.38
CA ALA A 86 -47.31 -6.75 21.75
C ALA A 86 -47.80 -8.20 21.76
N GLU A 87 -49.09 -8.39 21.51
CA GLU A 87 -49.71 -9.73 21.50
C GLU A 87 -48.73 -10.77 20.98
N ASN A 88 -48.29 -10.62 19.73
CA ASN A 88 -47.26 -11.51 19.18
C ASN A 88 -46.27 -11.95 20.26
N ALA A 89 -45.64 -10.95 20.90
CA ALA A 89 -44.62 -11.21 21.92
C ALA A 89 -45.21 -11.91 23.13
N ALA A 90 -46.24 -11.29 23.72
CA ALA A 90 -46.98 -11.90 24.81
C ALA A 90 -47.14 -13.41 24.58
N LEU A 91 -47.82 -13.76 23.50
CA LEU A 91 -47.99 -15.15 23.11
C LEU A 91 -46.66 -15.90 23.04
N LYS A 92 -45.66 -15.30 22.38
CA LYS A 92 -44.33 -15.95 22.22
C LYS A 92 -43.67 -16.27 23.57
N PHE A 93 -44.07 -15.55 24.62
CA PHE A 93 -43.72 -15.90 25.99
C PHE A 93 -44.98 -16.23 26.79
N GLY A 94 -45.93 -16.89 26.14
CA GLY A 94 -47.20 -17.30 26.76
C GLY A 94 -47.82 -16.41 27.82
N VAL A 95 -47.59 -15.10 27.75
CA VAL A 95 -48.15 -14.13 28.71
C VAL A 95 -49.43 -13.51 28.16
N HIS A 96 -50.41 -13.31 29.04
CA HIS A 96 -51.62 -12.58 28.66
C HIS A 96 -51.23 -11.12 28.39
N PRO A 97 -51.76 -10.52 27.29
CA PRO A 97 -51.31 -9.22 26.78
C PRO A 97 -51.40 -8.06 27.77
N LYS A 98 -52.53 -7.93 28.45
CA LYS A 98 -52.70 -6.86 29.44
C LYS A 98 -51.54 -6.91 30.43
N ASP A 99 -51.31 -8.09 31.02
CA ASP A 99 -50.25 -8.27 32.02
C ASP A 99 -48.87 -7.91 31.47
N TRP A 100 -48.62 -8.33 30.22
CA TRP A 100 -47.36 -8.05 29.53
C TRP A 100 -47.27 -6.56 29.22
N THR A 101 -48.29 -6.04 28.54
CA THR A 101 -48.31 -4.65 28.10
C THR A 101 -48.21 -3.64 29.24
N TYR A 102 -49.03 -3.77 30.26
CA TYR A 102 -48.93 -2.86 31.41
C TYR A 102 -47.64 -3.12 32.18
N ALA A 103 -46.86 -4.13 31.77
CA ALA A 103 -45.60 -4.44 32.41
C ALA A 103 -44.42 -3.87 31.64
N ASN A 104 -44.39 -4.14 30.34
CA ASN A 104 -43.35 -3.59 29.44
C ASN A 104 -43.35 -2.06 29.47
N ILE A 105 -44.51 -1.48 29.68
CA ILE A 105 -44.65 -0.05 29.95
C ILE A 105 -43.83 0.36 31.17
N ARG A 106 -44.28 -0.06 32.35
CA ARG A 106 -43.59 0.25 33.60
C ARG A 106 -42.09 0.32 33.38
N GLN A 107 -41.53 -0.74 32.79
CA GLN A 107 -40.08 -0.83 32.55
C GLN A 107 -39.61 0.28 31.63
N ALA A 108 -40.33 0.49 30.54
CA ALA A 108 -40.04 1.56 29.59
C ALA A 108 -39.91 2.91 30.30
N LYS A 109 -41.00 3.40 30.87
CA LYS A 109 -40.99 4.64 31.65
C LYS A 109 -39.74 4.73 32.51
N GLU A 110 -39.38 3.64 33.19
CA GLU A 110 -38.29 3.65 34.16
C GLU A 110 -36.94 3.83 33.50
N SER A 111 -36.76 3.21 32.34
CA SER A 111 -35.61 3.49 31.52
C SER A 111 -35.61 4.97 31.16
N LEU A 112 -36.57 5.39 30.35
CA LEU A 112 -36.62 6.77 29.89
C LEU A 112 -36.27 7.76 31.00
N ARG A 113 -36.99 7.69 32.11
CA ARG A 113 -36.68 8.53 33.27
C ARG A 113 -35.19 8.47 33.62
N LEU A 114 -34.68 7.26 33.79
CA LEU A 114 -33.30 7.03 34.25
C LEU A 114 -32.27 7.79 33.46
N MET A 115 -32.42 7.76 32.15
CA MET A 115 -31.53 8.48 31.24
C MET A 115 -31.53 10.01 31.42
N GLY A 116 -32.59 10.55 32.01
CA GLY A 116 -32.73 11.99 32.16
C GLY A 116 -33.73 12.54 31.18
N ILE A 117 -34.40 11.66 30.43
CA ILE A 117 -35.46 12.09 29.53
C ILE A 117 -36.65 12.59 30.35
N LEU A 118 -37.28 13.66 29.87
CA LEU A 118 -38.49 14.23 30.47
C LEU A 118 -39.64 14.33 29.47
N TYR A 119 -40.84 14.03 29.97
CA TYR A 119 -42.06 14.24 29.20
C TYR A 119 -43.10 14.88 30.09
N ASP A 120 -44.24 15.20 29.50
CA ASP A 120 -45.43 15.57 30.26
C ASP A 120 -46.27 14.31 30.41
N TRP A 121 -46.07 13.64 31.53
CA TRP A 121 -46.64 12.33 31.79
C TRP A 121 -48.12 12.40 32.11
N ASP A 122 -48.59 13.60 32.41
CA ASP A 122 -50.03 13.88 32.48
C ASP A 122 -50.73 13.75 31.10
N ARG A 123 -49.99 13.41 30.05
CA ARG A 123 -50.59 13.14 28.76
C ARG A 123 -50.48 11.69 28.30
N GLU A 124 -49.93 10.83 29.16
CA GLU A 124 -49.72 9.41 28.83
C GLU A 124 -50.96 8.79 28.18
N VAL A 125 -50.73 7.96 27.17
CA VAL A 125 -51.76 7.45 26.28
C VAL A 125 -51.52 5.96 26.07
N THR A 126 -52.38 5.09 26.57
CA THR A 126 -52.15 3.66 26.38
C THR A 126 -53.16 3.14 25.34
N THR A 127 -52.76 3.07 24.08
CA THR A 127 -53.71 2.88 22.99
C THR A 127 -54.68 1.76 23.31
N CYS A 128 -54.20 0.69 23.95
CA CYS A 128 -55.02 -0.50 24.17
C CYS A 128 -56.21 -0.24 25.07
N GLU A 129 -56.15 0.83 25.87
CA GLU A 129 -57.25 1.20 26.77
C GLU A 129 -58.59 1.43 26.06
N PRO A 130 -59.72 1.18 26.75
CA PRO A 130 -60.98 1.59 26.15
C PRO A 130 -61.07 3.11 26.09
N GLU A 131 -60.61 3.75 27.15
CA GLU A 131 -60.52 5.22 27.24
C GLU A 131 -60.15 5.84 25.91
N TYR A 132 -59.21 5.20 25.24
CA TYR A 132 -58.71 5.65 23.95
C TYR A 132 -59.50 4.99 22.79
N TYR A 133 -59.27 3.70 22.54
CA TYR A 133 -59.79 3.06 21.33
C TYR A 133 -61.26 3.34 21.04
N ARG A 134 -61.98 3.87 22.04
CA ARG A 134 -63.35 4.30 21.83
C ARG A 134 -63.38 5.18 20.59
N TRP A 135 -62.37 6.04 20.48
CA TRP A 135 -62.27 7.02 19.40
C TRP A 135 -61.82 6.38 18.10
N ASN A 136 -60.77 5.58 18.15
CA ASN A 136 -60.39 4.73 17.01
C ASN A 136 -61.62 4.17 16.27
N GLN A 137 -62.75 4.07 16.98
CA GLN A 137 -64.01 3.57 16.43
C GLN A 137 -64.83 4.75 16.00
N TRP A 138 -64.96 5.72 16.90
CA TRP A 138 -65.60 6.98 16.58
C TRP A 138 -65.11 7.46 15.21
N ILE A 139 -63.81 7.38 14.99
CA ILE A 139 -63.26 7.65 13.69
C ILE A 139 -63.91 6.71 12.67
N PHE A 140 -63.73 5.41 12.84
CA PHE A 140 -64.28 4.41 11.88
C PHE A 140 -65.69 4.70 11.41
N LEU A 141 -66.57 5.08 12.35
CA LEU A 141 -67.94 5.39 12.00
C LEU A 141 -67.93 6.63 11.11
N LYS A 142 -67.47 7.77 11.65
CA LYS A 142 -67.33 9.01 10.85
C LYS A 142 -66.74 8.72 9.47
N MET A 143 -65.88 7.70 9.41
CA MET A 143 -65.34 7.22 8.16
C MET A 143 -66.36 6.43 7.33
N TRP A 144 -67.18 5.60 7.98
CA TRP A 144 -68.22 4.82 7.29
C TRP A 144 -69.29 5.70 6.63
N GLU A 145 -69.78 6.68 7.39
CA GLU A 145 -70.88 7.53 6.95
C GLU A 145 -70.45 8.46 5.80
N LYS A 146 -69.13 8.64 5.63
CA LYS A 146 -68.59 9.41 4.52
C LYS A 146 -68.07 8.52 3.37
N GLY A 147 -68.55 7.28 3.35
CA GLY A 147 -68.31 6.37 2.24
C GLY A 147 -66.93 5.74 2.24
N LEU A 148 -66.11 6.06 3.24
CA LEU A 148 -64.68 5.74 3.18
C LEU A 148 -64.27 4.48 3.95
N ALA A 149 -65.17 3.92 4.74
CA ALA A 149 -64.97 2.59 5.35
C ALA A 149 -65.93 1.58 4.69
N TYR A 150 -65.43 0.41 4.28
CA TYR A 150 -66.30 -0.56 3.63
C TYR A 150 -65.77 -1.98 3.66
N ARG A 151 -66.65 -2.91 3.30
CA ARG A 151 -66.28 -4.30 3.09
C ARG A 151 -66.23 -4.64 1.59
N ALA A 152 -65.58 -5.74 1.27
CA ALA A 152 -65.42 -6.17 -0.11
C ALA A 152 -64.64 -7.49 -0.16
N LYS A 153 -64.92 -8.31 -1.19
CA LYS A 153 -64.31 -9.63 -1.34
C LYS A 153 -62.79 -9.53 -1.63
N GLY A 154 -62.30 -10.28 -2.61
CA GLY A 154 -60.93 -10.12 -3.10
C GLY A 154 -59.83 -10.93 -2.39
N LEU A 155 -58.61 -10.76 -2.90
CA LEU A 155 -57.42 -11.47 -2.43
C LEU A 155 -56.70 -10.69 -1.35
N VAL A 156 -56.85 -11.15 -0.13
CA VAL A 156 -56.11 -10.63 1.01
C VAL A 156 -54.78 -11.39 1.10
N ASN A 157 -53.82 -10.82 1.82
CA ASN A 157 -52.56 -11.49 2.11
C ASN A 157 -52.69 -12.29 3.40
N TRP A 158 -51.96 -13.40 3.51
CA TRP A 158 -51.99 -14.20 4.73
C TRP A 158 -50.62 -14.46 5.35
N CYS A 159 -50.51 -14.18 6.64
CA CYS A 159 -49.32 -14.45 7.44
C CYS A 159 -49.65 -15.64 8.36
N PRO A 160 -49.05 -16.83 8.08
CA PRO A 160 -49.27 -17.96 8.98
C PRO A 160 -48.67 -17.79 10.39
N LYS A 161 -47.53 -17.09 10.51
CA LYS A 161 -46.99 -16.81 11.85
C LYS A 161 -48.03 -16.05 12.68
N CYS A 162 -48.59 -15.01 12.08
CA CYS A 162 -49.57 -14.15 12.74
C CYS A 162 -51.00 -14.74 12.69
N GLN A 163 -51.20 -15.76 11.84
CA GLN A 163 -52.51 -16.38 11.60
C GLN A 163 -53.61 -15.36 11.33
N THR A 164 -53.31 -14.42 10.43
CA THR A 164 -54.18 -13.30 10.10
C THR A 164 -53.81 -12.72 8.74
N VAL A 165 -54.50 -11.65 8.33
CA VAL A 165 -54.12 -10.92 7.12
C VAL A 165 -53.44 -9.62 7.48
N LEU A 166 -52.76 -9.06 6.48
CA LEU A 166 -52.03 -7.81 6.60
C LEU A 166 -52.40 -6.92 5.40
N ALA A 167 -52.20 -5.60 5.53
CA ALA A 167 -52.38 -4.70 4.38
C ALA A 167 -51.15 -4.78 3.49
N ASN A 168 -51.26 -4.23 2.28
CA ASN A 168 -50.17 -4.35 1.29
C ASN A 168 -48.87 -3.70 1.76
N GLU A 169 -48.99 -2.66 2.57
CA GLU A 169 -47.84 -1.90 3.07
C GLU A 169 -47.10 -2.61 4.22
N GLN A 170 -47.64 -3.74 4.69
CA GLN A 170 -46.95 -4.58 5.67
C GLN A 170 -46.25 -5.77 4.99
N VAL A 171 -46.33 -5.86 3.66
CA VAL A 171 -45.65 -6.92 2.90
C VAL A 171 -44.38 -6.37 2.19
N VAL A 172 -43.27 -6.34 2.95
CA VAL A 172 -41.98 -5.81 2.48
C VAL A 172 -41.08 -6.95 1.98
N GLU A 173 -40.33 -6.70 0.91
CA GLU A 173 -39.58 -7.73 0.17
C GLU A 173 -40.50 -8.80 -0.46
N GLY A 174 -41.75 -8.87 0.01
CA GLY A 174 -42.63 -10.02 -0.22
C GLY A 174 -42.77 -10.90 1.01
N ARG A 175 -42.63 -10.29 2.19
CA ARG A 175 -42.58 -11.03 3.46
C ARG A 175 -43.16 -10.19 4.59
N CYS A 176 -43.83 -10.85 5.53
CA CYS A 176 -44.35 -10.23 6.77
C CYS A 176 -43.39 -9.12 7.28
N TRP A 177 -43.98 -8.02 7.76
CA TRP A 177 -43.19 -6.86 8.23
C TRP A 177 -42.33 -7.11 9.46
N ARG A 178 -42.89 -7.82 10.44
CA ARG A 178 -42.20 -8.06 11.71
C ARG A 178 -41.52 -9.45 11.73
N HIS A 179 -41.70 -10.21 10.66
CA HIS A 179 -41.06 -11.53 10.51
C HIS A 179 -40.32 -11.58 9.17
N GLU A 180 -39.07 -11.10 9.18
CA GLU A 180 -38.30 -10.93 7.94
C GLU A 180 -37.75 -12.26 7.47
N ASP A 181 -38.66 -13.22 7.31
CA ASP A 181 -38.35 -14.61 7.01
C ASP A 181 -39.61 -15.29 6.47
N THR A 182 -40.72 -15.11 7.18
CA THR A 182 -42.00 -15.74 6.85
C THR A 182 -42.63 -15.03 5.67
N PRO A 183 -42.82 -15.75 4.55
CA PRO A 183 -43.41 -15.14 3.37
C PRO A 183 -44.92 -15.14 3.50
N VAL A 184 -45.58 -14.29 2.73
CA VAL A 184 -47.03 -14.18 2.81
C VAL A 184 -47.71 -14.85 1.63
N GLU A 185 -48.81 -15.55 1.93
CA GLU A 185 -49.65 -16.22 0.93
C GLU A 185 -50.91 -15.40 0.69
N LYS A 186 -51.63 -15.72 -0.38
CA LYS A 186 -52.84 -14.99 -0.73
C LYS A 186 -54.07 -15.81 -0.39
N ARG A 187 -55.13 -15.15 0.07
CA ARG A 187 -56.40 -15.83 0.39
C ARG A 187 -57.65 -14.99 0.04
N GLU A 188 -58.74 -15.67 -0.32
CA GLU A 188 -59.98 -15.02 -0.78
C GLU A 188 -60.87 -14.66 0.40
N LEU A 189 -61.00 -13.36 0.70
CA LEU A 189 -61.71 -12.93 1.91
C LEU A 189 -62.46 -11.59 1.81
N GLU A 190 -63.75 -11.64 2.13
CA GLU A 190 -64.56 -10.46 2.41
C GLU A 190 -64.00 -9.82 3.68
N GLN A 191 -63.46 -8.62 3.57
CA GLN A 191 -62.75 -7.96 4.68
C GLN A 191 -63.01 -6.46 4.68
N TRP A 192 -62.65 -5.81 5.78
CA TRP A 192 -62.88 -4.37 5.92
C TRP A 192 -61.72 -3.56 5.37
N TYR A 193 -62.04 -2.51 4.62
CA TYR A 193 -61.02 -1.59 4.08
C TYR A 193 -61.33 -0.13 4.40
N LEU A 194 -60.30 0.72 4.34
CA LEU A 194 -60.48 2.17 4.42
C LEU A 194 -60.06 2.81 3.10
N ARG A 195 -60.98 3.54 2.48
CA ARG A 195 -60.84 4.01 1.09
C ARG A 195 -59.84 5.14 0.94
N ILE A 196 -58.56 4.79 0.89
CA ILE A 196 -57.48 5.77 0.98
C ILE A 196 -57.13 6.34 -0.40
N THR A 197 -57.52 5.62 -1.44
CA THR A 197 -57.33 6.09 -2.82
C THR A 197 -58.17 7.34 -3.15
N ALA A 198 -59.20 7.62 -2.34
CA ALA A 198 -59.98 8.85 -2.49
C ALA A 198 -59.14 10.08 -2.17
N TYR A 199 -57.93 9.88 -1.64
CA TYR A 199 -57.02 10.97 -1.31
C TYR A 199 -55.69 10.97 -2.11
N ALA A 200 -55.59 10.14 -3.15
CA ALA A 200 -54.29 9.87 -3.79
C ALA A 200 -53.60 11.14 -4.25
N GLU A 201 -54.31 11.95 -5.02
CA GLU A 201 -53.76 13.20 -5.52
C GLU A 201 -53.34 14.15 -4.41
N ARG A 202 -54.20 14.29 -3.40
CA ARG A 202 -53.91 15.13 -2.23
C ARG A 202 -52.70 14.63 -1.48
N LEU A 203 -52.68 13.34 -1.17
CA LEU A 203 -51.53 12.74 -0.51
C LEU A 203 -50.25 12.98 -1.29
N LEU A 204 -50.37 13.06 -2.60
CA LEU A 204 -49.23 13.26 -3.45
C LEU A 204 -48.90 14.74 -3.63
N LYS A 205 -49.91 15.58 -3.83
CA LYS A 205 -49.65 16.96 -4.22
C LYS A 205 -49.27 17.80 -3.02
N ASP A 206 -49.68 17.37 -1.83
CA ASP A 206 -49.34 18.07 -0.60
C ASP A 206 -47.90 17.78 -0.12
N LEU A 207 -47.26 16.75 -0.68
CA LEU A 207 -45.85 16.43 -0.35
C LEU A 207 -44.90 17.54 -0.78
N GLU A 208 -45.24 18.20 -1.89
CA GLU A 208 -44.39 19.20 -2.56
C GLU A 208 -43.74 20.22 -1.61
N GLY A 209 -44.56 20.88 -0.82
CA GLY A 209 -44.06 21.88 0.13
C GLY A 209 -43.45 21.31 1.40
N LEU A 210 -43.82 20.07 1.72
CA LEU A 210 -43.41 19.38 2.94
C LEU A 210 -41.89 19.27 3.09
N ASN A 211 -41.33 19.88 4.14
CA ASN A 211 -39.90 19.71 4.42
C ASN A 211 -39.59 18.41 5.20
N TRP A 212 -39.51 17.33 4.43
CA TRP A 212 -39.14 16.00 4.91
C TRP A 212 -37.83 15.61 4.22
N PRO A 213 -37.17 14.54 4.68
CA PRO A 213 -36.02 14.03 3.97
C PRO A 213 -36.44 13.56 2.60
N GLU A 214 -35.73 14.00 1.57
CA GLU A 214 -36.06 13.65 0.18
C GLU A 214 -36.33 12.17 -0.04
N LYS A 215 -35.75 11.33 0.81
CA LYS A 215 -35.90 9.87 0.77
C LYS A 215 -37.30 9.37 1.14
N VAL A 216 -37.93 9.94 2.16
CA VAL A 216 -39.28 9.49 2.53
C VAL A 216 -40.26 10.00 1.50
N LYS A 217 -40.11 11.26 1.09
CA LYS A 217 -40.92 11.84 0.01
C LYS A 217 -40.84 10.98 -1.25
N ALA A 218 -39.61 10.72 -1.71
CA ALA A 218 -39.37 9.98 -2.94
C ALA A 218 -40.01 8.59 -2.90
N MET A 219 -40.02 7.94 -1.74
CA MET A 219 -40.66 6.63 -1.58
C MET A 219 -42.19 6.73 -1.63
N GLN A 220 -42.73 7.82 -1.09
CA GLN A 220 -44.18 8.03 -1.03
C GLN A 220 -44.74 8.52 -2.35
N ARG A 221 -43.92 9.18 -3.15
CA ARG A 221 -44.35 9.58 -4.49
C ARG A 221 -44.58 8.35 -5.35
N ALA A 222 -43.59 7.45 -5.32
CA ALA A 222 -43.61 6.28 -6.18
C ALA A 222 -44.57 5.20 -5.71
N TRP A 223 -44.79 5.10 -4.39
CA TRP A 223 -45.70 4.09 -3.82
C TRP A 223 -47.17 4.41 -4.04
N ILE A 224 -47.52 5.68 -3.86
CA ILE A 224 -48.87 6.17 -4.14
C ILE A 224 -49.11 5.99 -5.61
N GLY A 225 -48.21 6.56 -6.40
CA GLY A 225 -48.00 6.13 -7.77
C GLY A 225 -49.00 6.64 -8.79
N ARG A 226 -48.83 7.91 -9.17
CA ARG A 226 -49.59 8.50 -10.26
C ARG A 226 -49.24 7.82 -11.59
N SER A 227 -50.22 7.80 -12.48
CA SER A 227 -50.02 7.46 -13.88
C SER A 227 -51.16 8.07 -14.71
N GLU A 228 -50.83 9.00 -15.60
CA GLU A 228 -51.82 9.55 -16.51
C GLU A 228 -52.04 8.51 -17.59
N GLY A 229 -53.23 8.48 -18.17
CA GLY A 229 -53.54 7.43 -19.15
C GLY A 229 -54.96 7.50 -19.65
N ALA A 230 -55.50 6.36 -20.08
CA ALA A 230 -56.86 6.33 -20.63
C ALA A 230 -57.54 4.96 -20.55
N GLU A 231 -58.78 4.95 -20.08
CA GLU A 231 -59.57 3.74 -19.95
C GLU A 231 -60.29 3.44 -21.25
N ILE A 232 -59.76 2.51 -22.06
CA ILE A 232 -60.44 2.06 -23.29
C ILE A 232 -61.32 0.83 -23.02
N LEU A 233 -62.39 0.70 -23.80
CA LEU A 233 -63.40 -0.36 -23.58
C LEU A 233 -63.56 -1.31 -24.78
N PHE A 234 -63.28 -2.59 -24.54
CA PHE A 234 -63.38 -3.63 -25.56
C PHE A 234 -64.64 -4.44 -25.32
N PRO A 235 -65.61 -4.36 -26.24
CA PRO A 235 -66.74 -5.29 -26.25
C PRO A 235 -66.31 -6.75 -26.39
N VAL A 236 -66.96 -7.63 -25.65
CA VAL A 236 -66.70 -9.08 -25.77
C VAL A 236 -67.66 -9.68 -26.81
N GLU A 237 -67.18 -10.69 -27.56
CA GLU A 237 -67.87 -11.18 -28.77
C GLU A 237 -69.33 -11.63 -28.52
N GLY A 238 -70.27 -10.84 -29.04
CA GLY A 238 -71.70 -11.11 -28.88
C GLY A 238 -72.21 -10.65 -27.53
N LYS A 239 -71.48 -11.03 -26.48
CA LYS A 239 -71.83 -10.68 -25.11
C LYS A 239 -72.06 -9.18 -24.92
N GLU A 240 -73.08 -8.88 -24.12
CA GLU A 240 -73.45 -7.52 -23.70
C GLU A 240 -72.42 -6.84 -22.76
N VAL A 241 -71.51 -7.61 -22.16
CA VAL A 241 -70.41 -7.07 -21.34
C VAL A 241 -69.40 -6.29 -22.17
N ARG A 242 -68.67 -5.38 -21.52
CA ARG A 242 -67.51 -4.71 -22.14
C ARG A 242 -66.31 -4.73 -21.18
N ILE A 243 -65.11 -4.62 -21.75
CA ILE A 243 -63.87 -4.82 -20.99
C ILE A 243 -63.01 -3.55 -20.94
N PRO A 244 -62.79 -3.00 -19.72
CA PRO A 244 -62.02 -1.78 -19.59
C PRO A 244 -60.54 -2.08 -19.37
N VAL A 245 -59.65 -1.29 -19.99
CA VAL A 245 -58.22 -1.49 -19.87
C VAL A 245 -57.45 -0.17 -19.79
N PHE A 246 -56.64 -0.02 -18.77
CA PHE A 246 -55.81 1.17 -18.62
C PHE A 246 -54.62 1.09 -19.57
N THR A 247 -54.40 2.17 -20.31
CA THR A 247 -53.25 2.30 -21.20
C THR A 247 -52.68 3.70 -21.09
N THR A 248 -51.37 3.77 -20.95
CA THR A 248 -50.61 5.02 -21.06
C THR A 248 -50.18 5.32 -22.51
N ARG A 249 -50.55 4.42 -23.42
CA ARG A 249 -50.30 4.61 -24.84
C ARG A 249 -51.53 4.23 -25.63
N PRO A 250 -52.61 5.00 -25.43
CA PRO A 250 -53.81 4.85 -26.25
C PRO A 250 -53.58 5.11 -27.74
N ASP A 251 -52.49 5.80 -28.06
CA ASP A 251 -52.00 5.97 -29.44
C ASP A 251 -51.52 4.68 -30.14
N THR A 252 -51.75 3.53 -29.51
CA THR A 252 -51.42 2.24 -30.11
C THR A 252 -52.65 1.40 -30.44
N LEU A 253 -53.83 1.81 -29.94
CA LEU A 253 -55.08 1.02 -30.00
C LEU A 253 -55.21 0.12 -31.24
N PHE A 254 -54.77 0.63 -32.37
CA PHE A 254 -54.81 -0.11 -33.61
C PHE A 254 -53.82 -1.28 -33.55
N GLY A 255 -52.67 -1.05 -32.92
CA GLY A 255 -51.68 -2.11 -32.66
C GLY A 255 -52.14 -3.19 -31.68
N ALA A 256 -53.26 -2.96 -31.02
CA ALA A 256 -53.88 -4.01 -30.23
C ALA A 256 -54.14 -5.22 -31.12
N THR A 257 -53.56 -6.35 -30.71
CA THR A 257 -53.84 -7.64 -31.34
C THR A 257 -54.45 -8.65 -30.37
N PHE A 258 -54.43 -8.36 -29.06
CA PHE A 258 -55.16 -9.16 -28.08
C PHE A 258 -55.26 -8.49 -26.71
N LEU A 259 -56.02 -9.14 -25.81
CA LEU A 259 -56.18 -8.68 -24.44
C LEU A 259 -55.72 -9.76 -23.43
N VAL A 260 -55.35 -9.31 -22.23
CA VAL A 260 -54.88 -10.20 -21.16
C VAL A 260 -55.50 -9.76 -19.84
N LEU A 261 -56.43 -10.56 -19.33
CA LEU A 261 -57.04 -10.29 -18.03
C LEU A 261 -56.21 -10.94 -16.96
N ALA A 262 -56.12 -10.29 -15.81
CA ALA A 262 -55.31 -10.78 -14.70
C ALA A 262 -56.01 -11.97 -14.01
N PRO A 263 -55.27 -13.09 -13.79
CA PRO A 263 -55.75 -14.40 -13.35
C PRO A 263 -57.06 -14.42 -12.57
N GLU A 264 -57.15 -13.52 -11.57
CA GLU A 264 -58.30 -13.49 -10.67
C GLU A 264 -59.31 -12.42 -11.09
N HIS A 265 -59.35 -12.13 -12.38
CA HIS A 265 -60.39 -11.27 -12.91
C HIS A 265 -61.70 -12.05 -12.85
N PRO A 266 -62.77 -11.41 -12.37
CA PRO A 266 -64.10 -12.02 -12.44
C PRO A 266 -64.39 -12.60 -13.82
N LEU A 267 -64.01 -11.86 -14.87
CA LEU A 267 -64.26 -12.23 -16.27
C LEU A 267 -63.35 -13.31 -16.81
N THR A 268 -62.28 -13.64 -16.10
CA THR A 268 -61.43 -14.76 -16.49
C THR A 268 -62.25 -16.04 -16.61
N LEU A 269 -62.77 -16.55 -15.49
CA LEU A 269 -63.55 -17.79 -15.52
C LEU A 269 -64.96 -17.61 -16.08
N GLU A 270 -65.53 -16.43 -15.90
CA GLU A 270 -66.89 -16.17 -16.38
C GLU A 270 -67.00 -16.21 -17.90
N LEU A 271 -65.90 -15.92 -18.61
CA LEU A 271 -65.84 -16.02 -20.08
C LEU A 271 -65.22 -17.33 -20.57
N ALA A 272 -64.45 -17.97 -19.70
CA ALA A 272 -63.73 -19.21 -20.04
C ALA A 272 -64.58 -20.18 -20.84
N ALA A 273 -64.17 -20.42 -22.09
CA ALA A 273 -64.88 -21.35 -22.97
C ALA A 273 -64.83 -22.76 -22.37
N PRO A 274 -65.96 -23.51 -22.44
CA PRO A 274 -66.05 -24.75 -21.66
C PRO A 274 -65.02 -25.82 -22.04
N GLU A 275 -64.37 -25.67 -23.20
CA GLU A 275 -63.24 -26.52 -23.57
C GLU A 275 -62.01 -26.10 -22.77
N LYS A 276 -61.66 -24.82 -22.86
CA LYS A 276 -60.47 -24.26 -22.19
C LYS A 276 -60.71 -23.93 -20.72
N ARG A 277 -61.98 -24.00 -20.29
CA ARG A 277 -62.37 -23.81 -18.89
C ARG A 277 -61.58 -24.68 -17.92
N GLU A 278 -61.22 -25.89 -18.34
CA GLU A 278 -60.45 -26.78 -17.49
C GLU A 278 -59.04 -26.22 -17.30
N GLU A 279 -58.35 -25.88 -18.40
CA GLU A 279 -56.99 -25.37 -18.33
C GLU A 279 -56.91 -24.02 -17.59
N VAL A 280 -57.95 -23.21 -17.75
CA VAL A 280 -58.01 -21.88 -17.13
C VAL A 280 -58.22 -21.95 -15.62
N LEU A 281 -59.04 -22.91 -15.20
CA LEU A 281 -59.30 -23.15 -13.77
C LEU A 281 -58.05 -23.61 -13.03
N ALA A 282 -57.18 -24.34 -13.71
CA ALA A 282 -55.93 -24.83 -13.13
C ALA A 282 -54.94 -23.69 -12.92
N TYR A 283 -54.95 -22.74 -13.86
CA TYR A 283 -54.00 -21.62 -13.85
C TYR A 283 -54.27 -20.60 -12.73
N VAL A 284 -55.52 -20.53 -12.27
CA VAL A 284 -55.89 -19.69 -11.12
C VAL A 284 -55.36 -20.31 -9.81
N GLU A 285 -55.81 -21.53 -9.51
CA GLU A 285 -55.31 -22.31 -8.36
C GLU A 285 -53.78 -22.41 -8.37
N ALA A 286 -53.17 -22.25 -9.54
CA ALA A 286 -51.73 -22.10 -9.66
C ALA A 286 -51.29 -20.70 -9.24
N ALA A 287 -51.92 -19.69 -9.83
CA ALA A 287 -51.58 -18.28 -9.54
C ALA A 287 -51.75 -17.95 -8.07
N LYS A 288 -52.98 -18.12 -7.58
CA LYS A 288 -53.31 -17.87 -6.18
C LYS A 288 -52.23 -18.42 -5.25
N ARG A 289 -51.96 -19.72 -5.37
CA ARG A 289 -51.07 -20.42 -4.44
C ARG A 289 -49.62 -19.92 -4.49
N LYS A 290 -49.17 -19.50 -5.67
CA LYS A 290 -47.80 -19.03 -5.87
C LYS A 290 -47.58 -17.65 -5.22
N THR A 291 -46.50 -17.50 -4.43
CA THR A 291 -46.28 -16.30 -3.61
C THR A 291 -45.32 -15.28 -4.23
N GLU A 292 -45.22 -14.11 -3.60
CA GLU A 292 -44.38 -13.00 -4.06
C GLU A 292 -42.85 -13.26 -4.01
N ILE A 293 -42.45 -14.28 -3.25
CA ILE A 293 -41.08 -14.77 -3.28
C ILE A 293 -40.79 -15.53 -4.57
N GLU A 294 -41.69 -16.44 -4.91
CA GLU A 294 -41.50 -17.36 -6.04
C GLU A 294 -41.73 -16.70 -7.41
N ARG A 295 -42.55 -15.64 -7.43
CA ARG A 295 -42.80 -14.84 -8.65
C ARG A 295 -41.50 -14.27 -9.22
N GLN A 296 -40.59 -13.90 -8.33
CA GLN A 296 -39.27 -13.34 -8.69
C GLN A 296 -38.21 -14.45 -8.85
N ALA A 297 -38.42 -15.58 -8.19
CA ALA A 297 -37.63 -16.80 -8.43
C ALA A 297 -37.80 -17.25 -9.89
N GLU A 298 -39.05 -17.28 -10.35
CA GLU A 298 -39.36 -17.60 -11.76
C GLU A 298 -38.59 -16.72 -12.75
N GLY A 299 -38.43 -15.44 -12.39
CA GLY A 299 -37.86 -14.45 -13.30
C GLY A 299 -38.97 -13.81 -14.10
N ARG A 300 -38.60 -12.99 -15.08
CA ARG A 300 -39.58 -12.33 -15.96
C ARG A 300 -39.92 -13.24 -17.17
N GLU A 301 -40.35 -14.47 -16.88
CA GLU A 301 -40.72 -15.44 -17.91
C GLU A 301 -42.23 -15.44 -18.11
N LYS A 302 -42.63 -15.30 -19.36
CA LYS A 302 -44.04 -15.22 -19.71
C LYS A 302 -44.70 -16.58 -19.63
N THR A 303 -45.97 -16.59 -19.21
CA THR A 303 -46.69 -17.82 -18.97
C THR A 303 -48.18 -17.53 -18.93
N GLY A 304 -48.98 -18.27 -19.69
CA GLY A 304 -50.43 -18.03 -19.71
C GLY A 304 -51.31 -19.10 -20.34
N VAL A 305 -52.55 -18.72 -20.63
CA VAL A 305 -53.54 -19.60 -21.22
C VAL A 305 -54.38 -18.78 -22.20
N PHE A 306 -54.96 -19.44 -23.18
CA PHE A 306 -55.98 -18.80 -24.01
C PHE A 306 -57.37 -19.17 -23.48
N LEU A 307 -58.16 -18.16 -23.13
CA LEU A 307 -59.50 -18.32 -22.52
C LEU A 307 -60.51 -19.04 -23.41
N GLY A 308 -60.48 -18.72 -24.70
CA GLY A 308 -61.47 -19.21 -25.65
C GLY A 308 -62.64 -18.26 -25.80
N ALA A 309 -62.34 -16.96 -25.81
CA ALA A 309 -63.33 -15.95 -26.11
C ALA A 309 -62.72 -15.08 -27.18
N TYR A 310 -63.26 -13.88 -27.36
CA TYR A 310 -62.75 -12.95 -28.34
C TYR A 310 -63.03 -11.55 -27.84
N ALA A 311 -62.79 -10.53 -28.64
CA ALA A 311 -63.09 -9.16 -28.25
C ALA A 311 -62.94 -8.29 -29.48
N LEU A 312 -63.83 -7.32 -29.62
CA LEU A 312 -63.78 -6.44 -30.78
C LEU A 312 -62.81 -5.31 -30.48
N ASN A 313 -62.08 -4.87 -31.50
CA ASN A 313 -61.19 -3.71 -31.37
C ASN A 313 -61.98 -2.43 -31.62
N PRO A 314 -62.25 -1.65 -30.57
CA PRO A 314 -62.86 -0.36 -30.80
C PRO A 314 -62.47 0.28 -32.13
N ALA A 315 -61.17 0.44 -32.36
CA ALA A 315 -60.67 1.13 -33.55
C ALA A 315 -60.94 0.38 -34.85
N THR A 316 -60.13 -0.63 -35.16
CA THR A 316 -60.24 -1.35 -36.44
C THR A 316 -61.61 -2.03 -36.59
N GLY A 317 -62.16 -2.47 -35.46
CA GLY A 317 -63.47 -3.09 -35.44
C GLY A 317 -63.39 -4.51 -35.93
N GLU A 318 -62.46 -5.27 -35.38
CA GLU A 318 -62.40 -6.71 -35.64
C GLU A 318 -62.14 -7.53 -34.37
N ARG A 319 -62.21 -8.84 -34.51
CA ARG A 319 -62.06 -9.76 -33.37
C ARG A 319 -60.60 -9.91 -32.93
N ILE A 320 -60.40 -10.36 -31.69
CA ILE A 320 -59.07 -10.80 -31.19
C ILE A 320 -59.18 -11.63 -29.93
N PRO A 321 -58.28 -12.61 -29.76
CA PRO A 321 -58.34 -13.51 -28.62
C PRO A 321 -58.10 -12.79 -27.30
N ILE A 322 -58.50 -13.44 -26.21
CA ILE A 322 -58.33 -12.90 -24.87
C ILE A 322 -57.62 -13.92 -24.02
N TRP A 323 -56.54 -13.52 -23.38
CA TRP A 323 -55.66 -14.45 -22.65
C TRP A 323 -55.70 -14.21 -21.14
N THR A 324 -55.05 -15.07 -20.35
CA THR A 324 -54.96 -14.85 -18.90
C THR A 324 -53.54 -15.05 -18.36
N ALA A 325 -52.64 -14.19 -18.82
CA ALA A 325 -51.27 -14.18 -18.34
C ALA A 325 -51.21 -13.52 -16.96
N ASP A 326 -50.31 -14.01 -16.10
CA ASP A 326 -50.15 -13.50 -14.71
C ASP A 326 -49.30 -12.22 -14.63
N TYR A 327 -48.69 -11.85 -15.77
CA TYR A 327 -47.90 -10.63 -15.85
C TYR A 327 -48.77 -9.37 -15.92
N VAL A 328 -50.09 -9.53 -15.91
CA VAL A 328 -50.97 -8.41 -15.63
C VAL A 328 -51.46 -8.58 -14.19
N LEU A 329 -51.43 -7.49 -13.42
CA LEU A 329 -51.83 -7.51 -12.02
C LEU A 329 -53.28 -7.07 -11.87
N PHE A 330 -54.00 -7.62 -10.88
CA PHE A 330 -55.42 -7.28 -10.69
C PHE A 330 -55.65 -6.18 -9.66
N GLY A 331 -54.73 -6.05 -8.70
CA GLY A 331 -54.76 -4.95 -7.73
C GLY A 331 -54.15 -3.67 -8.27
N TYR A 332 -54.48 -3.36 -9.52
CA TYR A 332 -54.03 -2.14 -10.18
C TYR A 332 -54.79 -1.94 -11.49
N GLY A 333 -55.31 -0.73 -11.66
CA GLY A 333 -55.96 -0.33 -12.91
C GLY A 333 -57.28 -1.02 -13.12
N THR A 334 -57.32 -1.90 -14.10
CA THR A 334 -58.51 -2.67 -14.38
C THR A 334 -58.32 -4.14 -13.97
N GLY A 335 -57.08 -4.61 -14.02
CA GLY A 335 -56.78 -6.04 -14.05
C GLY A 335 -56.90 -6.58 -15.46
N ALA A 336 -56.70 -5.72 -16.46
CA ALA A 336 -56.95 -6.04 -17.86
C ALA A 336 -56.18 -5.09 -18.74
N ILE A 337 -55.56 -5.57 -19.81
CA ILE A 337 -54.80 -4.70 -20.72
C ILE A 337 -55.07 -4.94 -22.18
N MET A 338 -55.19 -3.87 -22.93
CA MET A 338 -55.03 -3.97 -24.37
C MET A 338 -53.56 -4.23 -24.59
N ALA A 339 -53.26 -5.29 -25.33
CA ALA A 339 -51.89 -5.74 -25.44
C ALA A 339 -51.37 -5.55 -26.86
N VAL A 340 -50.61 -4.48 -27.06
CA VAL A 340 -49.94 -4.25 -28.32
C VAL A 340 -48.57 -4.85 -28.15
N PRO A 341 -48.20 -5.81 -29.02
CA PRO A 341 -46.90 -6.42 -28.83
C PRO A 341 -45.84 -5.81 -29.72
N ALA A 342 -46.21 -4.81 -30.51
CA ALA A 342 -45.26 -4.23 -31.48
C ALA A 342 -44.61 -2.99 -30.91
N HIS A 343 -45.02 -2.58 -29.72
CA HIS A 343 -44.50 -1.35 -29.13
C HIS A 343 -44.37 -1.45 -27.62
N ASP A 344 -44.23 -2.67 -27.14
CA ASP A 344 -44.09 -2.94 -25.71
C ASP A 344 -43.58 -4.34 -25.50
N GLN A 345 -42.35 -4.44 -25.02
CA GLN A 345 -41.59 -5.70 -24.99
C GLN A 345 -42.29 -6.80 -24.22
N ARG A 346 -42.90 -6.43 -23.10
CA ARG A 346 -43.57 -7.40 -22.28
C ARG A 346 -44.52 -8.15 -23.19
N ASP A 347 -45.41 -7.41 -23.83
CA ASP A 347 -46.42 -7.98 -24.72
C ASP A 347 -45.77 -8.59 -25.97
N TYR A 348 -44.72 -7.97 -26.45
CA TYR A 348 -43.95 -8.54 -27.55
C TYR A 348 -43.59 -9.95 -27.21
N GLU A 349 -42.85 -10.12 -26.12
CA GLU A 349 -42.39 -11.43 -25.72
C GLU A 349 -43.55 -12.43 -25.46
N PHE A 350 -44.73 -11.93 -25.09
CA PHE A 350 -45.90 -12.79 -25.03
C PHE A 350 -46.35 -13.17 -26.43
N ALA A 351 -46.26 -12.21 -27.35
CA ALA A 351 -46.59 -12.40 -28.76
C ALA A 351 -45.57 -13.25 -29.48
N ARG A 352 -44.30 -13.04 -29.13
CA ARG A 352 -43.20 -13.81 -29.69
C ARG A 352 -43.30 -15.24 -29.19
N LYS A 353 -43.79 -15.41 -27.96
CA LYS A 353 -43.94 -16.74 -27.40
C LYS A 353 -45.17 -17.44 -27.97
N PHE A 354 -46.37 -17.01 -27.58
CA PHE A 354 -47.59 -17.77 -27.90
C PHE A 354 -48.21 -17.47 -29.29
N GLY A 355 -47.36 -17.22 -30.29
CA GLY A 355 -47.81 -17.02 -31.68
C GLY A 355 -48.82 -15.91 -31.94
N LEU A 356 -49.05 -15.05 -30.96
CA LEU A 356 -50.09 -14.03 -31.06
C LEU A 356 -49.56 -12.94 -31.98
N PRO A 357 -50.23 -12.70 -33.12
CA PRO A 357 -49.73 -11.79 -34.16
C PRO A 357 -49.34 -10.39 -33.70
N ILE A 358 -48.42 -9.79 -34.44
CA ILE A 358 -47.74 -8.56 -34.04
C ILE A 358 -47.90 -7.46 -35.10
N LYS A 359 -48.59 -6.38 -34.75
CA LYS A 359 -49.00 -5.34 -35.70
C LYS A 359 -48.24 -4.04 -35.45
N LYS A 360 -47.59 -3.52 -36.49
CA LYS A 360 -46.90 -2.23 -36.43
C LYS A 360 -47.87 -1.07 -36.71
N VAL A 361 -47.81 -0.05 -35.86
CA VAL A 361 -48.65 1.14 -35.98
C VAL A 361 -47.93 2.48 -35.74
N ILE A 362 -46.74 2.46 -35.16
CA ILE A 362 -45.96 3.68 -34.91
C ILE A 362 -44.60 3.59 -35.62
N GLU A 363 -44.51 4.13 -36.85
CA GLU A 363 -43.25 4.07 -37.61
C GLU A 363 -42.23 5.12 -37.15
N ARG A 364 -40.98 4.67 -37.05
CA ARG A 364 -39.87 5.44 -36.47
C ARG A 364 -39.40 6.55 -37.44
N PRO A 365 -38.92 7.68 -36.90
CA PRO A 365 -38.46 8.79 -37.74
C PRO A 365 -37.23 8.49 -38.62
N GLY A 366 -37.25 9.04 -39.85
CA GLY A 366 -36.11 9.00 -40.79
C GLY A 366 -35.74 7.62 -41.26
N GLU A 367 -35.00 6.91 -40.40
CA GLU A 367 -34.77 5.47 -40.56
C GLU A 367 -36.01 4.76 -40.06
N PRO A 368 -36.59 3.86 -40.88
CA PRO A 368 -37.82 3.18 -40.48
C PRO A 368 -37.51 1.85 -39.78
N LEU A 369 -38.48 1.33 -39.06
CA LEU A 369 -38.35 0.04 -38.42
C LEU A 369 -38.18 -1.07 -39.45
N PRO A 370 -37.53 -2.18 -39.07
CA PRO A 370 -37.36 -3.30 -39.99
C PRO A 370 -38.61 -4.13 -40.08
N GLU A 371 -38.69 -5.00 -41.07
CA GLU A 371 -39.65 -6.09 -41.05
C GLU A 371 -38.89 -7.31 -41.56
N PRO A 372 -38.91 -8.40 -40.78
CA PRO A 372 -39.57 -8.53 -39.47
C PRO A 372 -38.90 -7.69 -38.36
N LEU A 373 -39.72 -7.21 -37.41
CA LEU A 373 -39.22 -6.57 -36.20
C LEU A 373 -38.90 -7.67 -35.23
N GLU A 374 -37.72 -7.58 -34.61
CA GLU A 374 -37.23 -8.65 -33.74
C GLU A 374 -37.14 -8.20 -32.26
N ARG A 375 -37.62 -6.98 -31.99
CA ARG A 375 -37.81 -6.48 -30.61
C ARG A 375 -38.82 -5.31 -30.64
N ALA A 376 -39.15 -4.76 -29.47
CA ALA A 376 -40.16 -3.69 -29.40
C ALA A 376 -39.62 -2.34 -29.86
N TYR A 377 -40.54 -1.38 -30.05
CA TYR A 377 -40.17 0.02 -30.29
C TYR A 377 -40.97 0.92 -29.36
N GLU A 378 -40.46 1.07 -28.14
CA GLU A 378 -41.17 1.78 -27.07
C GLU A 378 -41.16 3.29 -27.24
N GLU A 379 -40.07 3.83 -27.79
CA GLU A 379 -39.96 5.26 -28.07
C GLU A 379 -41.05 5.66 -29.07
N PRO A 380 -41.40 6.97 -29.11
CA PRO A 380 -42.55 7.41 -29.88
C PRO A 380 -42.18 7.99 -31.25
N GLY A 381 -43.17 8.05 -32.15
CA GLY A 381 -42.95 8.63 -33.49
C GLY A 381 -44.24 8.93 -34.25
N ILE A 382 -44.26 8.54 -35.53
CA ILE A 382 -45.37 8.85 -36.43
C ILE A 382 -46.33 7.68 -36.51
N MET A 383 -47.62 7.96 -36.49
CA MET A 383 -48.63 6.91 -36.52
C MET A 383 -48.84 6.39 -37.94
N VAL A 384 -49.03 5.08 -38.04
CA VAL A 384 -49.28 4.39 -39.31
C VAL A 384 -50.30 3.27 -39.08
N ASN A 385 -50.84 2.70 -40.17
CA ASN A 385 -51.75 1.55 -40.10
C ASN A 385 -52.90 1.77 -39.12
N SER A 386 -53.40 2.99 -39.06
CA SER A 386 -54.43 3.36 -38.11
C SER A 386 -55.54 4.24 -38.72
N GLY A 387 -55.81 4.01 -39.99
CA GLY A 387 -56.95 4.65 -40.68
C GLY A 387 -56.85 6.16 -40.82
N PRO A 388 -57.78 6.90 -40.21
CA PRO A 388 -57.83 8.35 -40.39
C PRO A 388 -56.72 9.10 -39.65
N PHE A 389 -56.04 8.40 -38.75
CA PHE A 389 -54.94 8.97 -37.97
C PHE A 389 -53.61 8.95 -38.74
N ASP A 390 -53.50 8.08 -39.75
CA ASP A 390 -52.25 7.87 -40.51
C ASP A 390 -51.48 9.17 -40.82
N GLY A 391 -50.37 9.38 -40.11
CA GLY A 391 -49.52 10.56 -40.27
C GLY A 391 -49.30 11.33 -38.98
N THR A 392 -50.19 11.13 -38.00
CA THR A 392 -50.22 11.91 -36.75
C THR A 392 -49.01 11.63 -35.84
N GLU A 393 -48.65 12.62 -35.02
CA GLU A 393 -47.53 12.52 -34.06
C GLU A 393 -47.96 11.68 -32.86
N SER A 394 -47.12 10.73 -32.43
CA SER A 394 -47.49 9.84 -31.31
C SER A 394 -47.94 10.60 -30.07
N GLU A 395 -47.31 11.74 -29.81
CA GLU A 395 -47.59 12.55 -28.62
C GLU A 395 -48.99 13.14 -28.66
N GLU A 396 -49.32 13.76 -29.80
CA GLU A 396 -50.66 14.27 -30.06
C GLU A 396 -51.65 13.12 -30.20
N GLY A 397 -51.16 11.97 -30.65
CA GLY A 397 -51.99 10.79 -30.80
C GLY A 397 -52.83 10.58 -29.57
N LYS A 398 -52.16 10.44 -28.44
CA LYS A 398 -52.79 10.17 -27.15
C LYS A 398 -54.11 10.94 -26.99
N ARG A 399 -54.00 12.25 -26.82
CA ARG A 399 -55.16 13.11 -26.52
C ARG A 399 -56.24 13.11 -27.62
N LYS A 400 -55.84 12.92 -28.88
CA LYS A 400 -56.79 12.84 -29.98
C LYS A 400 -57.62 11.57 -29.87
N VAL A 401 -56.93 10.42 -29.93
CA VAL A 401 -57.58 9.11 -29.88
C VAL A 401 -58.39 8.94 -28.58
N ILE A 402 -57.86 9.44 -27.47
CA ILE A 402 -58.65 9.57 -26.26
C ILE A 402 -59.94 10.31 -26.62
N ALA A 403 -59.78 11.50 -27.20
CA ALA A 403 -60.93 12.38 -27.54
C ALA A 403 -61.88 11.68 -28.49
N TRP A 404 -61.32 10.98 -29.47
CA TRP A 404 -62.10 10.21 -30.44
C TRP A 404 -63.04 9.21 -29.77
N LEU A 405 -62.57 8.56 -28.70
CA LEU A 405 -63.39 7.62 -27.94
C LEU A 405 -64.42 8.37 -27.12
N GLU A 406 -63.95 9.35 -26.34
CA GLU A 406 -64.82 10.14 -25.46
C GLU A 406 -66.11 10.55 -26.16
N GLU A 407 -66.06 10.70 -27.48
CA GLU A 407 -67.26 10.85 -28.29
C GLU A 407 -68.06 9.53 -28.37
N LYS A 408 -67.57 8.55 -29.13
CA LYS A 408 -68.32 7.31 -29.35
C LYS A 408 -68.71 6.55 -28.07
N GLY A 409 -68.17 6.98 -26.92
CA GLY A 409 -68.51 6.36 -25.64
C GLY A 409 -67.79 5.05 -25.45
N LEU A 410 -66.69 4.89 -26.19
CA LEU A 410 -65.89 3.66 -26.17
C LEU A 410 -64.76 3.78 -25.15
N GLY A 411 -64.58 4.96 -24.57
CA GLY A 411 -63.51 5.14 -23.62
C GLY A 411 -63.43 6.53 -23.05
N LYS A 412 -62.42 6.75 -22.23
CA LYS A 412 -62.22 8.00 -21.53
C LYS A 412 -60.75 8.17 -21.16
N GLY A 413 -60.39 9.36 -20.69
CA GLY A 413 -59.08 9.60 -20.11
C GLY A 413 -59.20 9.39 -18.62
N ARG A 414 -58.15 8.85 -18.00
CA ARG A 414 -58.17 8.62 -16.55
C ARG A 414 -56.77 8.59 -15.93
N VAL A 415 -56.73 8.65 -14.60
CA VAL A 415 -55.48 8.61 -13.84
C VAL A 415 -55.54 7.62 -12.70
N THR A 416 -55.21 6.35 -12.97
CA THR A 416 -55.19 5.34 -11.92
C THR A 416 -54.04 5.61 -10.99
N TYR A 417 -54.16 5.07 -9.78
CA TYR A 417 -53.14 5.20 -8.77
C TYR A 417 -52.71 3.79 -8.30
N ARG A 418 -51.40 3.64 -8.08
CA ARG A 418 -50.84 2.39 -7.57
C ARG A 418 -51.32 2.08 -6.15
N LEU A 419 -51.71 3.12 -5.43
CA LEU A 419 -52.19 3.00 -4.06
C LEU A 419 -53.43 2.14 -4.02
N ARG A 420 -53.39 1.11 -3.18
CA ARG A 420 -54.49 0.15 -3.02
C ARG A 420 -55.06 0.38 -1.65
N ASP A 421 -56.38 0.31 -1.54
CA ASP A 421 -57.02 0.68 -0.28
C ASP A 421 -56.52 -0.12 0.92
N TRP A 422 -56.56 0.53 2.08
CA TRP A 422 -55.86 0.08 3.28
C TRP A 422 -56.69 -0.93 4.10
N LEU A 423 -56.34 -2.21 3.95
CA LEU A 423 -57.04 -3.29 4.61
C LEU A 423 -56.73 -3.17 6.09
N ILE A 424 -57.71 -3.32 6.97
CA ILE A 424 -57.47 -3.19 8.43
C ILE A 424 -58.12 -4.24 9.31
N SER A 425 -58.90 -5.13 8.73
CA SER A 425 -59.51 -6.20 9.51
C SER A 425 -58.40 -7.19 9.87
N ARG A 426 -58.19 -7.39 11.15
CA ARG A 426 -57.23 -8.35 11.62
C ARG A 426 -57.91 -9.43 12.45
N GLN A 427 -57.44 -10.67 12.31
CA GLN A 427 -58.09 -11.79 12.94
C GLN A 427 -57.37 -12.09 14.23
N ARG A 428 -57.47 -11.13 15.15
CA ARG A 428 -56.76 -11.17 16.41
C ARG A 428 -57.62 -10.58 17.52
N TYR A 429 -57.47 -11.10 18.73
CA TYR A 429 -58.20 -10.58 19.88
C TYR A 429 -57.72 -9.18 20.24
N TRP A 430 -56.40 -9.01 20.27
CA TRP A 430 -55.79 -7.75 20.69
C TRP A 430 -55.87 -6.77 19.54
N GLY A 431 -56.65 -5.70 19.76
CA GLY A 431 -56.97 -4.73 18.70
C GLY A 431 -58.41 -4.24 18.78
N THR A 432 -58.64 -3.00 18.34
CA THR A 432 -59.94 -2.35 18.48
C THR A 432 -61.02 -3.10 17.73
N PRO A 433 -62.12 -3.48 18.44
CA PRO A 433 -63.27 -4.18 17.85
C PRO A 433 -64.05 -3.30 16.90
N ILE A 434 -64.28 -3.77 15.67
CA ILE A 434 -64.89 -2.91 14.65
C ILE A 434 -66.35 -2.66 15.05
N PRO A 435 -66.79 -1.39 15.02
CA PRO A 435 -68.07 -1.02 15.59
C PRO A 435 -69.20 -1.16 14.58
N MET A 436 -69.38 -2.37 14.05
CA MET A 436 -70.43 -2.65 13.08
C MET A 436 -70.98 -4.05 13.34
N VAL A 437 -72.30 -4.17 13.29
CA VAL A 437 -72.96 -5.45 13.48
C VAL A 437 -73.55 -5.90 12.15
N HIS A 438 -73.64 -7.21 11.98
CA HIS A 438 -74.17 -7.81 10.77
C HIS A 438 -75.64 -8.23 10.92
N CYS A 439 -76.51 -7.50 10.23
CA CYS A 439 -77.94 -7.78 10.23
C CYS A 439 -78.31 -8.81 9.17
N GLU A 440 -79.54 -9.29 9.27
CA GLU A 440 -80.10 -10.25 8.31
C GLU A 440 -81.16 -9.61 7.41
N ALA A 441 -81.89 -8.63 7.95
CA ALA A 441 -82.88 -7.86 7.18
C ALA A 441 -82.25 -6.65 6.49
N CYS A 442 -81.58 -5.81 7.29
CA CYS A 442 -81.12 -4.49 6.87
C CYS A 442 -79.66 -4.42 6.38
N GLY A 443 -79.07 -5.55 5.96
CA GLY A 443 -77.69 -5.57 5.42
C GLY A 443 -76.57 -5.63 6.48
N VAL A 444 -75.67 -4.65 6.46
CA VAL A 444 -74.62 -4.51 7.51
C VAL A 444 -74.69 -3.13 8.15
N VAL A 445 -75.22 -3.08 9.37
CA VAL A 445 -75.67 -1.84 10.00
C VAL A 445 -74.68 -1.31 11.04
N PRO A 446 -74.36 0.00 11.00
CA PRO A 446 -73.48 0.61 12.00
C PRO A 446 -74.01 0.58 13.42
N VAL A 447 -73.16 0.99 14.36
CA VAL A 447 -73.50 1.09 15.78
C VAL A 447 -73.75 2.56 16.09
N PRO A 448 -74.71 2.85 16.99
CA PRO A 448 -74.95 4.25 17.29
C PRO A 448 -73.75 4.85 18.03
N GLU A 449 -73.51 6.13 17.80
CA GLU A 449 -72.40 6.85 18.40
C GLU A 449 -72.37 6.69 19.92
N GLU A 450 -73.51 7.00 20.54
CA GLU A 450 -73.61 7.07 22.02
C GLU A 450 -73.51 5.71 22.72
N GLU A 451 -73.67 4.64 21.95
CA GLU A 451 -73.53 3.27 22.47
C GLU A 451 -72.05 2.90 22.71
N LEU A 452 -71.13 3.63 22.07
CA LEU A 452 -69.68 3.41 22.21
C LEU A 452 -69.21 3.52 23.66
N PRO A 453 -68.12 2.82 24.01
CA PRO A 453 -67.28 1.99 23.14
C PRO A 453 -67.76 0.55 23.07
N VAL A 454 -67.41 -0.12 21.98
CA VAL A 454 -67.64 -1.56 21.85
C VAL A 454 -66.46 -2.28 22.47
N LEU A 455 -66.56 -2.52 23.78
CA LEU A 455 -65.45 -3.05 24.55
C LEU A 455 -65.08 -4.43 24.05
N LEU A 456 -63.80 -4.76 24.14
CA LEU A 456 -63.38 -6.15 23.95
C LEU A 456 -63.95 -7.00 25.08
N PRO A 457 -64.34 -8.23 24.78
CA PRO A 457 -64.63 -9.13 25.88
C PRO A 457 -63.36 -9.33 26.70
N ASP A 458 -63.51 -9.79 27.93
CA ASP A 458 -62.35 -10.14 28.75
C ASP A 458 -62.16 -11.67 28.66
N LEU A 459 -60.93 -12.10 28.39
CA LEU A 459 -60.63 -13.52 28.13
C LEU A 459 -59.33 -13.97 28.78
N LYS A 460 -59.45 -14.75 29.86
CA LYS A 460 -58.31 -15.02 30.74
C LYS A 460 -57.58 -16.36 30.50
N ASP A 461 -58.05 -17.17 29.54
CA ASP A 461 -57.30 -18.35 29.11
C ASP A 461 -56.29 -17.90 28.07
N VAL A 462 -55.01 -17.91 28.43
CA VAL A 462 -53.94 -17.48 27.52
C VAL A 462 -53.97 -18.30 26.23
N GLU A 463 -54.16 -19.62 26.36
CA GLU A 463 -54.17 -20.56 25.21
C GLU A 463 -55.54 -20.63 24.51
N ASP A 464 -56.43 -19.69 24.86
CA ASP A 464 -57.66 -19.46 24.13
C ASP A 464 -57.46 -18.38 23.09
N ILE A 465 -57.05 -17.19 23.52
CA ILE A 465 -56.95 -16.03 22.63
C ILE A 465 -55.87 -16.15 21.55
N ARG A 466 -55.10 -17.24 21.58
CA ARG A 466 -54.22 -17.62 20.49
C ARG A 466 -55.02 -17.70 19.17
N PRO A 467 -54.56 -17.00 18.12
CA PRO A 467 -55.27 -16.92 16.84
C PRO A 467 -55.10 -18.16 15.95
N LYS A 468 -56.23 -18.83 15.70
CA LYS A 468 -56.22 -20.18 15.12
C LYS A 468 -56.43 -20.20 13.61
N GLY A 469 -57.10 -19.17 13.08
CA GLY A 469 -57.45 -19.13 11.65
C GLY A 469 -58.57 -18.17 11.36
N LYS A 470 -59.69 -18.37 12.05
CA LYS A 470 -60.78 -17.41 12.06
C LYS A 470 -60.69 -16.61 13.36
N SER A 471 -61.40 -15.47 13.40
CA SER A 471 -61.25 -14.51 14.49
C SER A 471 -61.45 -15.15 15.87
N PRO A 472 -60.50 -14.92 16.80
CA PRO A 472 -60.61 -15.47 18.13
C PRO A 472 -61.88 -15.04 18.89
N LEU A 473 -62.58 -14.02 18.41
CA LEU A 473 -63.82 -13.59 19.06
C LEU A 473 -65.02 -14.46 18.67
N GLU A 474 -64.97 -15.10 17.50
CA GLU A 474 -66.04 -15.98 17.04
C GLU A 474 -66.37 -17.05 18.08
N ALA A 475 -65.34 -17.68 18.65
CA ALA A 475 -65.50 -18.70 19.68
C ALA A 475 -66.35 -18.25 20.87
N HIS A 476 -66.54 -16.94 21.01
CA HIS A 476 -67.34 -16.35 22.06
C HIS A 476 -68.56 -15.66 21.47
N PRO A 477 -69.70 -16.38 21.35
CA PRO A 477 -70.92 -15.76 20.82
C PRO A 477 -71.45 -14.59 21.65
N GLU A 478 -71.53 -14.78 22.97
CA GLU A 478 -72.10 -13.76 23.86
C GLU A 478 -71.67 -12.34 23.49
N PHE A 479 -70.43 -12.20 23.03
CA PHE A 479 -69.94 -10.92 22.50
C PHE A 479 -70.82 -10.48 21.33
N TYR A 480 -70.85 -11.30 20.27
CA TYR A 480 -71.56 -10.92 19.07
C TYR A 480 -73.08 -11.09 19.15
N GLU A 481 -73.55 -11.96 20.04
CA GLU A 481 -74.99 -12.17 20.19
C GLU A 481 -75.66 -10.91 20.75
N THR A 482 -76.09 -10.04 19.85
CA THR A 482 -76.71 -8.78 20.21
C THR A 482 -77.86 -8.51 19.25
N THR A 483 -78.50 -7.37 19.41
CA THR A 483 -79.58 -6.93 18.51
C THR A 483 -79.07 -5.92 17.48
N CYS A 484 -79.97 -5.46 16.61
CA CYS A 484 -79.69 -4.32 15.74
C CYS A 484 -80.17 -3.04 16.41
N PRO A 485 -79.69 -1.87 15.93
CA PRO A 485 -80.20 -0.58 16.36
C PRO A 485 -81.17 0.06 15.36
N LYS A 486 -81.55 -0.69 14.32
CA LYS A 486 -82.41 -0.19 13.23
C LYS A 486 -83.85 -0.70 13.34
N CYS A 487 -83.99 -1.98 13.71
CA CYS A 487 -85.30 -2.60 13.94
C CYS A 487 -85.31 -3.34 15.28
N GLY A 488 -84.45 -4.35 15.40
CA GLY A 488 -84.30 -5.16 16.61
C GLY A 488 -84.10 -6.65 16.38
N GLY A 489 -83.74 -7.04 15.15
CA GLY A 489 -83.65 -8.46 14.78
C GLY A 489 -82.41 -9.16 15.32
N PRO A 490 -82.21 -10.44 14.93
CA PRO A 490 -80.98 -11.14 15.33
C PRO A 490 -79.75 -10.41 14.77
N ALA A 491 -78.63 -10.49 15.48
CA ALA A 491 -77.50 -9.64 15.18
C ALA A 491 -76.18 -10.17 15.73
N LYS A 492 -75.29 -10.53 14.80
CA LYS A 492 -73.92 -10.93 15.09
C LYS A 492 -73.03 -9.71 14.95
N ARG A 493 -72.44 -9.24 16.05
CA ARG A 493 -71.40 -8.20 15.94
C ARG A 493 -70.29 -8.70 15.03
N ASP A 494 -69.52 -7.77 14.48
CA ASP A 494 -68.35 -8.17 13.71
C ASP A 494 -67.32 -8.72 14.68
N THR A 495 -66.75 -9.87 14.35
CA THR A 495 -65.80 -10.57 15.21
C THR A 495 -64.35 -10.15 14.93
N ASP A 496 -64.15 -9.24 13.98
CA ASP A 496 -62.80 -8.80 13.56
C ASP A 496 -62.34 -7.50 14.28
N THR A 497 -61.06 -7.14 14.11
CA THR A 497 -60.46 -5.99 14.80
C THR A 497 -59.65 -5.03 13.90
N MET A 498 -59.25 -3.90 14.50
CA MET A 498 -58.45 -2.87 13.81
C MET A 498 -56.95 -3.10 13.98
N ASP A 499 -56.20 -2.97 12.89
CA ASP A 499 -54.75 -3.13 12.91
C ASP A 499 -54.12 -2.06 13.79
N THR A 500 -52.96 -2.36 14.36
CA THR A 500 -52.32 -1.42 15.26
C THR A 500 -52.00 -0.12 14.54
N PHE A 501 -51.67 -0.20 13.25
CA PHE A 501 -51.34 1.01 12.48
C PHE A 501 -52.46 2.07 12.52
N PHE A 502 -53.70 1.63 12.76
CA PHE A 502 -54.84 2.55 12.91
C PHE A 502 -54.58 3.56 14.01
N ASP A 503 -54.33 3.07 15.22
CA ASP A 503 -54.14 3.97 16.36
C ASP A 503 -52.93 4.85 16.08
N SER A 504 -51.97 4.33 15.34
CA SER A 504 -50.76 5.09 15.07
C SER A 504 -50.93 5.90 13.75
N SER A 505 -51.88 6.83 13.83
CA SER A 505 -52.30 7.66 12.70
C SER A 505 -53.21 8.75 13.27
N TRP A 506 -52.74 9.43 14.33
CA TRP A 506 -53.48 10.52 15.02
C TRP A 506 -53.13 10.63 16.50
N TYR A 507 -52.51 9.62 17.09
CA TYR A 507 -52.03 9.71 18.46
C TYR A 507 -51.39 11.08 18.69
N TYR A 508 -50.68 11.59 17.66
CA TYR A 508 -50.18 12.96 17.68
C TYR A 508 -51.28 13.96 18.01
N LEU A 509 -52.48 13.73 17.49
CA LEU A 509 -53.60 14.63 17.72
C LEU A 509 -54.19 14.42 19.09
N ARG A 510 -54.18 13.18 19.56
CA ARG A 510 -54.72 12.83 20.88
C ARG A 510 -53.93 13.50 21.99
N TYR A 511 -52.60 13.48 21.84
CA TYR A 511 -51.73 14.10 22.82
C TYR A 511 -52.15 15.52 23.21
N THR A 512 -52.82 16.24 22.31
CA THR A 512 -53.17 17.65 22.57
C THR A 512 -54.26 17.79 23.62
N ASP A 513 -55.02 16.73 23.85
CA ASP A 513 -56.18 16.80 24.73
C ASP A 513 -56.57 15.39 25.20
N PRO A 514 -55.71 14.75 26.00
CA PRO A 514 -55.71 13.30 26.16
C PRO A 514 -56.64 12.75 27.23
N HIS A 515 -57.56 13.58 27.75
CA HIS A 515 -58.61 13.07 28.64
C HIS A 515 -60.05 13.39 28.15
N ASN A 516 -60.16 14.00 26.97
CA ASN A 516 -61.48 14.36 26.42
C ASN A 516 -62.42 13.15 26.22
N ASP A 517 -63.49 13.09 27.02
CA ASP A 517 -64.45 11.99 26.96
C ASP A 517 -65.66 12.30 26.07
N ARG A 518 -65.56 13.38 25.27
CA ARG A 518 -66.61 13.76 24.33
C ARG A 518 -66.13 13.67 22.88
N LEU A 519 -64.86 13.98 22.63
CA LEU A 519 -64.26 13.87 21.30
C LEU A 519 -62.93 13.15 21.37
N PRO A 520 -62.38 12.78 20.20
CA PRO A 520 -60.97 12.45 20.15
C PRO A 520 -60.06 13.62 20.58
N PHE A 521 -60.55 14.86 20.46
CA PHE A 521 -59.86 16.07 20.97
C PHE A 521 -60.66 17.34 20.67
N ASP A 522 -60.61 18.31 21.58
CA ASP A 522 -61.15 19.64 21.30
C ASP A 522 -60.20 20.28 20.25
N PRO A 523 -60.71 20.62 19.06
CA PRO A 523 -59.92 21.21 17.96
C PRO A 523 -59.09 22.45 18.33
N GLU A 524 -59.70 23.32 19.15
CA GLU A 524 -59.02 24.51 19.71
C GLU A 524 -57.67 24.14 20.37
N LYS A 525 -57.61 22.89 20.86
CA LYS A 525 -56.41 22.33 21.48
C LYS A 525 -55.49 21.81 20.39
N ALA A 526 -56.03 20.99 19.49
CA ALA A 526 -55.26 20.45 18.38
C ALA A 526 -54.56 21.58 17.65
N ASN A 527 -55.32 22.59 17.24
CA ASN A 527 -54.76 23.68 16.46
C ASN A 527 -53.75 24.50 17.22
N ALA A 528 -53.85 24.47 18.55
CA ALA A 528 -52.97 25.24 19.41
C ALA A 528 -51.53 24.72 19.40
N TRP A 529 -51.34 23.45 19.04
CA TRP A 529 -50.01 22.80 19.01
C TRP A 529 -49.57 22.29 17.63
N MET A 530 -50.45 21.57 16.94
CA MET A 530 -50.19 21.06 15.60
C MET A 530 -49.80 22.23 14.70
N PRO A 531 -48.99 21.97 13.68
CA PRO A 531 -48.41 20.69 13.35
C PRO A 531 -47.39 20.24 14.42
N VAL A 532 -46.87 19.02 14.29
CA VAL A 532 -45.67 18.66 15.04
C VAL A 532 -44.54 19.38 14.30
N ASP A 533 -43.71 20.08 15.06
CA ASP A 533 -42.56 20.80 14.50
C ASP A 533 -41.39 19.86 14.21
N GLN A 534 -41.36 18.75 14.94
CA GLN A 534 -40.27 17.80 14.88
C GLN A 534 -40.77 16.39 15.19
N TYR A 535 -40.73 15.53 14.18
CA TYR A 535 -41.08 14.14 14.35
C TYR A 535 -39.79 13.39 14.23
N ILE A 536 -39.29 12.94 15.36
CA ILE A 536 -37.97 12.32 15.42
C ILE A 536 -38.14 10.81 15.40
N GLY A 537 -37.61 10.17 14.36
CA GLY A 537 -37.97 8.78 14.05
C GLY A 537 -37.16 8.19 12.90
N GLY A 538 -37.73 7.18 12.21
CA GLY A 538 -36.95 6.32 11.31
C GLY A 538 -37.59 5.95 9.99
N VAL A 539 -36.76 5.51 9.05
CA VAL A 539 -37.18 5.33 7.65
C VAL A 539 -38.15 4.19 7.46
N GLU A 540 -38.05 3.19 8.33
CA GLU A 540 -38.83 1.97 8.19
C GLU A 540 -40.37 2.19 8.13
N HIS A 541 -40.83 3.43 8.33
CA HIS A 541 -42.25 3.78 8.31
C HIS A 541 -42.63 4.65 7.13
N ALA A 542 -41.76 4.67 6.13
CA ALA A 542 -41.84 5.63 5.03
C ALA A 542 -43.14 5.53 4.26
N VAL A 543 -43.69 4.33 4.10
CA VAL A 543 -44.92 4.16 3.33
C VAL A 543 -46.04 3.53 4.14
N LEU A 544 -45.87 3.51 5.46
CA LEU A 544 -46.86 2.91 6.38
C LEU A 544 -47.49 3.94 7.32
N HIS A 545 -46.76 4.36 8.34
CA HIS A 545 -47.32 5.25 9.33
C HIS A 545 -47.31 6.63 8.76
N LEU A 546 -46.24 6.94 8.06
CA LEU A 546 -46.04 8.26 7.47
C LEU A 546 -46.91 8.46 6.21
N LEU A 547 -47.48 7.38 5.69
CA LEU A 547 -48.60 7.50 4.76
C LEU A 547 -49.92 7.50 5.54
N TYR A 548 -50.21 6.44 6.27
CA TYR A 548 -51.50 6.33 6.98
C TYR A 548 -51.84 7.61 7.77
N SER A 549 -50.89 8.09 8.56
CA SER A 549 -51.14 9.23 9.47
C SER A 549 -51.73 10.42 8.75
N ARG A 550 -51.16 10.72 7.58
CA ARG A 550 -51.47 11.92 6.82
C ARG A 550 -52.86 11.87 6.26
N PHE A 551 -53.18 10.76 5.61
CA PHE A 551 -54.55 10.52 5.21
C PHE A 551 -55.52 10.71 6.39
N PHE A 552 -55.21 10.15 7.55
CA PHE A 552 -55.97 10.42 8.76
C PHE A 552 -56.09 11.91 9.17
N THR A 553 -54.98 12.65 9.13
CA THR A 553 -54.98 14.10 9.44
C THR A 553 -55.72 14.91 8.38
N LYS A 554 -55.76 14.38 7.17
CA LYS A 554 -56.57 15.00 6.14
C LYS A 554 -58.07 14.75 6.39
N PHE A 555 -58.44 13.49 6.55
CA PHE A 555 -59.81 13.14 6.80
C PHE A 555 -60.33 13.69 8.12
N LEU A 556 -59.47 13.89 9.11
CA LEU A 556 -59.94 14.54 10.33
C LEU A 556 -60.18 16.02 10.08
N HIS A 557 -59.29 16.64 9.27
CA HIS A 557 -59.42 18.02 8.78
C HIS A 557 -60.62 18.21 7.84
N ASP A 558 -60.98 17.17 7.12
CA ASP A 558 -62.19 17.20 6.28
C ASP A 558 -63.50 16.98 7.08
N LEU A 559 -63.39 16.73 8.37
CA LEU A 559 -64.53 16.87 9.28
C LEU A 559 -64.35 18.19 10.02
N GLY A 560 -63.28 18.92 9.67
CA GLY A 560 -63.03 20.25 10.21
C GLY A 560 -62.55 20.29 11.65
N MET A 561 -62.07 19.16 12.16
CA MET A 561 -61.57 19.08 13.53
C MET A 561 -60.09 19.44 13.67
N VAL A 562 -59.33 19.38 12.59
CA VAL A 562 -57.95 19.81 12.65
C VAL A 562 -57.66 20.72 11.49
N LYS A 563 -57.12 21.90 11.78
CA LYS A 563 -56.99 22.95 10.77
C LYS A 563 -55.91 22.62 9.77
N VAL A 564 -54.77 22.12 10.23
CA VAL A 564 -53.66 21.86 9.31
C VAL A 564 -54.05 20.75 8.34
N GLU A 565 -53.09 20.18 7.62
CA GLU A 565 -53.39 19.04 6.74
C GLU A 565 -52.29 17.95 6.76
N GLU A 566 -51.03 18.35 6.90
CA GLU A 566 -49.92 17.45 7.18
C GLU A 566 -49.63 17.53 8.67
N PRO A 567 -49.68 16.38 9.38
CA PRO A 567 -49.53 16.38 10.84
C PRO A 567 -48.11 16.59 11.32
N PHE A 568 -47.13 16.20 10.50
CA PHE A 568 -45.76 16.40 10.87
C PHE A 568 -45.12 17.38 9.89
N GLN A 569 -44.72 18.55 10.38
CA GLN A 569 -44.09 19.57 9.55
C GLN A 569 -42.63 19.28 9.35
N GLY A 570 -42.08 18.44 10.23
CA GLY A 570 -40.64 18.25 10.29
C GLY A 570 -40.18 16.85 10.66
N LEU A 571 -40.20 15.96 9.68
CA LEU A 571 -39.70 14.63 9.87
C LEU A 571 -38.20 14.70 9.87
N PHE A 572 -37.58 14.09 10.87
CA PHE A 572 -36.14 13.86 10.87
C PHE A 572 -35.89 12.38 11.07
N THR A 573 -35.38 11.73 10.03
CA THR A 573 -35.03 10.31 10.11
C THR A 573 -33.70 10.12 10.84
N GLN A 574 -33.54 8.99 11.52
CA GLN A 574 -32.36 8.74 12.32
C GLN A 574 -31.68 7.44 11.96
N GLY A 575 -30.46 7.24 12.46
CA GLY A 575 -29.68 6.03 12.18
C GLY A 575 -29.75 4.96 13.26
N MET A 576 -29.61 3.70 12.84
CA MET A 576 -29.63 2.58 13.76
C MET A 576 -28.39 2.64 14.63
N VAL A 577 -28.50 2.21 15.89
CA VAL A 577 -27.33 2.08 16.77
C VAL A 577 -26.71 0.71 16.58
N LEU A 578 -25.44 0.66 16.21
CA LEU A 578 -24.73 -0.61 16.01
C LEU A 578 -23.76 -0.88 17.16
N ALA A 579 -23.55 -2.16 17.45
CA ALA A 579 -22.59 -2.58 18.47
C ALA A 579 -21.66 -3.66 17.94
N TRP A 580 -20.48 -3.76 18.55
CA TRP A 580 -19.53 -4.82 18.24
C TRP A 580 -20.07 -6.14 18.77
N THR A 581 -20.27 -7.09 17.86
CA THR A 581 -20.89 -8.37 18.18
C THR A 581 -19.98 -9.57 17.94
N ASP A 582 -19.90 -10.42 18.98
CA ASP A 582 -19.19 -11.69 18.94
C ASP A 582 -19.87 -12.59 17.91
N PHE A 583 -19.12 -13.05 16.91
CA PHE A 583 -19.66 -13.94 15.89
C PHE A 583 -19.33 -15.41 16.07
N GLY A 584 -18.28 -15.71 16.83
CA GLY A 584 -17.95 -17.09 17.17
C GLY A 584 -16.47 -17.41 17.03
N PRO A 585 -16.10 -18.67 17.31
CA PRO A 585 -14.72 -19.12 17.29
C PRO A 585 -14.17 -19.34 15.87
N VAL A 586 -12.85 -19.26 15.76
CA VAL A 586 -12.13 -19.29 14.50
C VAL A 586 -10.76 -19.94 14.74
N GLU A 587 -10.29 -20.70 13.76
CA GLU A 587 -9.00 -21.38 13.82
C GLU A 587 -7.99 -20.57 13.03
N VAL A 588 -7.14 -19.80 13.71
CA VAL A 588 -6.11 -19.01 13.00
C VAL A 588 -4.90 -19.91 12.70
N GLU A 589 -4.34 -19.77 11.50
CA GLU A 589 -3.08 -20.45 11.17
C GLU A 589 -2.13 -19.59 10.35
N GLY A 590 -1.22 -18.91 11.05
CA GLY A 590 -0.26 -18.01 10.44
C GLY A 590 -0.93 -16.75 9.89
N SER A 591 -1.51 -16.88 8.69
CA SER A 591 -2.22 -15.79 8.03
C SER A 591 -3.46 -16.32 7.32
N VAL A 592 -4.09 -17.34 7.89
CA VAL A 592 -5.26 -17.96 7.27
C VAL A 592 -6.35 -18.24 8.31
N VAL A 593 -7.39 -17.43 8.29
CA VAL A 593 -8.50 -17.59 9.23
C VAL A 593 -9.50 -18.62 8.73
N ARG A 594 -9.51 -19.80 9.34
CA ARG A 594 -10.46 -20.84 8.96
C ARG A 594 -11.75 -20.70 9.77
N LEU A 595 -12.88 -20.74 9.08
CA LEU A 595 -14.19 -20.49 9.67
C LEU A 595 -14.96 -21.79 9.87
N PRO A 596 -15.31 -22.11 11.12
CA PRO A 596 -16.15 -23.27 11.33
C PRO A 596 -17.54 -22.93 10.86
N GLU A 597 -18.43 -23.92 10.81
CA GLU A 597 -19.70 -23.74 10.10
C GLU A 597 -20.85 -23.03 10.84
N PRO A 598 -20.81 -22.94 12.18
CA PRO A 598 -21.75 -22.03 12.84
C PRO A 598 -21.35 -20.55 12.71
N THR A 599 -20.05 -20.26 12.72
CA THR A 599 -19.56 -18.89 12.60
C THR A 599 -19.62 -18.33 11.17
N ARG A 600 -19.67 -19.21 10.17
CA ARG A 600 -19.89 -18.79 8.78
C ARG A 600 -21.39 -18.60 8.54
N ILE A 601 -22.20 -19.50 9.08
CA ILE A 601 -23.65 -19.37 9.00
C ILE A 601 -24.07 -18.02 9.58
N ARG A 602 -23.50 -17.68 10.73
CA ARG A 602 -23.87 -16.45 11.39
C ARG A 602 -23.39 -15.24 10.59
N LEU A 603 -22.21 -15.34 9.98
CA LEU A 603 -21.70 -14.21 9.19
C LEU A 603 -22.49 -13.97 7.93
N GLU A 604 -23.06 -15.04 7.37
CA GLU A 604 -23.75 -15.01 6.06
C GLU A 604 -22.79 -14.73 4.89
N ILE A 605 -21.76 -15.57 4.77
CA ILE A 605 -20.98 -15.71 3.53
C ILE A 605 -21.12 -17.18 3.11
N PRO A 606 -20.44 -17.59 2.02
CA PRO A 606 -20.24 -19.01 1.75
C PRO A 606 -18.81 -19.51 2.03
N GLU A 607 -17.89 -18.61 2.35
CA GLU A 607 -16.47 -18.94 2.38
C GLU A 607 -16.09 -19.53 3.72
N SER A 608 -15.00 -20.28 3.74
CA SER A 608 -14.48 -20.88 4.97
C SER A 608 -13.11 -20.29 5.30
N ALA A 609 -12.24 -20.16 4.31
CA ALA A 609 -10.92 -19.55 4.50
C ALA A 609 -10.99 -18.04 4.29
N LEU A 610 -10.03 -17.34 4.90
CA LEU A 610 -9.94 -15.89 4.83
C LEU A 610 -8.52 -15.48 5.18
N SER A 611 -8.01 -14.46 4.52
CA SER A 611 -6.80 -13.79 4.98
C SER A 611 -7.18 -12.91 6.17
N LEU A 612 -6.19 -12.59 6.99
CA LEU A 612 -6.40 -11.65 8.08
C LEU A 612 -6.82 -10.31 7.49
N GLU A 613 -6.18 -9.90 6.39
CA GLU A 613 -6.59 -8.71 5.62
C GLU A 613 -8.05 -8.83 5.13
N ASP A 614 -8.44 -10.02 4.69
CA ASP A 614 -9.84 -10.29 4.33
C ASP A 614 -10.80 -9.99 5.47
N VAL A 615 -10.34 -10.16 6.70
CA VAL A 615 -11.16 -9.81 7.85
C VAL A 615 -11.26 -8.30 7.91
N ARG A 616 -10.12 -7.62 7.87
CA ARG A 616 -10.09 -6.17 7.99
C ARG A 616 -11.10 -5.50 7.07
N LYS A 617 -11.00 -5.81 5.77
CA LYS A 617 -11.77 -5.10 4.73
C LYS A 617 -13.29 -5.23 4.83
N MET A 618 -13.77 -6.20 5.62
CA MET A 618 -15.19 -6.32 5.94
C MET A 618 -15.49 -5.70 7.32
N GLY A 619 -14.51 -4.99 7.86
CA GLY A 619 -14.69 -4.22 9.08
C GLY A 619 -14.94 -5.09 10.29
N ALA A 620 -13.97 -5.94 10.62
CA ALA A 620 -14.09 -6.87 11.74
C ALA A 620 -12.74 -7.02 12.42
N GLU A 621 -12.76 -7.40 13.69
CA GLU A 621 -11.53 -7.74 14.40
C GLU A 621 -11.62 -9.16 14.95
N LEU A 622 -10.46 -9.75 15.21
CA LEU A 622 -10.36 -11.02 15.91
C LEU A 622 -9.83 -10.71 17.28
N ARG A 623 -10.54 -11.16 18.31
CA ARG A 623 -10.10 -10.98 19.68
C ARG A 623 -9.89 -12.34 20.29
N PRO A 624 -9.16 -12.39 21.42
CA PRO A 624 -9.29 -13.45 22.40
C PRO A 624 -10.69 -13.60 22.97
N HIS A 625 -10.84 -14.56 23.88
CA HIS A 625 -12.13 -14.87 24.46
C HIS A 625 -11.97 -15.69 25.72
N GLU A 626 -12.99 -15.66 26.56
CA GLU A 626 -13.11 -16.50 27.77
C GLU A 626 -12.76 -17.99 27.51
N ASP A 627 -13.38 -18.59 26.50
CA ASP A 627 -13.31 -20.04 26.29
C ASP A 627 -11.93 -20.60 25.89
N GLY A 628 -10.98 -19.71 25.59
CA GLY A 628 -9.60 -20.11 25.27
C GLY A 628 -9.22 -19.86 23.81
N THR A 629 -10.21 -19.80 22.93
CA THR A 629 -9.99 -19.66 21.51
C THR A 629 -9.82 -18.21 21.11
N LEU A 630 -9.54 -17.98 19.82
CA LEU A 630 -9.71 -16.67 19.23
C LEU A 630 -11.17 -16.55 18.81
N HIS A 631 -11.70 -15.34 18.86
CA HIS A 631 -13.08 -15.04 18.43
C HIS A 631 -13.13 -13.84 17.49
N LEU A 632 -13.99 -13.93 16.48
CA LEU A 632 -14.14 -12.89 15.46
C LEU A 632 -15.28 -11.98 15.85
N TRP A 633 -15.06 -10.67 15.78
CA TRP A 633 -16.11 -9.70 16.06
C TRP A 633 -16.25 -8.71 14.93
N LYS A 634 -17.48 -8.29 14.73
CA LYS A 634 -17.81 -7.32 13.72
C LYS A 634 -18.95 -6.51 14.29
N PRO A 635 -19.02 -5.22 13.94
CA PRO A 635 -20.18 -4.42 14.31
C PRO A 635 -21.41 -5.07 13.75
N ALA A 636 -22.44 -5.21 14.59
CA ALA A 636 -23.73 -5.68 14.13
C ALA A 636 -24.80 -4.84 14.77
N VAL A 637 -26.03 -5.07 14.33
CA VAL A 637 -27.12 -4.18 14.67
C VAL A 637 -27.64 -4.50 16.06
N MET A 638 -27.75 -3.48 16.89
CA MET A 638 -28.06 -3.67 18.30
C MET A 638 -29.48 -4.12 18.50
N SER A 639 -29.68 -5.45 18.54
CA SER A 639 -31.00 -5.99 18.91
C SER A 639 -30.93 -7.07 19.99
N LYS A 640 -32.05 -7.23 20.69
CA LYS A 640 -32.28 -8.34 21.61
C LYS A 640 -31.93 -9.65 20.89
N SER A 641 -32.57 -9.84 19.73
CA SER A 641 -32.37 -11.02 18.90
C SER A 641 -30.91 -11.33 18.64
N LYS A 642 -30.13 -10.32 18.24
CA LYS A 642 -28.70 -10.51 18.01
C LYS A 642 -27.94 -10.73 19.32
N GLY A 643 -28.61 -10.55 20.46
CA GLY A 643 -27.99 -10.68 21.77
C GLY A 643 -26.79 -9.77 21.89
N ASN A 644 -27.02 -8.46 21.71
CA ASN A 644 -25.94 -7.46 21.74
C ASN A 644 -26.36 -6.05 22.12
N GLY A 645 -27.51 -5.91 22.78
CA GLY A 645 -28.02 -4.59 23.15
C GLY A 645 -27.45 -4.04 24.44
N VAL A 646 -26.97 -2.80 24.43
CA VAL A 646 -26.50 -2.21 25.68
C VAL A 646 -27.68 -1.71 26.50
N MET A 647 -27.87 -2.39 27.62
CA MET A 647 -29.06 -2.24 28.41
C MET A 647 -29.00 -0.91 29.14
N VAL A 648 -30.14 -0.23 29.24
CA VAL A 648 -30.16 1.12 29.81
C VAL A 648 -30.02 1.06 31.32
N GLY A 649 -30.92 0.31 31.96
CA GLY A 649 -30.98 0.25 33.42
C GLY A 649 -29.69 -0.21 34.07
N PRO A 650 -29.20 -1.38 33.64
CA PRO A 650 -27.92 -1.83 34.18
C PRO A 650 -26.87 -0.76 33.92
N PHE A 651 -26.76 -0.35 32.66
CA PHE A 651 -25.70 0.58 32.25
C PHE A 651 -25.68 1.86 33.06
N VAL A 652 -26.85 2.43 33.33
CA VAL A 652 -26.89 3.66 34.09
C VAL A 652 -26.18 3.49 35.41
N LYS A 653 -26.37 2.31 36.01
CA LYS A 653 -25.92 2.08 37.39
C LYS A 653 -24.41 1.98 37.48
N GLU A 654 -23.79 1.29 36.53
CA GLU A 654 -22.33 1.09 36.53
C GLU A 654 -21.60 2.16 35.70
N GLN A 655 -22.34 3.13 35.18
CA GLN A 655 -21.76 4.34 34.56
C GLN A 655 -22.67 5.54 34.89
N GLY A 656 -23.49 5.96 33.94
CA GLY A 656 -24.39 7.11 34.13
C GLY A 656 -25.27 7.39 32.93
N ALA A 657 -26.22 8.30 33.10
CA ALA A 657 -27.02 8.80 32.00
C ALA A 657 -26.24 9.78 31.10
N ASP A 658 -25.93 10.97 31.61
CA ASP A 658 -25.18 11.97 30.85
C ASP A 658 -24.14 11.28 29.94
N ILE A 659 -23.43 10.29 30.46
CA ILE A 659 -22.41 9.57 29.66
C ILE A 659 -23.10 8.80 28.54
N ALA A 660 -24.22 8.17 28.89
CA ALA A 660 -25.08 7.54 27.90
C ALA A 660 -25.35 8.55 26.80
N ARG A 661 -25.90 9.70 27.19
CA ARG A 661 -26.30 10.73 26.25
C ARG A 661 -25.15 11.25 25.43
N ILE A 662 -24.06 11.68 26.07
CA ILE A 662 -22.92 12.14 25.31
C ILE A 662 -22.48 11.04 24.31
N THR A 663 -22.61 9.78 24.69
CA THR A 663 -22.08 8.71 23.85
C THR A 663 -22.89 8.62 22.58
N ILE A 664 -24.21 8.49 22.72
CA ILE A 664 -25.12 8.32 21.57
C ILE A 664 -25.33 9.62 20.80
N LEU A 665 -25.02 10.75 21.41
CA LEU A 665 -25.03 12.01 20.70
C LEU A 665 -23.74 12.23 19.87
N PHE A 666 -22.58 12.31 20.53
CA PHE A 666 -21.33 12.81 19.88
C PHE A 666 -20.58 11.90 18.90
N ALA A 667 -21.06 10.67 18.63
CA ALA A 667 -20.33 9.77 17.71
C ALA A 667 -20.54 10.18 16.24
N ALA A 668 -21.66 9.76 15.66
CA ALA A 668 -21.95 10.05 14.29
C ALA A 668 -22.97 11.15 14.21
N PRO A 669 -23.16 11.70 12.99
CA PRO A 669 -24.30 12.56 12.78
C PRO A 669 -25.54 11.77 13.10
N PRO A 670 -26.63 12.45 13.41
CA PRO A 670 -27.80 11.75 13.84
C PRO A 670 -28.37 10.91 12.69
N GLU A 671 -28.35 11.47 11.48
CA GLU A 671 -28.99 10.80 10.35
C GLU A 671 -28.14 9.64 9.83
N ASN A 672 -26.85 9.62 10.21
CA ASN A 672 -25.99 8.45 10.03
C ASN A 672 -26.26 7.36 11.07
N GLU A 673 -25.87 6.14 10.73
CA GLU A 673 -25.84 5.03 11.68
C GLU A 673 -24.57 5.16 12.47
N MET A 674 -24.58 4.68 13.71
CA MET A 674 -23.44 4.86 14.60
C MET A 674 -23.13 3.55 15.26
N VAL A 675 -21.99 3.50 15.94
CA VAL A 675 -21.58 2.30 16.68
C VAL A 675 -21.26 2.61 18.15
N TRP A 676 -22.17 2.23 19.04
CA TRP A 676 -21.98 2.35 20.48
C TRP A 676 -20.76 1.52 20.90
N THR A 677 -19.87 2.04 21.75
CA THR A 677 -18.62 1.35 22.08
C THR A 677 -17.92 1.74 23.41
N GLU A 678 -17.19 0.80 24.01
CA GLU A 678 -16.31 1.05 25.18
C GLU A 678 -15.49 2.30 24.96
N GLU A 679 -14.75 2.30 23.85
CA GLU A 679 -13.92 3.41 23.42
C GLU A 679 -14.65 4.77 23.46
N GLY A 680 -15.94 4.79 23.11
CA GLY A 680 -16.73 6.02 23.11
C GLY A 680 -17.37 6.38 24.44
N VAL A 681 -17.81 5.36 25.18
CA VAL A 681 -18.39 5.53 26.53
C VAL A 681 -17.36 6.14 27.47
N GLN A 682 -16.11 5.73 27.31
CA GLN A 682 -15.02 6.33 28.04
C GLN A 682 -14.84 7.77 27.59
N GLY A 683 -14.73 7.98 26.28
CA GLY A 683 -14.67 9.35 25.74
C GLY A 683 -15.55 10.31 26.50
N ALA A 684 -16.83 9.96 26.58
CA ALA A 684 -17.77 10.66 27.42
C ALA A 684 -17.22 10.90 28.83
N TRP A 685 -16.83 9.83 29.52
CA TRP A 685 -16.27 9.89 30.90
C TRP A 685 -15.13 10.91 31.09
N ARG A 686 -14.29 11.04 30.07
CA ARG A 686 -13.25 12.08 30.00
C ARG A 686 -13.88 13.44 29.77
N PHE A 687 -14.58 13.59 28.66
CA PHE A 687 -15.18 14.88 28.38
C PHE A 687 -16.01 15.40 29.56
N LEU A 688 -16.72 14.55 30.28
CA LEU A 688 -17.59 15.02 31.37
C LEU A 688 -16.85 15.43 32.64
N ASN A 689 -15.62 14.98 32.80
CA ASN A 689 -14.86 15.35 33.97
C ASN A 689 -14.07 16.62 33.77
N ARG A 690 -13.47 16.78 32.60
CA ARG A 690 -12.87 18.07 32.24
C ARG A 690 -13.87 19.25 32.37
N ILE A 691 -15.16 19.01 32.14
CA ILE A 691 -16.20 19.95 32.57
C ILE A 691 -16.15 20.03 34.10
N TYR A 692 -16.31 18.90 34.79
CA TYR A 692 -16.46 18.93 36.23
C TYR A 692 -15.28 19.58 36.95
N ARG A 693 -14.09 19.03 36.77
CA ARG A 693 -12.90 19.50 37.46
C ARG A 693 -12.75 21.01 37.29
N ARG A 694 -12.79 21.47 36.04
CA ARG A 694 -12.57 22.89 35.69
C ARG A 694 -13.49 23.83 36.44
N VAL A 695 -14.71 23.39 36.72
CA VAL A 695 -15.61 24.11 37.58
C VAL A 695 -15.45 23.77 39.06
N ALA A 696 -14.87 22.62 39.38
CA ALA A 696 -14.54 22.33 40.77
C ALA A 696 -13.30 23.09 41.26
N GLU A 697 -12.29 23.16 40.41
CA GLU A 697 -11.03 23.86 40.71
C GLU A 697 -11.25 25.35 40.94
N ASP A 698 -12.37 25.86 40.44
CA ASP A 698 -12.68 27.28 40.50
C ASP A 698 -13.89 27.62 41.37
N ARG A 699 -14.35 26.67 42.21
CA ARG A 699 -15.57 26.90 42.99
C ARG A 699 -15.40 28.09 43.94
N GLU A 700 -14.27 28.16 44.65
CA GLU A 700 -14.00 29.26 45.58
C GLU A 700 -13.60 30.50 44.78
N ALA A 701 -12.77 30.28 43.76
CA ALA A 701 -12.29 31.35 42.89
C ALA A 701 -13.40 32.02 42.08
N LEU A 702 -14.62 31.48 42.10
CA LEU A 702 -15.75 32.10 41.42
C LEU A 702 -16.66 32.79 42.42
N LEU A 703 -17.20 32.04 43.38
CA LEU A 703 -18.10 32.60 44.40
C LEU A 703 -17.77 34.06 44.74
N GLU A 704 -16.50 34.33 45.04
CA GLU A 704 -16.01 35.69 45.33
C GLU A 704 -15.62 36.48 44.05
N THR A 705 -16.43 36.33 43.01
CA THR A 705 -16.24 37.00 41.71
C THR A 705 -17.60 37.33 41.08
N SER A 706 -17.65 38.46 40.39
CA SER A 706 -18.87 38.95 39.79
C SER A 706 -18.79 38.72 38.29
N GLY A 707 -19.88 38.22 37.72
CA GLY A 707 -19.95 37.98 36.27
C GLY A 707 -20.40 39.21 35.49
N VAL A 708 -20.00 40.39 35.95
CA VAL A 708 -20.34 41.66 35.33
C VAL A 708 -19.05 42.35 34.90
N PHE A 709 -19.07 42.93 33.70
CA PHE A 709 -17.89 43.54 33.09
C PHE A 709 -18.24 44.27 31.80
N GLN A 710 -17.55 45.38 31.54
CA GLN A 710 -17.82 46.21 30.36
C GLN A 710 -17.32 45.51 29.09
N ALA A 711 -18.26 45.07 28.26
CA ALA A 711 -17.98 44.20 27.13
C ALA A 711 -16.75 44.63 26.32
N GLU A 712 -16.74 45.89 25.89
CA GLU A 712 -15.74 46.44 24.97
C GLU A 712 -14.44 46.86 25.65
N ALA A 713 -14.35 46.68 26.97
CA ALA A 713 -13.15 47.03 27.73
C ALA A 713 -12.40 45.79 28.18
N LEU A 714 -12.80 44.62 27.70
CA LEU A 714 -11.98 43.44 27.87
C LEU A 714 -10.82 43.55 26.89
N GLU A 715 -9.61 43.36 27.39
CA GLU A 715 -8.42 43.50 26.56
C GLU A 715 -7.54 42.24 26.66
N GLY A 716 -6.76 41.99 25.62
CA GLY A 716 -5.78 40.90 25.65
C GLY A 716 -6.42 39.53 25.54
N LYS A 717 -6.30 38.74 26.60
CA LYS A 717 -6.78 37.34 26.58
C LYS A 717 -8.22 37.24 27.07
N ASP A 718 -8.59 38.12 28.00
CA ASP A 718 -9.99 38.24 28.38
C ASP A 718 -10.80 38.65 27.17
N ARG A 719 -10.17 39.36 26.24
CA ARG A 719 -10.82 39.83 25.01
C ARG A 719 -10.98 38.70 24.00
N GLU A 720 -9.97 37.84 23.94
CA GLU A 720 -9.96 36.69 23.02
C GLU A 720 -11.04 35.70 23.45
N LEU A 721 -10.93 35.22 24.69
CA LEU A 721 -11.83 34.21 25.22
C LEU A 721 -13.27 34.62 24.96
N TYR A 722 -13.64 35.78 25.47
CA TYR A 722 -15.00 36.29 25.29
C TYR A 722 -15.48 36.26 23.83
N GLY A 723 -14.56 36.50 22.90
CA GLY A 723 -14.87 36.34 21.49
C GLY A 723 -15.18 34.87 21.21
N LYS A 724 -14.24 34.01 21.57
CA LYS A 724 -14.33 32.56 21.32
C LYS A 724 -15.63 31.98 21.83
N LEU A 725 -15.96 32.32 23.06
CA LEU A 725 -17.22 31.93 23.66
C LEU A 725 -18.32 32.19 22.67
N HIS A 726 -18.54 33.47 22.37
CA HIS A 726 -19.67 33.89 21.56
C HIS A 726 -19.66 33.28 20.15
N GLU A 727 -18.47 33.00 19.66
CA GLU A 727 -18.32 32.25 18.42
C GLU A 727 -18.89 30.85 18.70
N THR A 728 -18.55 30.30 19.88
CA THR A 728 -19.01 28.97 20.26
C THR A 728 -20.53 28.92 20.37
N LEU A 729 -21.08 29.82 21.18
CA LEU A 729 -22.53 29.91 21.32
C LEU A 729 -23.24 29.82 19.95
N LYS A 730 -22.87 30.72 19.02
CA LYS A 730 -23.39 30.74 17.65
C LYS A 730 -23.41 29.35 17.01
N LYS A 731 -22.34 28.60 17.24
CA LYS A 731 -22.25 27.22 16.73
C LYS A 731 -23.09 26.20 17.52
N VAL A 732 -23.11 26.32 18.84
CA VAL A 732 -23.97 25.43 19.63
C VAL A 732 -25.42 25.71 19.27
N THR A 733 -25.74 27.00 19.14
CA THR A 733 -27.10 27.43 18.88
C THR A 733 -27.52 27.13 17.44
N GLU A 734 -26.68 27.47 16.46
CA GLU A 734 -27.02 27.12 15.07
C GLU A 734 -27.13 25.59 14.86
N ASP A 735 -26.34 24.82 15.60
CA ASP A 735 -26.36 23.36 15.48
C ASP A 735 -27.40 22.66 16.32
N LEU A 736 -28.02 23.36 17.25
CA LEU A 736 -29.25 22.84 17.83
C LEU A 736 -30.39 22.98 16.83
N GLU A 737 -30.47 24.13 16.15
CA GLU A 737 -31.61 24.42 15.25
C GLU A 737 -31.61 23.48 14.04
N ALA A 738 -30.42 23.24 13.50
CA ALA A 738 -30.26 22.29 12.40
C ALA A 738 -30.51 20.80 12.77
N LEU A 739 -30.47 20.46 14.07
CA LEU A 739 -30.40 19.06 14.53
C LEU A 739 -29.05 18.39 14.18
N ARG A 740 -27.95 19.08 14.50
CA ARG A 740 -26.60 18.60 14.21
C ARG A 740 -25.86 18.41 15.51
N PHE A 741 -26.43 17.59 16.37
CA PHE A 741 -25.95 17.51 17.76
C PHE A 741 -24.53 16.90 17.91
N ASN A 742 -24.12 15.98 17.02
CA ASN A 742 -22.73 15.49 16.97
C ASN A 742 -21.74 16.64 17.04
N THR A 743 -21.80 17.51 16.04
CA THR A 743 -20.83 18.59 15.84
C THR A 743 -21.10 19.73 16.75
N ALA A 744 -22.37 19.84 17.13
CA ALA A 744 -22.81 20.79 18.13
C ALA A 744 -21.96 20.60 19.37
N ILE A 745 -21.84 19.35 19.83
CA ILE A 745 -21.12 19.08 21.06
C ILE A 745 -19.67 19.25 20.78
N ALA A 746 -19.15 18.60 19.75
CA ALA A 746 -17.75 18.79 19.42
C ALA A 746 -17.41 20.25 19.72
N ALA A 747 -18.20 21.15 19.14
CA ALA A 747 -17.95 22.58 19.30
C ALA A 747 -17.94 23.07 20.75
N LEU A 748 -18.70 22.39 21.62
CA LEU A 748 -18.69 22.64 23.07
C LEU A 748 -17.40 22.20 23.75
N MET A 749 -16.78 21.12 23.25
CA MET A 749 -15.54 20.55 23.83
C MET A 749 -14.36 21.45 23.45
N GLU A 750 -14.39 21.92 22.20
CA GLU A 750 -13.38 22.82 21.65
C GLU A 750 -13.15 24.03 22.53
N PHE A 751 -14.25 24.58 23.03
CA PHE A 751 -14.19 25.71 23.95
C PHE A 751 -13.62 25.22 25.30
N LEU A 752 -14.09 24.07 25.77
CA LEU A 752 -13.56 23.55 27.03
C LEU A 752 -12.05 23.48 26.96
N ASN A 753 -11.54 22.84 25.91
CA ASN A 753 -10.10 22.85 25.68
C ASN A 753 -9.61 24.28 25.85
N ALA A 754 -10.13 25.19 25.02
CA ALA A 754 -9.73 26.61 25.04
C ALA A 754 -9.85 27.27 26.42
N LEU A 755 -10.81 26.81 27.22
CA LEU A 755 -10.96 27.26 28.62
C LEU A 755 -9.87 26.73 29.56
N TYR A 756 -9.32 25.56 29.24
CA TYR A 756 -8.15 25.09 29.95
C TYR A 756 -6.96 25.94 29.51
N GLU A 757 -6.80 26.15 28.21
CA GLU A 757 -5.72 27.00 27.67
C GLU A 757 -5.86 28.45 28.11
N TYR A 758 -7.08 28.89 28.41
CA TYR A 758 -7.26 30.22 28.96
C TYR A 758 -6.67 30.32 30.35
N ARG A 759 -6.97 29.34 31.20
CA ARG A 759 -6.61 29.45 32.62
C ARG A 759 -5.12 29.29 32.89
N LYS A 760 -4.41 28.66 31.96
CA LYS A 760 -2.95 28.43 32.06
C LYS A 760 -2.14 29.70 32.35
N ASP A 761 -2.55 30.84 31.82
CA ASP A 761 -1.85 32.11 32.05
C ASP A 761 -2.74 33.18 32.67
N ARG A 762 -3.97 32.83 33.04
CA ARG A 762 -5.01 33.84 33.16
C ARG A 762 -6.06 33.41 34.19
N PRO A 763 -6.12 34.09 35.34
CA PRO A 763 -6.95 33.60 36.45
C PRO A 763 -8.43 33.96 36.34
N VAL A 764 -9.21 33.45 37.28
CA VAL A 764 -10.66 33.64 37.27
C VAL A 764 -11.02 35.11 37.17
N THR A 765 -11.36 35.52 35.95
CA THR A 765 -11.85 36.88 35.69
C THR A 765 -13.33 36.88 35.34
N PRO A 766 -14.01 38.03 35.54
CA PRO A 766 -15.43 38.12 35.24
C PRO A 766 -15.79 37.37 33.97
N VAL A 767 -15.14 37.75 32.86
CA VAL A 767 -15.36 37.08 31.60
C VAL A 767 -15.49 35.57 31.82
N TYR A 768 -14.56 34.99 32.59
CA TYR A 768 -14.44 33.54 32.75
C TYR A 768 -15.63 32.96 33.48
N ARG A 769 -16.14 33.68 34.46
CA ARG A 769 -17.33 33.24 35.17
C ARG A 769 -18.50 33.24 34.20
N THR A 770 -18.69 34.38 33.52
CA THR A 770 -19.72 34.50 32.48
C THR A 770 -19.47 33.51 31.33
N ALA A 771 -18.20 33.23 31.07
CA ALA A 771 -17.85 32.11 30.21
C ALA A 771 -18.43 30.82 30.79
N ILE A 772 -18.36 30.60 32.10
CA ILE A 772 -19.01 29.41 32.70
C ILE A 772 -20.54 29.48 32.67
N ARG A 773 -21.16 30.49 33.32
CA ARG A 773 -22.64 30.63 33.28
C ARG A 773 -23.15 30.16 31.91
N TYR A 774 -22.60 30.73 30.85
CA TYR A 774 -22.94 30.32 29.48
C TYR A 774 -22.71 28.82 29.21
N TYR A 775 -21.48 28.36 29.40
CA TYR A 775 -21.13 26.98 29.06
C TYR A 775 -22.20 26.05 29.61
N LEU A 776 -22.48 26.18 30.91
CA LEU A 776 -23.40 25.27 31.60
C LEU A 776 -24.83 25.28 31.04
N GLN A 777 -25.34 26.43 30.63
CA GLN A 777 -26.64 26.51 29.95
C GLN A 777 -26.53 25.88 28.56
N MET A 778 -25.38 26.04 27.93
CA MET A 778 -25.12 25.41 26.64
C MET A 778 -25.01 23.89 26.79
N LEU A 779 -24.81 23.41 28.03
CA LEU A 779 -24.65 21.97 28.28
C LEU A 779 -25.94 21.29 28.69
N PHE A 780 -26.85 22.04 29.27
CA PHE A 780 -28.09 21.49 29.83
C PHE A 780 -28.87 20.60 28.86
N PRO A 781 -28.88 20.94 27.56
CA PRO A 781 -29.65 20.02 26.73
C PRO A 781 -29.10 18.57 26.70
N PHE A 782 -27.78 18.40 26.79
CA PHE A 782 -27.13 17.10 26.52
C PHE A 782 -26.80 16.37 27.84
N ALA A 783 -26.13 17.07 28.73
CA ALA A 783 -25.69 16.51 29.97
C ALA A 783 -26.44 17.19 31.07
N PRO A 784 -27.77 17.08 31.06
CA PRO A 784 -28.52 18.00 31.89
C PRO A 784 -28.11 17.97 33.34
N HIS A 785 -27.74 16.80 33.86
CA HIS A 785 -27.55 16.61 35.31
C HIS A 785 -26.24 17.21 35.83
N LEU A 786 -25.14 16.85 35.20
CA LEU A 786 -23.88 17.49 35.50
C LEU A 786 -23.99 18.98 35.17
N ALA A 787 -24.86 19.33 34.20
CA ALA A 787 -25.09 20.73 33.86
C ALA A 787 -25.85 21.50 34.95
N GLU A 788 -26.74 20.80 35.64
CA GLU A 788 -27.51 21.38 36.75
C GLU A 788 -26.70 21.40 38.04
N GLU A 789 -25.85 20.40 38.26
CA GLU A 789 -25.10 20.33 39.49
C GLU A 789 -24.13 21.50 39.63
N LEU A 790 -23.43 21.78 38.54
CA LEU A 790 -22.45 22.87 38.53
C LEU A 790 -23.14 24.24 38.59
N TRP A 791 -24.26 24.39 37.89
CA TRP A 791 -25.01 25.62 37.96
C TRP A 791 -25.33 25.93 39.40
N HIS A 792 -25.97 24.98 40.09
CA HIS A 792 -26.48 25.21 41.44
C HIS A 792 -25.39 25.39 42.51
N TRP A 793 -24.13 25.10 42.15
CA TRP A 793 -23.03 25.48 43.01
C TRP A 793 -22.97 26.98 43.19
N PHE A 794 -23.51 27.72 42.22
CA PHE A 794 -23.46 29.17 42.27
C PHE A 794 -24.83 29.81 42.28
N TRP A 795 -25.69 29.43 41.35
CA TRP A 795 -26.95 30.16 41.15
C TRP A 795 -28.15 29.49 41.86
N PRO A 796 -29.13 30.30 42.27
CA PRO A 796 -30.15 29.81 43.20
C PRO A 796 -31.25 29.01 42.51
N ASP A 797 -31.50 29.29 41.23
CA ASP A 797 -32.60 28.67 40.50
C ASP A 797 -32.12 27.66 39.45
N SER A 798 -33.06 26.91 38.86
CA SER A 798 -32.76 25.90 37.81
C SER A 798 -32.25 26.45 36.48
N LEU A 799 -31.60 25.57 35.71
CA LEU A 799 -31.18 25.89 34.35
C LEU A 799 -32.37 26.05 33.41
N PHE A 800 -33.52 25.49 33.79
CA PHE A 800 -34.70 25.58 32.94
C PHE A 800 -35.23 26.98 32.91
N GLU A 801 -35.01 27.72 33.99
CA GLU A 801 -35.53 29.08 34.09
C GLU A 801 -34.49 30.03 33.49
N ALA A 802 -33.24 29.59 33.44
CA ALA A 802 -32.11 30.45 33.13
C ALA A 802 -32.16 31.16 31.80
N GLY A 803 -32.92 30.61 30.84
CA GLY A 803 -33.06 31.21 29.53
C GLY A 803 -31.87 30.92 28.63
N TRP A 804 -32.09 30.78 27.34
CA TRP A 804 -30.99 30.52 26.41
C TRP A 804 -30.08 31.74 26.21
N PRO A 805 -28.81 31.63 26.63
CA PRO A 805 -27.85 32.72 26.51
C PRO A 805 -27.90 33.49 25.18
N GLU A 806 -27.88 34.82 25.29
CA GLU A 806 -28.09 35.70 24.14
C GLU A 806 -26.78 36.05 23.46
N LEU A 807 -26.82 36.08 22.12
CA LEU A 807 -25.61 36.23 21.31
C LEU A 807 -25.22 37.69 21.13
N ASP A 808 -23.91 37.94 21.23
CA ASP A 808 -23.34 39.26 21.02
C ASP A 808 -22.55 39.18 19.74
N GLU A 809 -23.15 39.69 18.66
CA GLU A 809 -22.60 39.61 17.31
C GLU A 809 -21.23 40.27 17.15
N LYS A 810 -20.97 41.30 17.95
CA LYS A 810 -19.76 42.10 17.83
C LYS A 810 -18.55 41.47 18.51
N ALA A 811 -18.73 40.27 19.06
CA ALA A 811 -17.61 39.45 19.56
C ALA A 811 -17.03 38.60 18.45
N LEU A 812 -17.85 38.35 17.44
CA LEU A 812 -17.46 37.54 16.27
C LEU A 812 -16.53 38.30 15.33
N GLU A 813 -16.44 39.62 15.48
CA GLU A 813 -15.63 40.44 14.59
C GLU A 813 -14.14 40.11 14.78
N LYS A 814 -13.53 39.55 13.74
CA LYS A 814 -12.17 39.04 13.84
C LYS A 814 -11.18 40.20 13.67
N ASP A 815 -10.23 40.31 14.59
CA ASP A 815 -9.17 41.32 14.50
C ASP A 815 -7.81 40.68 14.80
N VAL A 816 -6.92 40.78 13.84
CA VAL A 816 -5.66 40.01 13.78
C VAL A 816 -5.95 38.53 13.56
N VAL A 817 -6.23 38.23 12.30
CA VAL A 817 -6.51 36.90 11.84
C VAL A 817 -5.21 36.09 11.87
N GLU A 818 -5.28 34.82 11.46
CA GLU A 818 -4.09 34.12 10.98
C GLU A 818 -4.28 33.88 9.48
N VAL A 819 -3.39 34.46 8.68
CA VAL A 819 -3.55 34.53 7.23
C VAL A 819 -2.44 33.74 6.55
N ALA A 820 -2.83 32.84 5.63
CA ALA A 820 -1.89 31.93 4.98
C ALA A 820 -1.22 32.58 3.79
N VAL A 821 0.10 32.49 3.73
CA VAL A 821 0.88 32.96 2.58
C VAL A 821 1.11 31.78 1.66
N GLN A 822 0.79 31.96 0.38
CA GLN A 822 1.09 30.93 -0.63
C GLN A 822 1.77 31.55 -1.85
N VAL A 823 2.64 30.78 -2.47
CA VAL A 823 3.26 31.19 -3.73
C VAL A 823 3.05 30.09 -4.75
N ASN A 824 2.28 30.41 -5.78
CA ASN A 824 1.87 29.43 -6.78
C ASN A 824 1.13 28.27 -6.08
N GLY A 825 0.19 28.61 -5.22
CA GLY A 825 -0.72 27.63 -4.65
C GLY A 825 -0.21 26.91 -3.41
N ARG A 826 1.07 26.56 -3.40
CA ARG A 826 1.66 25.86 -2.27
C ARG A 826 1.70 26.76 -1.02
N VAL A 827 0.91 26.38 0.00
CA VAL A 827 0.79 27.19 1.22
C VAL A 827 2.11 27.20 1.98
N ARG A 828 3.02 28.06 1.51
CA ARG A 828 4.37 28.20 2.06
C ARG A 828 4.33 28.31 3.59
N GLY A 829 3.58 29.29 4.10
CA GLY A 829 3.42 29.50 5.55
C GLY A 829 2.31 30.47 5.97
N THR A 830 2.13 30.63 7.28
CA THR A 830 1.08 31.49 7.83
C THR A 830 1.65 32.71 8.57
N ILE A 831 0.96 33.84 8.47
CA ILE A 831 1.31 35.08 9.18
C ILE A 831 0.11 35.61 9.94
N HIS A 832 0.37 36.56 10.84
CA HIS A 832 -0.67 37.15 11.70
C HIS A 832 -0.78 38.66 11.46
N ILE A 833 -1.90 39.08 10.86
CA ILE A 833 -2.14 40.50 10.59
C ILE A 833 -3.64 40.79 10.65
N PRO A 834 -4.02 42.02 11.02
CA PRO A 834 -5.44 42.37 11.08
C PRO A 834 -6.20 42.11 9.78
N LYS A 835 -7.50 41.87 9.89
CA LYS A 835 -8.33 41.56 8.73
C LYS A 835 -8.09 42.54 7.58
N ASP A 836 -8.28 43.83 7.88
CA ASP A 836 -8.20 44.88 6.85
C ASP A 836 -6.76 45.30 6.60
N ALA A 837 -5.81 44.79 7.40
CA ALA A 837 -4.40 45.08 7.20
C ALA A 837 -4.11 44.95 5.73
N PRO A 838 -3.80 46.05 5.06
CA PRO A 838 -3.86 46.00 3.60
C PRO A 838 -2.68 45.29 2.96
N LEU A 839 -2.82 45.03 1.67
CA LEU A 839 -1.81 44.36 0.85
C LEU A 839 -0.37 44.72 1.28
N GLU A 840 -0.12 46.01 1.39
CA GLU A 840 1.23 46.51 1.62
C GLU A 840 1.85 45.98 2.93
N VAL A 841 1.01 45.63 3.91
CA VAL A 841 1.49 45.12 5.21
C VAL A 841 1.82 43.65 5.11
N ALA A 842 0.88 42.87 4.58
CA ALA A 842 1.03 41.42 4.50
C ALA A 842 2.32 41.08 3.79
N ARG A 843 2.55 41.74 2.64
CA ARG A 843 3.81 41.62 1.91
C ARG A 843 4.97 41.62 2.88
N ALA A 844 5.02 42.68 3.70
CA ALA A 844 6.10 42.86 4.66
C ALA A 844 6.23 41.67 5.62
N GLU A 845 5.14 41.32 6.28
CA GLU A 845 5.17 40.27 7.31
C GLU A 845 5.40 38.86 6.74
N ALA A 846 5.10 38.67 5.46
CA ALA A 846 5.32 37.38 4.81
C ALA A 846 6.81 37.17 4.47
N LEU A 847 7.40 38.19 3.85
CA LEU A 847 8.80 38.16 3.38
C LEU A 847 9.86 37.63 4.39
N LYS A 848 9.46 37.34 5.62
CA LYS A 848 10.39 36.88 6.64
C LYS A 848 9.69 35.89 7.56
N VAL A 849 9.13 34.85 6.95
CA VAL A 849 8.25 33.89 7.65
C VAL A 849 9.02 32.92 8.59
N ARG A 850 8.34 31.88 9.09
CA ARG A 850 8.95 30.84 9.93
C ARG A 850 10.29 30.31 9.39
N ASN A 851 10.26 29.80 8.15
CA ASN A 851 11.46 29.27 7.47
C ASN A 851 11.84 30.08 6.20
N VAL A 852 11.52 31.38 6.25
CA VAL A 852 11.58 32.31 5.10
C VAL A 852 11.19 31.64 3.76
N ARG A 853 10.22 30.74 3.87
CA ARG A 853 9.77 29.89 2.76
C ARG A 853 9.25 30.75 1.61
N ALA A 854 8.66 31.90 1.93
CA ALA A 854 8.19 32.84 0.90
C ALA A 854 9.32 33.29 -0.04
N HIS A 855 10.51 33.51 0.51
CA HIS A 855 11.70 33.85 -0.29
C HIS A 855 12.26 32.63 -1.01
N LEU A 856 12.24 31.47 -0.33
CA LEU A 856 12.81 30.21 -0.86
C LEU A 856 12.50 29.98 -2.37
N GLU A 857 11.33 30.42 -2.82
CA GLU A 857 10.95 30.30 -4.24
C GLU A 857 10.19 31.52 -4.80
N GLY A 858 10.43 32.71 -4.22
CA GLY A 858 9.79 33.96 -4.68
C GLY A 858 10.77 35.02 -5.16
N LYS A 859 11.69 34.62 -6.05
CA LYS A 859 12.78 35.49 -6.53
C LYS A 859 12.48 36.16 -7.88
N GLU A 860 11.20 36.20 -8.25
CA GLU A 860 10.76 36.84 -9.49
C GLU A 860 9.49 37.68 -9.21
N VAL A 861 8.35 37.02 -9.03
CA VAL A 861 7.03 37.65 -8.83
C VAL A 861 6.56 38.55 -10.01
N VAL A 862 5.29 38.41 -10.35
CA VAL A 862 4.69 39.17 -11.44
C VAL A 862 3.42 39.84 -10.90
N LYS A 863 2.27 39.16 -10.99
CA LYS A 863 1.06 39.58 -10.29
C LYS A 863 1.16 39.14 -8.82
N GLU A 864 0.32 39.73 -7.97
CA GLU A 864 0.23 39.36 -6.55
C GLU A 864 -1.25 39.40 -6.16
N ILE A 865 -1.69 38.42 -5.37
CA ILE A 865 -3.09 38.34 -4.96
C ILE A 865 -3.29 38.25 -3.44
N TYR A 866 -3.71 39.37 -2.85
CA TYR A 866 -4.14 39.42 -1.46
C TYR A 866 -5.64 39.18 -1.46
N VAL A 867 -6.17 38.88 -0.28
CA VAL A 867 -7.61 38.83 -0.06
C VAL A 867 -7.83 38.96 1.44
N PRO A 868 -8.25 40.16 1.90
CA PRO A 868 -8.29 40.55 3.32
C PRO A 868 -8.52 39.44 4.34
N GLY A 869 -9.46 38.55 4.04
CA GLY A 869 -9.82 37.45 4.93
C GLY A 869 -8.66 36.64 5.46
N LYS A 870 -8.13 35.73 4.64
CA LYS A 870 -7.11 34.79 5.13
C LYS A 870 -6.13 34.26 4.08
N ILE A 871 -5.85 35.02 3.03
CA ILE A 871 -4.94 34.50 2.01
C ILE A 871 -4.18 35.55 1.24
N LEU A 872 -2.91 35.26 0.98
CA LEU A 872 -2.03 36.12 0.22
C LEU A 872 -1.20 35.23 -0.71
N ASN A 873 -1.43 35.32 -2.02
CA ASN A 873 -0.70 34.48 -2.97
C ASN A 873 0.24 35.23 -3.91
N LEU A 874 1.50 34.78 -3.95
CA LEU A 874 2.52 35.35 -4.80
C LEU A 874 2.70 34.49 -6.05
N VAL A 875 2.79 35.12 -7.22
CA VAL A 875 2.88 34.43 -8.52
C VAL A 875 4.30 34.48 -9.11
N VAL A 876 4.48 33.92 -10.31
CA VAL A 876 5.77 33.86 -10.98
C VAL A 876 5.57 33.60 -12.49
N MET C 1 9.80 -44.58 -21.32
CA MET C 1 10.99 -43.69 -21.28
C MET C 1 11.70 -43.73 -19.91
N GLU C 2 13.04 -43.80 -19.95
CA GLU C 2 13.90 -43.76 -18.75
C GLU C 2 14.10 -42.31 -18.28
N LYS C 3 15.16 -42.05 -17.50
CA LYS C 3 15.28 -40.74 -16.83
C LYS C 3 16.73 -40.28 -16.61
N TYR C 4 16.86 -39.01 -16.25
CA TYR C 4 18.16 -38.33 -16.06
C TYR C 4 18.85 -38.75 -14.75
N ASN C 5 20.05 -39.32 -14.88
CA ASN C 5 20.91 -39.66 -13.72
C ASN C 5 22.25 -38.92 -13.82
N PRO C 6 22.40 -37.83 -13.05
CA PRO C 6 23.68 -37.11 -13.00
C PRO C 6 24.83 -38.01 -12.52
N HIS C 7 24.63 -38.66 -11.38
CA HIS C 7 25.67 -39.48 -10.74
C HIS C 7 26.21 -40.52 -11.72
N ALA C 8 25.31 -41.02 -12.57
CA ALA C 8 25.65 -42.04 -13.56
C ALA C 8 26.58 -41.53 -14.66
N ILE C 9 26.36 -40.28 -15.10
CA ILE C 9 27.05 -39.77 -16.28
C ILE C 9 28.07 -38.66 -16.02
N GLU C 10 27.85 -37.85 -14.99
CA GLU C 10 28.69 -36.66 -14.79
C GLU C 10 30.14 -36.96 -14.39
N ALA C 11 30.44 -38.19 -14.01
CA ALA C 11 31.82 -38.61 -13.76
C ALA C 11 32.41 -39.35 -14.98
N LYS C 12 31.53 -39.89 -15.84
CA LYS C 12 31.92 -40.62 -17.06
C LYS C 12 32.70 -39.73 -18.00
N TRP C 13 32.07 -38.61 -18.37
CA TRP C 13 32.64 -37.67 -19.32
C TRP C 13 33.85 -36.91 -18.77
N GLN C 14 33.85 -36.64 -17.47
CA GLN C 14 35.02 -36.05 -16.81
C GLN C 14 36.29 -36.83 -17.15
N ARG C 15 36.26 -38.12 -16.86
CA ARG C 15 37.42 -38.98 -17.08
C ARG C 15 37.73 -39.17 -18.57
N PHE C 16 36.75 -38.91 -19.43
CA PHE C 16 36.96 -38.88 -20.90
C PHE C 16 37.56 -37.56 -21.36
N TRP C 17 37.19 -36.46 -20.69
CA TRP C 17 37.72 -35.15 -21.02
C TRP C 17 39.21 -34.97 -20.64
N GLU C 18 39.73 -35.85 -19.78
CA GLU C 18 41.14 -35.80 -19.35
C GLU C 18 42.04 -36.75 -20.16
N GLU C 19 41.46 -37.82 -20.70
CA GLU C 19 42.19 -38.75 -21.56
C GLU C 19 42.49 -38.11 -22.91
N LYS C 20 41.42 -37.65 -23.57
CA LYS C 20 41.51 -37.09 -24.94
C LYS C 20 42.18 -35.71 -25.01
N GLY C 21 42.40 -35.08 -23.85
CA GLY C 21 43.22 -33.87 -23.76
C GLY C 21 42.77 -32.74 -24.66
N PHE C 22 41.66 -32.12 -24.30
CA PHE C 22 41.07 -31.07 -25.11
C PHE C 22 41.68 -29.72 -24.75
N MET C 23 41.67 -29.40 -23.46
CA MET C 23 42.22 -28.11 -22.99
C MET C 23 43.73 -28.17 -22.77
N LYS C 24 44.41 -28.99 -23.57
CA LYS C 24 45.85 -28.84 -23.76
C LYS C 24 46.04 -27.64 -24.68
N ALA C 25 46.76 -26.62 -24.21
CA ALA C 25 47.01 -25.42 -24.99
C ALA C 25 48.22 -25.63 -25.87
N LYS C 26 48.01 -25.63 -27.18
CA LYS C 26 49.09 -25.81 -28.15
C LYS C 26 50.29 -24.92 -27.76
N ASP C 27 51.50 -25.50 -27.75
CA ASP C 27 52.67 -24.85 -27.10
C ASP C 27 52.93 -23.44 -27.63
N LEU C 28 52.96 -23.28 -28.95
CA LEU C 28 52.77 -21.98 -29.59
C LEU C 28 51.46 -22.04 -30.33
N PRO C 29 50.74 -20.91 -30.41
CA PRO C 29 49.45 -20.90 -31.08
C PRO C 29 49.56 -20.58 -32.56
N GLY C 30 48.77 -21.27 -33.38
CA GLY C 30 48.78 -21.10 -34.83
C GLY C 30 48.02 -19.88 -35.33
N GLY C 31 47.56 -19.97 -36.59
CA GLY C 31 46.87 -18.85 -37.26
C GLY C 31 45.35 -18.81 -37.09
N ARG C 32 44.76 -19.87 -36.53
CA ARG C 32 43.31 -19.94 -36.30
C ARG C 32 42.83 -18.87 -35.27
N GLY C 33 43.74 -18.42 -34.42
CA GLY C 33 43.45 -17.42 -33.40
C GLY C 33 43.73 -17.99 -32.03
N LYS C 34 43.58 -17.16 -31.00
CA LYS C 34 43.80 -17.59 -29.64
C LYS C 34 43.04 -16.73 -28.63
N GLN C 35 42.55 -17.37 -27.58
CA GLN C 35 41.96 -16.68 -26.45
C GLN C 35 42.69 -17.18 -25.23
N TYR C 36 43.12 -16.26 -24.39
CA TYR C 36 43.78 -16.60 -23.13
C TYR C 36 42.81 -16.34 -22.00
N VAL C 37 42.13 -17.41 -21.55
CA VAL C 37 41.12 -17.30 -20.51
C VAL C 37 41.73 -17.64 -19.16
N LEU C 38 41.71 -16.68 -18.23
CA LEU C 38 42.36 -16.87 -16.94
C LEU C 38 41.46 -16.41 -15.81
N VAL C 39 41.08 -17.36 -14.97
CA VAL C 39 40.53 -17.05 -13.66
C VAL C 39 41.71 -16.86 -12.71
N MET C 40 41.53 -16.01 -11.70
CA MET C 40 42.56 -15.79 -10.71
C MET C 40 42.81 -17.08 -9.93
N PHE C 41 44.07 -17.50 -9.89
CA PHE C 41 44.45 -18.72 -9.18
C PHE C 41 44.41 -18.45 -7.68
N PRO C 42 44.08 -19.47 -6.87
CA PRO C 42 43.65 -19.22 -5.52
C PRO C 42 44.75 -19.30 -4.48
N TYR C 43 44.45 -18.78 -3.29
CA TYR C 43 45.24 -19.09 -2.12
C TYR C 43 44.83 -20.47 -1.65
N PRO C 44 45.80 -21.35 -1.44
CA PRO C 44 45.49 -22.53 -0.65
C PRO C 44 45.31 -22.08 0.81
N SER C 45 44.06 -22.11 1.28
CA SER C 45 43.72 -21.69 2.64
C SER C 45 42.41 -22.36 3.04
N GLY C 46 42.46 -23.67 3.26
CA GLY C 46 41.24 -24.44 3.52
C GLY C 46 40.48 -24.73 2.23
N ASP C 47 39.59 -25.72 2.28
CA ASP C 47 38.94 -26.24 1.07
C ASP C 47 37.92 -25.25 0.43
N LEU C 48 37.63 -25.48 -0.85
CA LEU C 48 36.74 -24.63 -1.64
C LEU C 48 35.26 -25.01 -1.49
N HIS C 49 34.40 -24.04 -1.77
CA HIS C 49 32.95 -24.22 -1.78
C HIS C 49 32.36 -23.59 -3.04
N MET C 50 31.05 -23.78 -3.26
CA MET C 50 30.35 -23.19 -4.42
C MET C 50 30.72 -21.72 -4.65
N GLY C 51 30.98 -20.99 -3.56
CA GLY C 51 31.33 -19.58 -3.65
C GLY C 51 32.43 -19.30 -4.63
N HIS C 52 33.59 -19.89 -4.38
CA HIS C 52 34.75 -19.70 -5.25
C HIS C 52 34.52 -20.34 -6.62
N LEU C 53 33.67 -21.37 -6.67
CA LEU C 53 33.42 -22.11 -7.91
C LEU C 53 32.76 -21.25 -8.99
N LYS C 54 32.03 -20.21 -8.58
CA LYS C 54 31.46 -19.23 -9.52
C LYS C 54 32.56 -18.75 -10.49
N ASN C 55 33.64 -18.22 -9.92
CA ASN C 55 34.78 -17.73 -10.71
C ASN C 55 35.24 -18.76 -11.72
N TYR C 56 35.74 -19.89 -11.24
CA TYR C 56 36.33 -20.90 -12.10
C TYR C 56 35.32 -21.42 -13.14
N THR C 57 34.07 -21.53 -12.70
CA THR C 57 32.99 -21.93 -13.58
C THR C 57 32.79 -20.93 -14.70
N MET C 58 32.93 -19.64 -14.39
CA MET C 58 32.76 -18.60 -15.40
C MET C 58 33.76 -18.78 -16.54
N GLY C 59 35.04 -18.78 -16.20
CA GLY C 59 36.08 -19.06 -17.17
C GLY C 59 35.76 -20.37 -17.89
N ASP C 60 35.71 -21.47 -17.14
CA ASP C 60 35.46 -22.79 -17.71
C ASP C 60 34.50 -22.75 -18.90
N VAL C 61 33.35 -22.12 -18.69
CA VAL C 61 32.32 -22.03 -19.72
C VAL C 61 32.82 -21.25 -20.93
N LEU C 62 33.46 -20.11 -20.67
CA LEU C 62 34.05 -19.30 -21.73
C LEU C 62 34.99 -20.20 -22.51
N ALA C 63 35.94 -20.81 -21.82
CA ALA C 63 36.95 -21.67 -22.45
C ALA C 63 36.37 -22.66 -23.44
N ARG C 64 35.29 -23.34 -23.04
CA ARG C 64 34.69 -24.36 -23.88
C ARG C 64 34.06 -23.71 -25.10
N PHE C 65 33.40 -22.59 -24.90
CA PHE C 65 32.79 -21.84 -26.00
C PHE C 65 33.82 -21.41 -27.05
N ARG C 66 34.91 -20.80 -26.62
CA ARG C 66 35.94 -20.36 -27.55
C ARG C 66 36.63 -21.55 -28.22
N ARG C 67 36.82 -22.65 -27.48
CA ARG C 67 37.39 -23.87 -28.07
C ARG C 67 36.44 -24.54 -29.07
N MET C 68 35.15 -24.55 -28.76
CA MET C 68 34.13 -24.96 -29.73
C MET C 68 34.22 -24.15 -31.03
N GLN C 69 34.55 -22.87 -30.92
CA GLN C 69 34.65 -22.01 -32.10
C GLN C 69 35.78 -22.46 -33.02
N GLY C 70 36.92 -22.80 -32.43
CA GLY C 70 38.12 -23.13 -33.20
C GLY C 70 39.35 -22.45 -32.65
N TYR C 71 39.18 -21.39 -31.88
CA TYR C 71 40.32 -20.70 -31.28
C TYR C 71 41.14 -21.65 -30.44
N GLU C 72 42.44 -21.36 -30.34
CA GLU C 72 43.33 -22.14 -29.48
C GLU C 72 43.25 -21.57 -28.05
N VAL C 73 42.67 -22.33 -27.14
CA VAL C 73 42.34 -21.84 -25.81
C VAL C 73 43.40 -22.24 -24.78
N LEU C 74 43.73 -21.31 -23.91
CA LEU C 74 44.61 -21.56 -22.79
C LEU C 74 43.85 -21.15 -21.54
N HIS C 75 43.36 -22.15 -20.83
CA HIS C 75 42.65 -21.98 -19.57
C HIS C 75 43.52 -22.67 -18.54
N PRO C 76 44.47 -21.92 -17.94
CA PRO C 76 45.44 -22.51 -17.02
C PRO C 76 45.03 -22.44 -15.55
N MET C 77 45.70 -23.20 -14.69
CA MET C 77 45.43 -23.13 -13.25
C MET C 77 46.56 -23.63 -12.37
N GLY C 78 46.89 -22.84 -11.35
CA GLY C 78 47.93 -23.17 -10.38
C GLY C 78 47.49 -22.83 -8.96
N TRP C 79 48.45 -22.59 -8.07
CA TRP C 79 48.16 -22.40 -6.65
C TRP C 79 49.09 -21.36 -6.01
N ASP C 80 48.49 -20.29 -5.48
CA ASP C 80 49.24 -19.16 -4.94
C ASP C 80 49.73 -19.49 -3.53
N ALA C 81 50.55 -20.52 -3.44
CA ALA C 81 50.85 -21.18 -2.16
C ALA C 81 51.59 -20.29 -1.16
N PHE C 82 52.65 -19.63 -1.63
CA PHE C 82 53.54 -18.87 -0.75
C PHE C 82 52.89 -17.62 -0.14
N GLY C 83 53.53 -17.12 0.92
CA GLY C 83 53.12 -15.89 1.58
C GLY C 83 52.25 -16.13 2.79
N LEU C 84 51.55 -15.08 3.21
CA LEU C 84 50.73 -15.13 4.43
C LEU C 84 49.51 -16.07 4.35
N PRO C 85 48.71 -15.98 3.29
CA PRO C 85 47.42 -16.71 3.23
C PRO C 85 47.52 -18.19 3.63
N ALA C 86 48.53 -18.88 3.11
CA ALA C 86 48.80 -20.28 3.47
C ALA C 86 49.30 -20.39 4.93
N GLU C 87 50.43 -19.74 5.22
CA GLU C 87 51.02 -19.77 6.56
C GLU C 87 50.08 -19.22 7.64
N ASN C 88 49.25 -18.22 7.29
CA ASN C 88 48.22 -17.71 8.21
C ASN C 88 47.15 -18.77 8.49
N ALA C 89 47.02 -19.74 7.59
CA ALA C 89 46.17 -20.92 7.82
C ALA C 89 46.97 -22.12 8.36
N ALA C 90 48.23 -22.24 7.94
CA ALA C 90 49.13 -23.30 8.42
C ALA C 90 49.55 -23.12 9.89
N LEU C 91 49.51 -21.88 10.38
CA LEU C 91 49.83 -21.60 11.78
C LEU C 91 48.62 -21.67 12.69
N LYS C 92 47.45 -21.32 12.12
CA LYS C 92 46.21 -21.26 12.91
C LYS C 92 45.84 -22.62 13.49
N PHE C 93 46.02 -23.68 12.69
CA PHE C 93 45.82 -25.05 13.17
C PHE C 93 47.14 -25.64 13.69
N GLY C 94 48.27 -25.19 13.13
CA GLY C 94 49.59 -25.62 13.60
C GLY C 94 50.19 -26.77 12.79
N VAL C 95 50.26 -26.58 11.47
CA VAL C 95 50.82 -27.57 10.56
C VAL C 95 51.92 -26.92 9.73
N HIS C 96 53.01 -27.65 9.52
CA HIS C 96 54.06 -27.22 8.60
C HIS C 96 53.45 -26.90 7.23
N PRO C 97 53.80 -25.73 6.65
CA PRO C 97 53.06 -25.17 5.50
C PRO C 97 53.10 -26.00 4.22
N LYS C 98 54.21 -26.69 3.98
CA LYS C 98 54.33 -27.57 2.82
C LYS C 98 53.25 -28.66 2.88
N ASP C 99 53.21 -29.40 3.99
CA ASP C 99 52.32 -30.56 4.15
C ASP C 99 50.83 -30.16 4.23
N TRP C 100 50.57 -28.85 4.35
CA TRP C 100 49.22 -28.28 4.30
C TRP C 100 48.82 -27.97 2.86
N THR C 101 49.70 -27.29 2.15
CA THR C 101 49.48 -26.89 0.76
C THR C 101 49.29 -28.09 -0.16
N TYR C 102 50.11 -29.11 0.05
CA TYR C 102 50.05 -30.33 -0.78
C TYR C 102 48.88 -31.24 -0.42
N ALA C 103 48.20 -30.93 0.69
CA ALA C 103 46.91 -31.53 0.99
C ALA C 103 45.81 -30.64 0.41
N ASN C 104 45.98 -29.32 0.54
CA ASN C 104 44.96 -28.36 0.10
C ASN C 104 44.85 -28.23 -1.42
N ILE C 105 45.99 -28.28 -2.10
CA ILE C 105 46.03 -28.30 -3.57
C ILE C 105 45.29 -29.53 -4.10
N ARG C 106 45.51 -30.66 -3.45
CA ARG C 106 44.78 -31.91 -3.73
C ARG C 106 43.28 -31.73 -3.47
N GLN C 107 42.95 -31.07 -2.35
CA GLN C 107 41.56 -30.75 -2.00
C GLN C 107 40.92 -29.88 -3.10
N ALA C 108 41.70 -28.95 -3.65
CA ALA C 108 41.21 -28.04 -4.68
C ALA C 108 41.11 -28.65 -6.08
N LYS C 109 42.13 -29.43 -6.47
CA LYS C 109 42.14 -30.12 -7.77
C LYS C 109 40.96 -31.07 -7.91
N GLU C 110 40.64 -31.74 -6.81
CA GLU C 110 39.51 -32.68 -6.73
C GLU C 110 38.18 -31.95 -6.91
N SER C 111 38.12 -30.74 -6.37
CA SER C 111 36.92 -29.91 -6.47
C SER C 111 36.63 -29.56 -7.93
N LEU C 112 37.58 -28.87 -8.56
CA LEU C 112 37.36 -28.33 -9.89
C LEU C 112 37.11 -29.44 -10.89
N ARG C 113 37.76 -30.58 -10.70
CA ARG C 113 37.50 -31.76 -11.50
C ARG C 113 36.04 -32.22 -11.30
N LEU C 114 35.63 -32.37 -10.04
CA LEU C 114 34.26 -32.83 -9.71
C LEU C 114 33.16 -31.94 -10.26
N MET C 115 33.38 -30.63 -10.23
CA MET C 115 32.45 -29.67 -10.82
C MET C 115 32.62 -29.57 -12.36
N GLY C 116 33.42 -30.47 -12.92
CA GLY C 116 33.57 -30.59 -14.36
C GLY C 116 34.31 -29.44 -15.01
N ILE C 117 35.37 -28.96 -14.36
CA ILE C 117 36.15 -27.85 -14.92
C ILE C 117 37.45 -28.36 -15.54
N LEU C 118 37.77 -27.84 -16.73
CA LEU C 118 38.90 -28.30 -17.52
C LEU C 118 40.00 -27.23 -17.66
N TYR C 119 41.23 -27.64 -17.44
CA TYR C 119 42.40 -26.78 -17.56
C TYR C 119 43.52 -27.55 -18.24
N ASP C 120 44.63 -26.86 -18.51
CA ASP C 120 45.84 -27.48 -19.05
C ASP C 120 46.75 -27.84 -17.88
N TRP C 121 46.40 -28.92 -17.20
CA TRP C 121 47.06 -29.29 -15.93
C TRP C 121 48.54 -29.64 -16.03
N ASP C 122 49.05 -29.79 -17.25
CA ASP C 122 50.49 -29.84 -17.48
C ASP C 122 51.14 -28.57 -16.96
N ARG C 123 50.47 -27.44 -17.14
CA ARG C 123 51.02 -26.12 -16.82
C ARG C 123 50.75 -25.64 -15.38
N GLU C 124 50.36 -26.57 -14.51
CA GLU C 124 50.12 -26.29 -13.08
C GLU C 124 51.38 -25.75 -12.40
N VAL C 125 51.43 -24.43 -12.18
CA VAL C 125 52.56 -23.82 -11.50
C VAL C 125 52.24 -23.71 -10.01
N THR C 126 53.18 -24.10 -9.15
CA THR C 126 53.00 -23.96 -7.70
C THR C 126 54.14 -23.10 -7.16
N THR C 127 53.79 -21.99 -6.51
CA THR C 127 54.80 -21.00 -6.08
C THR C 127 55.79 -21.56 -5.05
N CYS C 128 55.35 -22.50 -4.22
CA CYS C 128 56.20 -22.98 -3.12
C CYS C 128 57.28 -23.97 -3.56
N GLU C 129 57.22 -24.41 -4.82
CA GLU C 129 58.30 -25.21 -5.39
C GLU C 129 59.48 -24.31 -5.78
N PRO C 130 60.72 -24.74 -5.48
CA PRO C 130 61.88 -23.91 -5.87
C PRO C 130 61.98 -23.77 -7.37
N GLU C 131 61.62 -24.84 -8.10
CA GLU C 131 61.52 -24.80 -9.55
C GLU C 131 60.94 -23.47 -10.06
N TYR C 132 59.84 -23.03 -9.43
CA TYR C 132 59.22 -21.73 -9.73
C TYR C 132 59.93 -20.57 -9.04
N TYR C 133 60.02 -20.60 -7.71
CA TYR C 133 60.41 -19.40 -6.96
C TYR C 133 61.85 -18.93 -7.16
N ARG C 134 62.64 -19.73 -7.87
CA ARG C 134 63.96 -19.28 -8.34
C ARG C 134 63.81 -18.02 -9.21
N TRP C 135 62.73 -17.98 -9.98
CA TRP C 135 62.48 -16.89 -10.93
C TRP C 135 61.90 -15.63 -10.28
N ASN C 136 61.55 -15.72 -9.00
CA ASN C 136 61.19 -14.53 -8.24
C ASN C 136 62.46 -13.77 -7.95
N GLN C 137 63.46 -14.50 -7.48
CA GLN C 137 64.78 -13.95 -7.22
C GLN C 137 65.41 -13.39 -8.50
N TRP C 138 65.29 -14.16 -9.58
CA TRP C 138 65.76 -13.72 -10.89
C TRP C 138 65.27 -12.31 -11.21
N ILE C 139 63.98 -12.06 -10.97
CA ILE C 139 63.39 -10.76 -11.26
C ILE C 139 64.06 -9.70 -10.39
N PHE C 140 64.08 -9.97 -9.08
CA PHE C 140 64.63 -9.05 -8.06
C PHE C 140 66.05 -8.56 -8.34
N LEU C 141 66.88 -9.47 -8.86
CA LEU C 141 68.27 -9.15 -9.21
C LEU C 141 68.36 -8.35 -10.51
N LYS C 142 67.31 -8.41 -11.33
CA LYS C 142 67.23 -7.59 -12.53
C LYS C 142 66.62 -6.24 -12.20
N MET C 143 65.71 -6.20 -11.23
CA MET C 143 65.22 -4.94 -10.69
C MET C 143 66.37 -4.22 -9.96
N TRP C 144 67.29 -5.01 -9.38
CA TRP C 144 68.45 -4.45 -8.68
C TRP C 144 69.39 -3.70 -9.63
N GLU C 145 69.86 -4.38 -10.67
CA GLU C 145 70.71 -3.74 -11.68
C GLU C 145 70.11 -2.40 -12.12
N LYS C 146 68.85 -2.42 -12.56
CA LYS C 146 68.21 -1.21 -13.07
C LYS C 146 67.85 -0.20 -11.97
N GLY C 147 68.13 -0.55 -10.71
CA GLY C 147 68.07 0.39 -9.59
C GLY C 147 66.69 0.61 -9.04
N LEU C 148 65.82 -0.37 -9.20
CA LEU C 148 64.42 -0.25 -8.78
C LEU C 148 64.11 -1.10 -7.54
N ALA C 149 65.16 -1.62 -6.90
CA ALA C 149 65.05 -2.42 -5.67
C ALA C 149 66.08 -1.95 -4.65
N TYR C 150 65.65 -1.11 -3.70
CA TYR C 150 66.56 -0.47 -2.74
C TYR C 150 66.14 -0.76 -1.28
N ARG C 151 66.99 -0.35 -0.35
CA ARG C 151 66.68 -0.36 1.09
C ARG C 151 66.65 1.07 1.65
N ALA C 152 65.94 1.26 2.75
CA ALA C 152 66.04 2.50 3.54
C ALA C 152 65.30 2.36 4.88
N LYS C 153 65.56 3.29 5.81
CA LYS C 153 64.94 3.25 7.16
C LYS C 153 63.44 3.65 7.10
N GLY C 154 63.04 4.70 7.81
CA GLY C 154 61.64 5.14 7.83
C GLY C 154 60.68 4.20 8.55
N LEU C 155 59.50 4.72 8.86
CA LEU C 155 58.42 3.93 9.46
C LEU C 155 57.84 2.92 8.47
N VAL C 156 57.12 1.94 9.00
CA VAL C 156 56.43 0.94 8.21
C VAL C 156 55.13 0.60 8.93
N ASN C 157 54.45 -0.46 8.52
CA ASN C 157 53.24 -0.95 9.21
C ASN C 157 53.47 -2.36 9.78
N TRP C 158 52.95 -2.63 10.97
CA TRP C 158 53.12 -3.95 11.64
C TRP C 158 51.80 -4.56 12.18
N CYS C 159 51.60 -5.86 11.88
CA CYS C 159 50.34 -6.56 12.13
C CYS C 159 50.54 -7.72 13.14
N PRO C 160 50.30 -7.48 14.45
CA PRO C 160 50.64 -8.47 15.49
C PRO C 160 49.89 -9.82 15.41
N LYS C 161 48.91 -9.94 14.51
CA LYS C 161 48.37 -11.25 14.15
C LYS C 161 49.29 -11.91 13.11
N CYS C 162 49.62 -11.16 12.05
CA CYS C 162 50.58 -11.62 11.04
C CYS C 162 52.03 -11.62 11.56
N GLN C 163 52.33 -10.76 12.54
CA GLN C 163 53.66 -10.67 13.16
C GLN C 163 54.78 -10.34 12.16
N THR C 164 54.51 -9.40 11.27
CA THR C 164 55.48 -8.94 10.28
C THR C 164 55.00 -7.64 9.63
N VAL C 165 55.90 -7.00 8.87
CA VAL C 165 55.59 -5.75 8.18
C VAL C 165 54.73 -6.00 6.93
N LEU C 166 53.89 -5.03 6.59
CA LEU C 166 53.01 -5.10 5.41
C LEU C 166 53.18 -3.89 4.50
N ALA C 167 52.83 -4.05 3.23
CA ALA C 167 52.86 -2.94 2.26
C ALA C 167 51.68 -2.00 2.50
N ASN C 168 51.80 -0.77 2.01
CA ASN C 168 50.72 0.21 2.13
C ASN C 168 49.40 -0.40 1.67
N GLU C 169 49.48 -1.05 0.51
CA GLU C 169 48.32 -1.58 -0.21
C GLU C 169 47.63 -2.71 0.56
N GLN C 170 48.37 -3.36 1.46
CA GLN C 170 47.80 -4.42 2.31
C GLN C 170 47.19 -3.86 3.61
N VAL C 171 46.79 -2.58 3.59
CA VAL C 171 46.12 -1.97 4.76
C VAL C 171 44.92 -1.11 4.33
N VAL C 172 43.74 -1.71 4.37
CA VAL C 172 42.47 -1.07 3.98
C VAL C 172 41.68 -0.67 5.23
N GLU C 173 40.86 0.38 5.12
CA GLU C 173 40.04 0.88 6.24
C GLU C 173 40.86 1.17 7.51
N GLY C 174 42.17 1.42 7.34
CA GLY C 174 43.07 1.56 8.48
C GLY C 174 43.27 0.28 9.27
N ARG C 175 43.19 -0.85 8.59
CA ARG C 175 43.36 -2.18 9.22
C ARG C 175 44.08 -3.14 8.26
N CYS C 176 44.49 -4.31 8.77
CA CYS C 176 45.13 -5.34 7.94
C CYS C 176 44.15 -5.92 6.92
N TRP C 177 44.61 -6.85 6.09
CA TRP C 177 43.83 -7.33 4.93
C TRP C 177 43.17 -8.70 5.16
N ARG C 178 43.94 -9.66 5.66
CA ARG C 178 43.40 -10.99 6.00
C ARG C 178 42.78 -11.01 7.40
N HIS C 179 43.23 -10.08 8.24
CA HIS C 179 42.68 -9.92 9.59
C HIS C 179 42.13 -8.50 9.78
N GLU C 180 40.89 -8.30 9.36
CA GLU C 180 40.24 -6.98 9.38
C GLU C 180 39.82 -6.55 10.79
N ASP C 181 40.14 -7.36 11.80
CA ASP C 181 39.95 -7.00 13.21
C ASP C 181 41.23 -6.43 13.82
N THR C 182 42.39 -6.85 13.29
CA THR C 182 43.70 -6.44 13.80
C THR C 182 44.12 -5.07 13.25
N PRO C 183 44.22 -4.05 14.13
CA PRO C 183 44.73 -2.75 13.68
C PRO C 183 46.25 -2.77 13.53
N VAL C 184 46.78 -1.85 12.74
CA VAL C 184 48.21 -1.82 12.44
C VAL C 184 48.88 -0.59 13.06
N GLU C 185 50.08 -0.79 13.59
CA GLU C 185 50.87 0.29 14.21
C GLU C 185 52.00 0.72 13.27
N LYS C 186 52.99 1.44 13.78
CA LYS C 186 54.15 1.85 12.97
C LYS C 186 55.47 1.70 13.74
N ARG C 187 56.47 1.05 13.14
CA ARG C 187 57.76 0.75 13.81
C ARG C 187 58.97 1.06 12.92
N GLU C 188 59.96 1.75 13.50
CA GLU C 188 61.13 2.22 12.76
C GLU C 188 62.06 1.05 12.43
N LEU C 189 62.11 0.69 11.15
CA LEU C 189 62.95 -0.40 10.66
C LEU C 189 63.49 -0.11 9.26
N GLU C 190 64.73 -0.51 9.01
CA GLU C 190 65.28 -0.50 7.65
C GLU C 190 64.73 -1.72 6.93
N GLN C 191 64.14 -1.53 5.74
CA GLN C 191 63.61 -2.63 4.95
C GLN C 191 63.70 -2.42 3.43
N TRP C 192 63.37 -3.49 2.69
CA TRP C 192 63.48 -3.54 1.23
C TRP C 192 62.24 -3.01 0.50
N TYR C 193 62.47 -2.16 -0.50
CA TYR C 193 61.38 -1.57 -1.29
C TYR C 193 61.45 -1.99 -2.76
N LEU C 194 60.34 -1.78 -3.47
CA LEU C 194 60.31 -1.92 -4.92
C LEU C 194 59.75 -0.62 -5.50
N ARG C 195 60.49 -0.03 -6.42
CA ARG C 195 60.32 1.38 -6.77
C ARG C 195 59.20 1.61 -7.79
N ILE C 196 57.98 1.22 -7.44
CA ILE C 196 56.83 1.35 -8.35
C ILE C 196 56.45 2.80 -8.62
N THR C 197 56.97 3.73 -7.81
CA THR C 197 56.80 5.17 -8.07
C THR C 197 57.54 5.59 -9.34
N ALA C 198 58.57 4.83 -9.73
CA ALA C 198 59.40 5.16 -10.89
C ALA C 198 58.64 5.01 -12.20
N TYR C 199 57.66 4.12 -12.22
CA TYR C 199 56.78 3.89 -13.37
C TYR C 199 55.44 4.62 -13.23
N ALA C 200 55.32 5.50 -12.23
CA ALA C 200 54.00 5.99 -11.81
C ALA C 200 53.21 6.69 -12.92
N GLU C 201 53.90 7.48 -13.74
CA GLU C 201 53.23 8.24 -14.79
C GLU C 201 52.59 7.36 -15.85
N ARG C 202 53.31 6.32 -16.28
CA ARG C 202 52.80 5.39 -17.27
C ARG C 202 51.54 4.70 -16.77
N LEU C 203 51.63 4.13 -15.57
CA LEU C 203 50.53 3.40 -14.96
C LEU C 203 49.22 4.17 -15.08
N LEU C 204 49.20 5.42 -14.64
CA LEU C 204 47.99 6.24 -14.69
C LEU C 204 47.54 6.55 -16.12
N LYS C 205 48.52 6.74 -17.02
CA LYS C 205 48.24 7.29 -18.34
C LYS C 205 48.03 6.23 -19.42
N ASP C 206 48.77 5.12 -19.34
CA ASP C 206 48.53 3.98 -20.23
C ASP C 206 47.20 3.31 -19.88
N LEU C 207 46.87 3.26 -18.59
CA LEU C 207 45.55 2.84 -18.09
C LEU C 207 44.37 3.26 -18.97
N GLU C 208 44.46 4.45 -19.57
CA GLU C 208 43.30 5.15 -20.17
C GLU C 208 42.54 4.35 -21.23
N GLY C 209 43.25 3.82 -22.23
CA GLY C 209 42.59 3.13 -23.36
C GLY C 209 42.15 1.69 -23.08
N LEU C 210 42.23 1.27 -21.82
CA LEU C 210 41.98 -0.11 -21.41
C LEU C 210 40.49 -0.39 -21.19
N ASN C 211 40.07 -1.63 -21.45
CA ASN C 211 38.67 -2.06 -21.28
C ASN C 211 38.42 -2.85 -19.98
N TRP C 212 38.75 -2.20 -18.86
CA TRP C 212 38.38 -2.66 -17.53
C TRP C 212 37.05 -1.99 -17.18
N PRO C 213 36.37 -2.46 -16.11
CA PRO C 213 35.18 -1.75 -15.68
C PRO C 213 35.58 -0.53 -14.82
N GLU C 214 35.03 0.64 -15.14
CA GLU C 214 35.43 1.89 -14.50
C GLU C 214 35.75 1.72 -13.02
N LYS C 215 34.89 1.01 -12.30
CA LYS C 215 35.00 0.83 -10.86
C LYS C 215 36.44 0.64 -10.39
N VAL C 216 37.24 -0.07 -11.17
CA VAL C 216 38.64 -0.34 -10.80
C VAL C 216 39.61 0.61 -11.48
N LYS C 217 39.32 1.03 -12.71
CA LYS C 217 40.12 2.07 -13.34
C LYS C 217 40.24 3.26 -12.38
N ALA C 218 39.09 3.81 -11.98
CA ALA C 218 39.06 5.06 -11.20
C ALA C 218 39.30 4.86 -9.69
N MET C 219 39.73 3.67 -9.30
CA MET C 219 40.32 3.42 -7.98
C MET C 219 41.84 3.50 -8.07
N GLN C 220 42.35 3.06 -9.22
CA GLN C 220 43.79 3.09 -9.49
C GLN C 220 44.24 4.51 -9.88
N ARG C 221 43.46 5.18 -10.72
CA ARG C 221 43.71 6.59 -10.99
C ARG C 221 43.87 7.31 -9.65
N ALA C 222 42.90 7.14 -8.79
CA ALA C 222 42.90 7.79 -7.49
C ALA C 222 44.02 7.30 -6.57
N TRP C 223 44.27 5.99 -6.54
CA TRP C 223 45.32 5.43 -5.66
C TRP C 223 46.72 5.86 -6.11
N ILE C 224 46.90 5.97 -7.42
CA ILE C 224 48.11 6.57 -8.00
C ILE C 224 48.15 8.06 -7.70
N GLY C 225 47.02 8.72 -7.95
CA GLY C 225 46.80 10.08 -7.45
C GLY C 225 47.86 11.07 -7.86
N ARG C 226 47.78 11.48 -9.12
CA ARG C 226 48.66 12.48 -9.70
C ARG C 226 48.28 13.85 -9.15
N SER C 227 49.23 14.77 -9.12
CA SER C 227 48.96 16.19 -8.85
C SER C 227 50.06 17.10 -9.35
N GLU C 228 49.68 18.07 -10.18
CA GLU C 228 50.61 18.95 -10.87
C GLU C 228 50.69 20.28 -10.14
N GLY C 229 51.91 20.73 -9.85
CA GLY C 229 52.11 21.98 -9.13
C GLY C 229 53.55 22.48 -9.08
N ALA C 230 54.04 22.74 -7.86
CA ALA C 230 55.37 23.32 -7.67
C ALA C 230 55.99 22.99 -6.30
N GLU C 231 57.26 22.58 -6.31
CA GLU C 231 58.08 22.52 -5.09
C GLU C 231 58.64 23.91 -4.83
N ILE C 232 58.82 24.28 -3.56
CA ILE C 232 59.49 25.53 -3.24
C ILE C 232 60.51 25.31 -2.13
N LEU C 233 61.60 26.09 -2.16
CA LEU C 233 62.66 25.98 -1.18
C LEU C 233 62.66 27.16 -0.23
N PHE C 234 62.47 26.86 1.05
CA PHE C 234 62.51 27.85 2.13
C PHE C 234 63.85 27.77 2.86
N PRO C 235 64.68 28.83 2.74
CA PRO C 235 65.86 28.90 3.60
C PRO C 235 65.50 28.94 5.08
N VAL C 236 66.27 28.23 5.88
CA VAL C 236 66.08 28.25 7.33
C VAL C 236 67.02 29.33 7.93
N GLU C 237 66.51 30.05 8.94
CA GLU C 237 67.17 31.28 9.47
C GLU C 237 68.66 31.08 9.78
N GLY C 238 69.52 31.74 9.00
CA GLY C 238 70.95 31.68 9.22
C GLY C 238 71.58 30.33 8.91
N LYS C 239 70.91 29.24 9.32
CA LYS C 239 71.40 27.89 9.03
C LYS C 239 71.56 27.63 7.53
N GLU C 240 72.33 26.59 7.24
CA GLU C 240 72.84 26.26 5.92
C GLU C 240 71.73 25.78 4.97
N VAL C 241 70.95 24.79 5.42
CA VAL C 241 69.97 24.09 4.57
C VAL C 241 68.79 24.96 4.11
N ARG C 242 68.14 24.50 3.04
CA ARG C 242 66.87 25.05 2.57
C ARG C 242 65.75 24.05 2.91
N ILE C 243 64.49 24.40 2.65
CA ILE C 243 63.36 23.49 2.95
C ILE C 243 62.29 23.39 1.84
N PRO C 244 62.02 22.18 1.35
CA PRO C 244 61.12 22.02 0.23
C PRO C 244 59.67 21.86 0.66
N VAL C 245 58.74 22.49 -0.07
CA VAL C 245 57.30 22.30 0.14
C VAL C 245 56.55 22.21 -1.19
N PHE C 246 55.73 21.16 -1.34
CA PHE C 246 54.88 21.03 -2.54
C PHE C 246 53.59 21.83 -2.38
N THR C 247 53.20 22.49 -3.45
CA THR C 247 51.98 23.31 -3.47
C THR C 247 51.24 23.24 -4.81
N THR C 248 49.95 22.90 -4.74
CA THR C 248 49.05 22.94 -5.88
C THR C 248 48.35 24.31 -5.98
N ARG C 249 48.64 25.18 -5.00
CA ARG C 249 48.27 26.60 -5.06
C ARG C 249 49.47 27.49 -4.73
N PRO C 250 50.51 27.48 -5.61
CA PRO C 250 51.72 28.29 -5.45
C PRO C 250 51.57 29.79 -5.77
N ASP C 251 50.40 30.19 -6.24
CA ASP C 251 50.06 31.60 -6.37
C ASP C 251 49.90 32.32 -5.02
N THR C 252 49.83 31.56 -3.92
CA THR C 252 49.59 32.12 -2.60
C THR C 252 50.87 32.26 -1.77
N LEU C 253 52.03 32.17 -2.43
CA LEU C 253 53.31 32.24 -1.72
C LEU C 253 53.42 33.50 -0.84
N PHE C 254 53.16 34.65 -1.45
CA PHE C 254 53.21 35.95 -0.76
C PHE C 254 52.21 36.08 0.39
N GLY C 255 51.37 35.06 0.58
CA GLY C 255 50.49 34.94 1.74
C GLY C 255 50.84 33.77 2.65
N ALA C 256 52.04 33.24 2.47
CA ALA C 256 52.51 32.15 3.31
C ALA C 256 53.02 32.73 4.62
N THR C 257 52.26 32.51 5.69
CA THR C 257 52.63 33.06 7.01
C THR C 257 53.37 32.07 7.91
N PHE C 258 53.54 30.83 7.47
CA PHE C 258 54.40 29.88 8.19
C PHE C 258 54.55 28.55 7.43
N LEU C 259 55.51 27.75 7.86
CA LEU C 259 55.71 26.40 7.34
C LEU C 259 55.26 25.41 8.40
N VAL C 260 54.93 24.19 7.97
CA VAL C 260 54.66 23.09 8.90
C VAL C 260 55.26 21.79 8.37
N LEU C 261 56.18 21.22 9.13
CA LEU C 261 56.78 19.93 8.78
C LEU C 261 55.91 18.81 9.32
N ALA C 262 55.97 17.67 8.65
CA ALA C 262 55.42 16.44 9.20
C ALA C 262 56.29 16.00 10.38
N PRO C 263 55.66 15.51 11.45
CA PRO C 263 56.37 15.12 12.68
C PRO C 263 57.59 14.21 12.47
N GLU C 264 57.57 13.42 11.40
CA GLU C 264 58.69 12.57 11.04
C GLU C 264 59.45 13.14 9.83
N HIS C 265 59.55 14.47 9.76
CA HIS C 265 60.53 15.08 8.89
C HIS C 265 61.86 14.94 9.66
N PRO C 266 62.96 14.64 8.95
CA PRO C 266 64.32 14.69 9.50
C PRO C 266 64.74 16.03 10.15
N LEU C 267 64.00 17.10 9.89
CA LEU C 267 64.33 18.44 10.37
C LEU C 267 63.44 18.89 11.52
N THR C 268 62.54 18.03 11.98
CA THR C 268 61.67 18.38 13.09
C THR C 268 62.45 18.40 14.40
N LEU C 269 63.30 17.40 14.61
CA LEU C 269 64.18 17.37 15.78
C LEU C 269 65.43 18.23 15.52
N GLU C 270 65.99 18.11 14.31
CA GLU C 270 67.25 18.76 13.94
C GLU C 270 67.22 20.28 14.12
N LEU C 271 66.03 20.88 14.04
CA LEU C 271 65.86 22.33 14.14
C LEU C 271 65.31 22.79 15.48
N ALA C 272 64.34 22.04 16.00
CA ALA C 272 63.65 22.41 17.24
C ALA C 272 64.61 22.55 18.42
N ALA C 273 64.98 23.81 18.71
CA ALA C 273 66.02 24.12 19.69
C ALA C 273 65.69 23.60 21.09
N PRO C 274 66.71 23.57 21.98
CA PRO C 274 66.66 22.85 23.27
C PRO C 274 65.53 23.32 24.19
N GLU C 275 65.34 24.63 24.25
CA GLU C 275 64.22 25.24 24.95
C GLU C 275 62.93 24.48 24.63
N LYS C 276 62.75 24.20 23.34
CA LYS C 276 61.51 23.64 22.78
C LYS C 276 61.51 22.11 22.68
N ARG C 277 62.70 21.53 22.54
CA ARG C 277 62.89 20.07 22.45
C ARG C 277 61.94 19.26 23.35
N GLU C 278 62.05 19.47 24.66
CA GLU C 278 61.32 18.67 25.69
C GLU C 278 59.89 18.28 25.24
N GLU C 279 59.24 19.20 24.51
CA GLU C 279 57.86 19.04 24.08
C GLU C 279 57.74 18.51 22.64
N VAL C 280 58.64 18.93 21.76
CA VAL C 280 58.63 18.47 20.36
C VAL C 280 58.89 16.98 20.33
N LEU C 281 59.98 16.58 20.97
CA LEU C 281 60.33 15.17 21.12
C LEU C 281 59.10 14.36 21.52
N ALA C 282 58.41 14.81 22.57
CA ALA C 282 57.27 14.09 23.14
C ALA C 282 56.02 14.06 22.25
N TYR C 283 56.06 14.79 21.13
CA TYR C 283 54.96 14.82 20.17
C TYR C 283 55.11 13.72 19.12
N VAL C 284 56.33 13.55 18.61
CA VAL C 284 56.63 12.51 17.64
C VAL C 284 56.26 11.13 18.18
N GLU C 285 56.87 10.74 19.31
CA GLU C 285 56.61 9.42 19.93
C GLU C 285 55.19 9.26 20.49
N ALA C 286 54.42 10.35 20.54
CA ALA C 286 52.99 10.30 20.85
C ALA C 286 52.13 10.24 19.58
N ALA C 287 52.67 10.77 18.47
CA ALA C 287 52.01 10.69 17.15
C ALA C 287 52.44 9.45 16.36
N LYS C 288 53.55 8.84 16.77
CA LYS C 288 54.01 7.55 16.24
C LYS C 288 53.21 6.40 16.85
N ARG C 289 53.00 6.46 18.16
CA ARG C 289 52.25 5.43 18.90
C ARG C 289 50.74 5.43 18.53
N LYS C 290 50.25 6.55 18.00
CA LYS C 290 48.86 6.71 17.55
C LYS C 290 48.63 6.01 16.21
N THR C 291 47.66 5.09 16.18
CA THR C 291 47.40 4.26 14.99
C THR C 291 46.30 4.85 14.10
N GLU C 292 46.06 4.22 12.95
CA GLU C 292 45.17 4.76 11.92
C GLU C 292 43.66 4.58 12.16
N ILE C 293 43.29 3.94 13.27
CA ILE C 293 41.90 3.95 13.74
C ILE C 293 41.69 5.05 14.79
N GLU C 294 42.70 5.24 15.63
CA GLU C 294 42.72 6.32 16.62
C GLU C 294 42.75 7.69 15.92
N ARG C 295 43.48 7.76 14.80
CA ARG C 295 43.69 9.00 14.02
C ARG C 295 42.41 9.60 13.45
N GLN C 296 41.54 8.75 12.90
CA GLN C 296 40.28 9.20 12.31
C GLN C 296 39.18 9.29 13.39
N ALA C 297 39.33 8.49 14.45
CA ALA C 297 38.39 8.52 15.58
C ALA C 297 38.50 9.80 16.42
N GLU C 298 39.60 10.54 16.27
CA GLU C 298 39.78 11.86 16.90
C GLU C 298 39.24 13.04 16.06
N GLY C 299 38.73 12.75 14.85
CA GLY C 299 38.12 13.76 14.00
C GLY C 299 39.13 14.66 13.32
N ARG C 300 38.64 15.69 12.64
CA ARG C 300 39.51 16.65 11.94
C ARG C 300 40.19 17.66 12.91
N GLU C 301 40.34 17.27 14.18
CA GLU C 301 40.98 18.11 15.21
C GLU C 301 42.45 18.38 14.94
N LYS C 302 42.77 19.63 14.60
CA LYS C 302 44.14 20.08 14.42
C LYS C 302 44.91 20.13 15.74
N THR C 303 46.02 19.41 15.81
CA THR C 303 46.87 19.37 16.99
C THR C 303 48.31 19.64 16.56
N GLY C 304 49.12 20.15 17.49
CA GLY C 304 50.51 20.49 17.15
C GLY C 304 51.34 21.12 18.27
N VAL C 305 52.55 21.51 17.89
CA VAL C 305 53.46 22.19 18.81
C VAL C 305 54.50 22.94 17.97
N PHE C 306 54.94 24.09 18.47
CA PHE C 306 55.88 24.96 17.77
C PHE C 306 57.29 24.41 17.88
N LEU C 307 58.02 24.41 16.77
CA LEU C 307 59.41 23.96 16.78
C LEU C 307 60.32 24.93 17.52
N GLY C 308 60.15 26.22 17.28
CA GLY C 308 61.08 27.21 17.80
C GLY C 308 62.27 27.33 16.87
N ALA C 309 61.99 27.60 15.60
CA ALA C 309 62.99 27.90 14.60
C ALA C 309 62.26 28.47 13.41
N TYR C 310 62.84 29.48 12.79
CA TYR C 310 62.11 30.31 11.83
C TYR C 310 62.36 29.84 10.41
N ALA C 311 62.00 30.64 9.42
CA ALA C 311 62.43 30.40 8.04
C ALA C 311 62.18 31.66 7.21
N LEU C 312 63.20 32.10 6.47
CA LEU C 312 63.01 33.20 5.53
C LEU C 312 61.97 32.77 4.49
N ASN C 313 60.92 33.56 4.32
CA ASN C 313 59.98 33.37 3.24
C ASN C 313 60.64 33.90 1.99
N PRO C 314 60.88 33.03 1.00
CA PRO C 314 61.53 33.51 -0.23
C PRO C 314 60.68 34.47 -1.06
N ALA C 315 59.39 34.60 -0.73
CA ALA C 315 58.53 35.59 -1.35
C ALA C 315 58.91 37.00 -0.91
N THR C 316 58.63 37.32 0.35
CA THR C 316 58.85 38.67 0.87
C THR C 316 60.18 38.80 1.62
N GLY C 317 61.09 37.83 1.42
CA GLY C 317 62.34 37.83 2.17
C GLY C 317 62.21 37.56 3.66
N GLU C 318 61.04 37.84 4.24
CA GLU C 318 60.88 37.94 5.70
C GLU C 318 60.88 36.61 6.40
N ARG C 319 60.90 36.65 7.73
CA ARG C 319 60.90 35.46 8.57
C ARG C 319 59.47 34.95 8.78
N ILE C 320 59.30 33.64 8.81
CA ILE C 320 58.02 33.01 9.19
C ILE C 320 58.26 31.73 10.00
N PRO C 321 57.53 31.54 11.11
CA PRO C 321 57.89 30.46 12.01
C PRO C 321 57.68 29.07 11.41
N ILE C 322 58.16 28.05 12.12
CA ILE C 322 58.01 26.66 11.69
C ILE C 322 57.43 25.80 12.80
N TRP C 323 56.37 25.09 12.48
CA TRP C 323 55.67 24.27 13.44
C TRP C 323 55.74 22.82 13.01
N THR C 324 55.25 21.95 13.86
CA THR C 324 55.01 20.57 13.47
C THR C 324 53.57 20.20 13.88
N ALA C 325 52.90 19.43 13.02
CA ALA C 325 51.52 19.01 13.29
C ALA C 325 51.18 17.75 12.49
N ASP C 326 50.41 16.85 13.10
CA ASP C 326 50.10 15.54 12.50
C ASP C 326 49.01 15.60 11.42
N TYR C 327 48.53 16.80 11.10
CA TYR C 327 47.63 16.98 9.97
C TYR C 327 48.40 17.04 8.64
N VAL C 328 49.73 17.05 8.71
CA VAL C 328 50.60 16.89 7.55
C VAL C 328 51.30 15.52 7.59
N LEU C 329 51.09 14.69 6.56
CA LEU C 329 51.68 13.34 6.53
C LEU C 329 53.08 13.46 5.98
N PHE C 330 53.84 12.37 5.99
CA PHE C 330 55.21 12.39 5.45
C PHE C 330 55.39 11.52 4.19
N GLY C 331 54.50 10.54 4.01
CA GLY C 331 54.51 9.72 2.79
C GLY C 331 54.10 10.42 1.48
N TYR C 332 53.51 11.61 1.60
CA TYR C 332 53.11 12.39 0.45
C TYR C 332 54.00 13.60 0.38
N GLY C 333 54.08 14.20 -0.82
CA GLY C 333 54.80 15.46 -1.02
C GLY C 333 56.21 15.49 -0.44
N THR C 334 56.61 16.65 0.05
CA THR C 334 57.91 16.79 0.71
C THR C 334 57.87 16.34 2.17
N GLY C 335 56.68 16.31 2.74
CA GLY C 335 56.53 16.21 4.20
C GLY C 335 56.52 17.58 4.85
N ALA C 336 56.36 18.61 4.02
CA ALA C 336 56.46 19.98 4.45
C ALA C 336 55.50 20.83 3.65
N ILE C 337 54.74 21.69 4.34
CA ILE C 337 53.78 22.58 3.70
C ILE C 337 54.07 24.05 4.01
N MET C 338 53.97 24.90 3.00
CA MET C 338 53.97 26.35 3.20
C MET C 338 52.54 26.75 3.46
N ALA C 339 52.31 27.42 4.58
CA ALA C 339 50.95 27.63 5.07
C ALA C 339 50.35 28.92 4.53
N VAL C 340 49.21 28.82 3.86
CA VAL C 340 48.44 29.98 3.48
C VAL C 340 47.06 29.89 4.12
N PRO C 341 46.87 30.55 5.26
CA PRO C 341 45.66 30.26 6.00
C PRO C 341 44.49 31.13 5.53
N ALA C 342 44.73 32.02 4.57
CA ALA C 342 43.64 32.75 3.93
C ALA C 342 42.93 31.88 2.90
N HIS C 343 43.68 31.03 2.20
CA HIS C 343 43.16 30.32 1.05
C HIS C 343 43.22 28.82 1.18
N ASP C 344 43.44 28.33 2.40
CA ASP C 344 43.23 26.93 2.69
C ASP C 344 42.65 26.76 4.09
N GLN C 345 41.50 26.10 4.16
CA GLN C 345 40.71 26.02 5.40
C GLN C 345 41.39 25.22 6.50
N ARG C 346 42.14 24.18 6.16
CA ARG C 346 42.87 23.45 7.18
C ARG C 346 43.80 24.45 7.87
N ASP C 347 44.53 25.21 7.07
CA ASP C 347 45.45 26.21 7.60
C ASP C 347 44.71 27.34 8.32
N TYR C 348 43.61 27.82 7.72
CA TYR C 348 42.79 28.83 8.37
C TYR C 348 42.28 28.34 9.73
N GLU C 349 42.08 27.04 9.88
CA GLU C 349 41.66 26.49 11.16
C GLU C 349 42.86 26.34 12.10
N PHE C 350 44.02 26.03 11.54
CA PHE C 350 45.25 25.93 12.34
C PHE C 350 45.70 27.31 12.82
N ALA C 351 45.59 28.29 11.93
CA ALA C 351 45.88 29.66 12.25
C ALA C 351 45.02 30.13 13.42
N ARG C 352 43.70 30.07 13.23
CA ARG C 352 42.74 30.55 14.22
C ARG C 352 42.97 29.84 15.56
N LYS C 353 43.22 28.53 15.52
CA LYS C 353 43.36 27.75 16.76
C LYS C 353 44.62 28.07 17.54
N PHE C 354 45.77 28.03 16.87
CA PHE C 354 47.06 28.22 17.55
C PHE C 354 47.64 29.63 17.51
N GLY C 355 46.86 30.59 17.02
CA GLY C 355 47.26 31.99 17.09
C GLY C 355 48.42 32.35 16.19
N LEU C 356 48.31 31.94 14.92
CA LEU C 356 49.22 32.38 13.87
C LEU C 356 48.47 33.40 13.02
N PRO C 357 49.19 34.22 12.24
CA PRO C 357 48.53 35.22 11.43
C PRO C 357 48.03 34.65 10.12
N ILE C 358 47.13 35.41 9.48
CA ILE C 358 46.39 34.97 8.30
C ILE C 358 46.43 36.03 7.21
N LYS C 359 47.48 36.00 6.37
CA LYS C 359 47.75 37.06 5.39
C LYS C 359 46.91 36.89 4.14
N LYS C 360 46.24 37.97 3.75
CA LYS C 360 45.37 38.00 2.59
C LYS C 360 46.18 38.42 1.37
N VAL C 361 46.13 37.61 0.31
CA VAL C 361 46.83 37.90 -0.94
C VAL C 361 46.06 37.59 -2.23
N ILE C 362 44.83 37.05 -2.11
CA ILE C 362 44.03 36.71 -3.30
C ILE C 362 42.60 37.23 -3.16
N GLU C 363 42.22 38.16 -4.04
CA GLU C 363 40.95 38.91 -3.93
C GLU C 363 39.88 38.40 -4.91
N ARG C 364 38.62 38.49 -4.46
CA ARG C 364 37.45 37.91 -5.15
C ARG C 364 36.89 38.90 -6.18
N PRO C 365 36.20 38.39 -7.23
CA PRO C 365 35.61 39.28 -8.25
C PRO C 365 34.68 40.37 -7.70
N GLY C 366 34.90 41.61 -8.13
CA GLY C 366 34.07 42.75 -7.71
C GLY C 366 33.96 42.85 -6.20
N GLU C 367 32.93 42.20 -5.65
CA GLU C 367 32.65 42.20 -4.22
C GLU C 367 33.84 41.67 -3.42
N PRO C 368 34.53 42.56 -2.68
CA PRO C 368 35.76 42.17 -1.97
C PRO C 368 35.56 41.32 -0.72
N LEU C 369 36.66 40.74 -0.23
CA LEU C 369 36.64 39.82 0.90
C LEU C 369 36.52 40.57 2.22
N PRO C 370 35.54 40.19 3.06
CA PRO C 370 35.26 40.95 4.28
C PRO C 370 36.33 40.78 5.34
N GLU C 371 37.05 41.86 5.65
CA GLU C 371 38.06 41.81 6.70
C GLU C 371 37.37 41.87 8.07
N PRO C 372 37.82 41.03 9.01
CA PRO C 372 38.78 39.94 8.80
C PRO C 372 38.07 38.70 8.26
N LEU C 373 38.69 38.04 7.28
CA LEU C 373 38.14 36.81 6.69
C LEU C 373 37.82 35.84 7.80
N GLU C 374 36.60 35.36 7.86
CA GLU C 374 36.22 34.43 8.90
C GLU C 374 36.12 32.99 8.37
N ARG C 375 36.40 32.81 7.06
CA ARG C 375 36.62 31.49 6.44
C ARG C 375 37.69 31.62 5.35
N ALA C 376 38.20 30.50 4.85
CA ALA C 376 39.23 30.54 3.80
C ALA C 376 38.63 30.99 2.48
N TYR C 377 39.47 31.23 1.48
CA TYR C 377 39.00 31.57 0.14
C TYR C 377 39.71 30.73 -0.91
N GLU C 378 39.07 29.65 -1.34
CA GLU C 378 39.69 28.64 -2.19
C GLU C 378 39.44 28.83 -3.70
N GLU C 379 38.50 29.69 -4.07
CA GLU C 379 38.23 29.97 -5.48
C GLU C 379 39.25 31.01 -5.98
N PRO C 380 39.81 30.81 -7.20
CA PRO C 380 40.81 31.76 -7.69
C PRO C 380 40.28 33.18 -7.87
N GLY C 381 41.19 34.15 -7.88
CA GLY C 381 40.87 35.56 -8.01
C GLY C 381 42.09 36.37 -8.40
N ILE C 382 42.09 37.66 -8.08
CA ILE C 382 43.21 38.56 -8.46
C ILE C 382 44.26 38.60 -7.36
N MET C 383 45.53 38.80 -7.75
CA MET C 383 46.64 38.87 -6.80
C MET C 383 46.86 40.28 -6.28
N VAL C 384 46.96 40.40 -4.96
CA VAL C 384 47.24 41.67 -4.29
C VAL C 384 48.07 41.41 -3.05
N ASN C 385 48.75 42.43 -2.56
CA ASN C 385 49.68 42.30 -1.43
C ASN C 385 50.75 41.25 -1.72
N SER C 386 51.20 41.21 -2.98
CA SER C 386 52.18 40.23 -3.46
C SER C 386 53.19 40.86 -4.42
N GLY C 387 53.66 42.06 -4.10
CA GLY C 387 54.71 42.71 -4.87
C GLY C 387 54.31 43.04 -6.30
N PRO C 388 55.18 42.73 -7.28
CA PRO C 388 54.95 43.17 -8.65
C PRO C 388 53.79 42.42 -9.31
N PHE C 389 53.47 41.25 -8.77
CA PHE C 389 52.37 40.43 -9.28
C PHE C 389 51.01 41.13 -9.11
N ASP C 390 50.95 42.10 -8.19
CA ASP C 390 49.73 42.89 -7.97
C ASP C 390 48.91 43.03 -9.25
N GLY C 391 47.64 42.65 -9.18
CA GLY C 391 46.71 42.84 -10.30
C GLY C 391 46.70 41.72 -11.33
N THR C 392 47.57 40.73 -11.16
CA THR C 392 47.55 39.54 -12.02
C THR C 392 46.37 38.66 -11.61
N GLU C 393 45.87 37.87 -12.56
CA GLU C 393 44.86 36.84 -12.25
C GLU C 393 45.57 35.70 -11.52
N SER C 394 44.80 34.80 -10.91
CA SER C 394 45.37 33.66 -10.18
C SER C 394 45.89 32.59 -11.15
N GLU C 395 45.12 32.31 -12.22
CA GLU C 395 45.45 31.23 -13.15
C GLU C 395 46.62 31.56 -14.07
N GLU C 396 46.52 32.68 -14.77
CA GLU C 396 47.63 33.16 -15.61
C GLU C 396 48.87 33.48 -14.77
N GLY C 397 48.66 33.73 -13.48
CA GLY C 397 49.74 33.97 -12.54
C GLY C 397 50.36 32.71 -11.98
N LYS C 398 49.56 31.67 -11.79
CA LYS C 398 50.06 30.41 -11.23
C LYS C 398 51.42 30.04 -11.80
N ARG C 399 51.57 30.21 -13.11
CA ARG C 399 52.80 29.82 -13.82
C ARG C 399 53.93 30.86 -13.75
N LYS C 400 53.61 32.14 -13.54
CA LYS C 400 54.63 33.18 -13.43
C LYS C 400 55.49 33.01 -12.17
N VAL C 401 54.84 32.81 -11.03
CA VAL C 401 55.53 32.66 -9.76
C VAL C 401 56.48 31.45 -9.79
N ILE C 402 56.04 30.38 -10.43
CA ILE C 402 56.90 29.21 -10.63
C ILE C 402 58.09 29.62 -11.49
N ALA C 403 57.82 30.28 -12.60
CA ALA C 403 58.88 30.82 -13.48
C ALA C 403 59.83 31.69 -12.68
N TRP C 404 59.27 32.49 -11.78
CA TRP C 404 60.05 33.40 -10.95
C TRP C 404 60.92 32.69 -9.89
N LEU C 405 60.52 31.49 -9.48
CA LEU C 405 61.35 30.67 -8.59
C LEU C 405 62.41 29.93 -9.40
N GLU C 406 62.05 29.63 -10.65
CA GLU C 406 62.97 29.03 -11.63
C GLU C 406 63.94 30.02 -12.27
N GLU C 407 63.95 31.28 -11.82
CA GLU C 407 64.92 32.27 -12.31
C GLU C 407 66.01 32.57 -11.27
N LYS C 408 65.68 32.40 -9.99
CA LYS C 408 66.68 32.52 -8.92
C LYS C 408 66.96 31.17 -8.26
N GLY C 409 66.13 30.17 -8.55
CA GLY C 409 66.41 28.80 -8.12
C GLY C 409 66.15 28.53 -6.65
N LEU C 410 64.96 28.89 -6.20
CA LEU C 410 64.47 28.53 -4.87
C LEU C 410 63.06 27.94 -4.98
N GLY C 411 62.93 26.98 -5.87
CA GLY C 411 61.64 26.37 -6.20
C GLY C 411 61.51 26.14 -7.69
N LYS C 412 60.89 25.01 -8.04
CA LYS C 412 60.70 24.63 -9.44
C LYS C 412 59.35 23.94 -9.61
N GLY C 413 58.92 23.83 -10.87
CA GLY C 413 57.67 23.14 -11.17
C GLY C 413 57.86 21.65 -10.96
N ARG C 414 56.84 20.97 -10.45
CA ARG C 414 56.93 19.54 -10.18
C ARG C 414 55.60 18.84 -10.03
N VAL C 415 55.64 17.52 -10.23
CA VAL C 415 54.47 16.68 -10.26
C VAL C 415 54.75 15.46 -9.38
N THR C 416 53.96 15.25 -8.32
CA THR C 416 54.19 14.13 -7.40
C THR C 416 52.98 13.23 -7.30
N TYR C 417 53.17 12.07 -6.65
CA TYR C 417 52.18 11.00 -6.66
C TYR C 417 51.80 10.50 -5.27
N ARG C 418 50.49 10.27 -5.08
CA ARG C 418 49.96 9.63 -3.89
C ARG C 418 50.51 8.21 -3.74
N LEU C 419 50.86 7.59 -4.86
CA LEU C 419 51.46 6.27 -4.86
C LEU C 419 52.79 6.33 -4.12
N ARG C 420 53.02 5.33 -3.28
CA ARG C 420 54.26 5.19 -2.53
C ARG C 420 54.80 3.79 -2.76
N ASP C 421 56.13 3.67 -2.76
CA ASP C 421 56.78 2.43 -3.19
C ASP C 421 56.38 1.19 -2.40
N TRP C 422 56.60 0.06 -3.05
CA TRP C 422 56.14 -1.23 -2.59
C TRP C 422 57.11 -1.80 -1.55
N LEU C 423 56.66 -1.92 -0.31
CA LEU C 423 57.45 -2.58 0.74
C LEU C 423 57.24 -4.08 0.63
N ILE C 424 58.29 -4.83 0.29
CA ILE C 424 58.15 -6.27 0.01
C ILE C 424 58.71 -7.21 1.09
N SER C 425 59.76 -6.78 1.79
CA SER C 425 60.38 -7.59 2.83
C SER C 425 59.39 -8.01 3.90
N ARG C 426 59.18 -9.31 4.04
CA ARG C 426 58.36 -9.87 5.13
C ARG C 426 59.28 -10.55 6.13
N GLN C 427 58.80 -10.63 7.37
CA GLN C 427 59.51 -11.36 8.44
C GLN C 427 58.73 -12.62 8.76
N ARG C 428 58.67 -13.55 7.81
CA ARG C 428 57.96 -14.83 7.98
C ARG C 428 58.77 -15.97 7.36
N TYR C 429 58.46 -17.20 7.77
CA TYR C 429 59.16 -18.36 7.24
C TYR C 429 58.77 -18.66 5.80
N TRP C 430 57.47 -18.66 5.56
CA TRP C 430 56.92 -19.02 4.25
C TRP C 430 57.00 -17.81 3.30
N GLY C 431 58.09 -17.72 2.53
CA GLY C 431 58.26 -16.71 1.49
C GLY C 431 59.53 -16.88 0.69
N THR C 432 59.53 -16.39 -0.55
CA THR C 432 60.70 -16.47 -1.42
C THR C 432 61.90 -15.72 -0.81
N PRO C 433 63.03 -16.43 -0.58
CA PRO C 433 64.28 -15.86 -0.06
C PRO C 433 64.89 -14.71 -0.87
N ILE C 434 65.22 -13.62 -0.19
CA ILE C 434 65.78 -12.43 -0.83
C ILE C 434 67.23 -12.66 -1.26
N PRO C 435 67.51 -12.56 -2.57
CA PRO C 435 68.83 -12.85 -3.14
C PRO C 435 69.77 -11.64 -3.05
N MET C 436 70.04 -11.21 -1.82
CA MET C 436 71.05 -10.20 -1.58
C MET C 436 71.89 -10.68 -0.41
N VAL C 437 73.05 -10.07 -0.25
CA VAL C 437 73.98 -10.42 0.81
C VAL C 437 74.45 -9.14 1.51
N HIS C 438 74.76 -9.26 2.80
CA HIS C 438 75.24 -8.14 3.59
C HIS C 438 76.72 -8.33 3.89
N CYS C 439 77.54 -7.67 3.05
CA CYS C 439 78.99 -7.79 3.10
C CYS C 439 79.58 -7.02 4.29
N GLU C 440 80.85 -7.28 4.60
CA GLU C 440 81.53 -6.68 5.74
C GLU C 440 82.34 -5.43 5.38
N ALA C 441 82.85 -5.38 4.14
CA ALA C 441 83.61 -4.22 3.67
C ALA C 441 82.92 -3.45 2.52
N CYS C 442 81.92 -4.06 1.90
CA CYS C 442 81.21 -3.48 0.75
C CYS C 442 79.81 -2.94 1.10
N GLY C 443 79.08 -3.64 1.96
CA GLY C 443 77.68 -3.32 2.27
C GLY C 443 76.69 -4.30 1.64
N VAL C 444 75.69 -3.78 0.93
CA VAL C 444 74.67 -4.62 0.30
C VAL C 444 75.21 -5.19 -1.02
N VAL C 445 75.07 -6.51 -1.21
CA VAL C 445 75.70 -7.23 -2.33
C VAL C 445 74.75 -8.21 -3.04
N PRO C 446 74.64 -8.10 -4.38
CA PRO C 446 73.76 -8.96 -5.16
C PRO C 446 74.38 -10.31 -5.50
N VAL C 447 73.57 -11.38 -5.50
CA VAL C 447 74.03 -12.72 -5.87
C VAL C 447 74.05 -12.91 -7.40
N PRO C 448 75.12 -13.56 -7.93
CA PRO C 448 75.17 -13.87 -9.36
C PRO C 448 73.99 -14.72 -9.86
N GLU C 449 73.70 -14.58 -11.16
CA GLU C 449 72.58 -15.25 -11.80
C GLU C 449 72.67 -16.77 -11.65
N GLU C 450 73.89 -17.31 -11.79
CA GLU C 450 74.10 -18.78 -11.87
C GLU C 450 74.03 -19.51 -10.52
N GLU C 451 74.17 -18.78 -9.42
CA GLU C 451 74.11 -19.39 -8.08
C GLU C 451 72.65 -19.58 -7.59
N LEU C 452 71.69 -19.05 -8.36
CA LEU C 452 70.27 -19.17 -8.04
C LEU C 452 69.73 -20.58 -8.35
N PRO C 453 68.70 -21.01 -7.62
CA PRO C 453 67.98 -20.31 -6.55
C PRO C 453 68.76 -20.18 -5.25
N VAL C 454 68.22 -19.35 -4.36
CA VAL C 454 68.65 -19.31 -2.97
C VAL C 454 67.63 -20.12 -2.18
N LEU C 455 67.84 -21.44 -2.18
CA LEU C 455 66.91 -22.38 -1.54
C LEU C 455 66.54 -21.99 -0.12
N LEU C 456 65.24 -22.02 0.16
CA LEU C 456 64.72 -21.82 1.51
C LEU C 456 65.24 -22.94 2.42
N PRO C 457 65.97 -22.58 3.49
CA PRO C 457 66.38 -23.58 4.47
C PRO C 457 65.20 -24.40 4.98
N ASP C 458 65.34 -25.72 4.96
CA ASP C 458 64.27 -26.62 5.37
C ASP C 458 64.29 -26.79 6.89
N LEU C 459 63.23 -26.37 7.56
CA LEU C 459 63.10 -26.51 9.01
C LEU C 459 61.82 -27.26 9.34
N LYS C 460 61.95 -28.53 9.69
CA LYS C 460 60.80 -29.38 10.05
C LYS C 460 60.15 -28.98 11.38
N ASP C 461 60.94 -28.34 12.24
CA ASP C 461 60.51 -27.91 13.58
C ASP C 461 59.37 -26.88 13.48
N VAL C 462 58.24 -27.17 14.12
CA VAL C 462 56.98 -26.45 13.87
C VAL C 462 56.90 -25.10 14.59
N GLU C 463 57.17 -25.09 15.88
CA GLU C 463 57.13 -23.85 16.66
C GLU C 463 58.41 -23.01 16.49
N ASP C 464 59.36 -23.55 15.74
CA ASP C 464 60.58 -22.82 15.35
C ASP C 464 60.29 -21.93 14.14
N ILE C 465 59.46 -22.41 13.21
CA ILE C 465 59.06 -21.64 12.03
C ILE C 465 57.92 -20.65 12.30
N ARG C 466 57.41 -20.64 13.54
CA ARG C 466 56.47 -19.62 14.01
C ARG C 466 57.17 -18.25 14.03
N PRO C 467 56.43 -17.14 13.85
CA PRO C 467 57.02 -15.81 13.89
C PRO C 467 57.04 -15.20 15.30
N LYS C 468 58.23 -14.77 15.75
CA LYS C 468 58.44 -14.36 17.14
C LYS C 468 58.54 -12.84 17.32
N GLY C 469 58.66 -12.09 16.23
CA GLY C 469 58.97 -10.67 16.29
C GLY C 469 60.10 -10.36 15.33
N LYS C 470 61.13 -11.21 15.37
CA LYS C 470 62.18 -11.21 14.37
C LYS C 470 61.84 -12.23 13.28
N SER C 471 62.56 -12.17 12.16
CA SER C 471 62.45 -13.18 11.11
C SER C 471 62.99 -14.52 11.63
N PRO C 472 62.34 -15.63 11.28
CA PRO C 472 62.84 -16.94 11.72
C PRO C 472 64.25 -17.28 11.23
N LEU C 473 64.60 -16.78 10.04
CA LEU C 473 65.89 -17.10 9.43
C LEU C 473 67.09 -16.41 10.09
N GLU C 474 66.83 -15.39 10.91
CA GLU C 474 67.91 -14.74 11.69
C GLU C 474 68.39 -15.65 12.81
N ALA C 475 67.50 -16.46 13.35
CA ALA C 475 67.80 -17.30 14.52
C ALA C 475 68.49 -18.64 14.17
N HIS C 476 68.77 -18.85 12.89
CA HIS C 476 69.45 -20.08 12.45
C HIS C 476 70.66 -19.76 11.57
N PRO C 477 71.89 -19.88 12.14
CA PRO C 477 73.14 -19.63 11.42
C PRO C 477 73.38 -20.42 10.13
N GLU C 478 73.00 -21.70 10.11
CA GLU C 478 73.36 -22.60 9.01
C GLU C 478 73.01 -22.07 7.61
N PHE C 479 72.04 -21.15 7.55
CA PHE C 479 71.67 -20.48 6.29
C PHE C 479 72.64 -19.34 5.97
N TYR C 480 72.74 -18.37 6.87
CA TYR C 480 73.47 -17.12 6.60
C TYR C 480 74.98 -17.18 6.95
N GLU C 481 75.42 -18.25 7.59
CA GLU C 481 76.85 -18.55 7.69
C GLU C 481 77.39 -18.74 6.27
N THR C 482 77.67 -17.62 5.59
CA THR C 482 78.03 -17.65 4.18
C THR C 482 78.91 -16.48 3.76
N THR C 483 79.42 -16.55 2.53
CA THR C 483 80.41 -15.60 2.01
C THR C 483 79.87 -14.75 0.87
N CYS C 484 80.63 -13.72 0.50
CA CYS C 484 80.28 -12.84 -0.63
C CYS C 484 81.01 -13.27 -1.91
N PRO C 485 80.27 -13.30 -3.05
CA PRO C 485 80.86 -13.62 -4.35
C PRO C 485 81.41 -12.37 -5.07
N LYS C 486 82.64 -12.00 -4.75
CA LYS C 486 83.20 -10.72 -5.17
C LYS C 486 84.73 -10.69 -5.04
N CYS C 487 85.22 -10.93 -3.82
CA CYS C 487 86.66 -10.92 -3.51
C CYS C 487 87.13 -11.97 -2.48
N GLY C 488 86.18 -12.66 -1.82
CA GLY C 488 86.49 -13.80 -0.93
C GLY C 488 86.45 -13.49 0.57
N GLY C 489 85.59 -12.55 0.97
CA GLY C 489 85.53 -12.07 2.36
C GLY C 489 84.31 -12.54 3.15
N PRO C 490 84.09 -11.97 4.35
CA PRO C 490 82.96 -12.34 5.22
C PRO C 490 81.62 -11.66 4.83
N ALA C 491 80.53 -12.42 4.89
CA ALA C 491 79.23 -11.96 4.42
C ALA C 491 78.04 -12.56 5.17
N LYS C 492 76.83 -12.20 4.74
CA LYS C 492 75.58 -12.67 5.35
C LYS C 492 74.40 -12.50 4.38
N ARG C 493 73.81 -13.60 3.92
CA ARG C 493 72.60 -13.54 3.07
C ARG C 493 71.46 -12.87 3.82
N ASP C 494 70.63 -12.11 3.11
CA ASP C 494 69.52 -11.41 3.76
C ASP C 494 68.50 -12.40 4.25
N THR C 495 68.02 -12.16 5.47
CA THR C 495 67.19 -13.09 6.22
C THR C 495 65.70 -12.79 6.09
N ASP C 496 65.35 -11.80 5.26
CA ASP C 496 63.96 -11.41 5.03
C ASP C 496 63.37 -12.16 3.82
N THR C 497 62.04 -12.06 3.66
CA THR C 497 61.31 -12.79 2.61
C THR C 497 60.55 -11.85 1.67
N MET C 498 59.99 -12.41 0.60
CA MET C 498 59.13 -11.66 -0.29
C MET C 498 57.67 -11.89 0.04
N ASP C 499 56.84 -10.88 -0.24
CA ASP C 499 55.42 -10.94 0.00
C ASP C 499 54.73 -11.84 -1.03
N THR C 500 53.55 -12.35 -0.69
CA THR C 500 52.73 -13.13 -1.62
C THR C 500 52.64 -12.48 -2.99
N PHE C 501 52.28 -11.21 -3.01
CA PHE C 501 51.90 -10.54 -4.24
C PHE C 501 53.02 -10.44 -5.27
N PHE C 502 54.28 -10.57 -4.83
CA PHE C 502 55.39 -10.63 -5.77
C PHE C 502 55.19 -11.80 -6.71
N ASP C 503 55.07 -13.01 -6.17
CA ASP C 503 54.86 -14.19 -7.03
C ASP C 503 53.54 -14.11 -7.78
N SER C 504 52.55 -13.42 -7.20
CA SER C 504 51.27 -13.23 -7.86
C SER C 504 51.33 -12.20 -8.98
N SER C 505 52.39 -11.39 -9.01
CA SER C 505 52.45 -10.29 -9.95
C SER C 505 52.88 -10.68 -11.35
N TRP C 506 53.26 -11.95 -11.56
CA TRP C 506 53.64 -12.40 -12.91
C TRP C 506 53.31 -13.87 -13.22
N TYR C 507 52.43 -14.51 -12.44
CA TYR C 507 52.16 -15.93 -12.66
C TYR C 507 51.48 -16.16 -14.01
N TYR C 508 50.66 -15.19 -14.42
CA TYR C 508 50.04 -15.17 -15.75
C TYR C 508 51.02 -15.28 -16.91
N LEU C 509 52.25 -14.77 -16.74
CA LEU C 509 53.29 -14.92 -17.76
C LEU C 509 53.94 -16.29 -17.68
N ARG C 510 54.08 -16.80 -16.46
CA ARG C 510 54.65 -18.12 -16.27
C ARG C 510 53.87 -19.19 -17.01
N TYR C 511 52.55 -19.14 -16.94
CA TYR C 511 51.72 -20.15 -17.62
C TYR C 511 52.15 -20.40 -19.06
N THR C 512 52.58 -19.35 -19.76
CA THR C 512 52.92 -19.43 -21.18
C THR C 512 54.13 -20.30 -21.47
N ASP C 513 54.92 -20.58 -20.43
CA ASP C 513 56.07 -21.49 -20.52
C ASP C 513 56.48 -21.91 -19.11
N PRO C 514 55.80 -22.92 -18.55
CA PRO C 514 55.85 -23.23 -17.11
C PRO C 514 57.08 -23.99 -16.61
N HIS C 515 57.94 -24.42 -17.54
CA HIS C 515 59.06 -25.29 -17.21
C HIS C 515 60.37 -24.82 -17.85
N ASN C 516 60.59 -23.51 -17.88
CA ASN C 516 61.82 -22.94 -18.41
C ASN C 516 62.86 -22.91 -17.28
N ASP C 517 63.99 -23.59 -17.49
CA ASP C 517 65.11 -23.63 -16.54
C ASP C 517 66.21 -22.61 -16.90
N ARG C 518 65.93 -21.80 -17.93
CA ARG C 518 66.84 -20.76 -18.40
C ARG C 518 66.37 -19.37 -17.97
N LEU C 519 65.07 -19.13 -18.10
CA LEU C 519 64.45 -17.82 -17.82
C LEU C 519 63.21 -18.00 -16.96
N PRO C 520 62.63 -16.88 -16.48
CA PRO C 520 61.31 -16.94 -15.89
C PRO C 520 60.29 -17.51 -16.87
N PHE C 521 60.47 -17.19 -18.15
CA PHE C 521 59.66 -17.75 -19.22
C PHE C 521 60.35 -17.45 -20.54
N ASP C 522 59.89 -18.04 -21.63
CA ASP C 522 60.49 -17.82 -22.95
C ASP C 522 59.70 -16.73 -23.68
N PRO C 523 60.35 -15.58 -23.95
CA PRO C 523 59.66 -14.44 -24.56
C PRO C 523 59.00 -14.70 -25.93
N GLU C 524 59.43 -15.75 -26.62
CA GLU C 524 58.77 -16.22 -27.84
C GLU C 524 57.37 -16.73 -27.48
N LYS C 525 57.32 -17.58 -26.46
CA LYS C 525 56.08 -18.20 -25.99
C LYS C 525 55.14 -17.12 -25.43
N ALA C 526 55.58 -16.44 -24.37
CA ALA C 526 54.78 -15.43 -23.71
C ALA C 526 54.09 -14.48 -24.70
N ASN C 527 54.85 -13.99 -25.68
CA ASN C 527 54.30 -13.00 -26.63
C ASN C 527 53.27 -13.56 -27.62
N ALA C 528 53.20 -14.87 -27.78
CA ALA C 528 52.17 -15.47 -28.63
C ALA C 528 50.81 -15.62 -27.91
N TRP C 529 50.84 -15.80 -26.58
CA TRP C 529 49.63 -16.06 -25.77
C TRP C 529 49.15 -14.85 -24.95
N MET C 530 49.96 -13.79 -24.84
CA MET C 530 49.56 -12.54 -24.17
C MET C 530 48.90 -11.63 -25.21
N PRO C 531 48.02 -10.71 -24.78
CA PRO C 531 47.63 -10.43 -23.39
C PRO C 531 46.57 -11.40 -22.88
N VAL C 532 46.19 -11.29 -21.61
CA VAL C 532 45.06 -12.04 -21.09
C VAL C 532 43.84 -11.45 -21.78
N ASP C 533 43.19 -12.25 -22.63
CA ASP C 533 42.02 -11.80 -23.39
C ASP C 533 40.83 -11.55 -22.48
N GLN C 534 40.77 -12.29 -21.38
CA GLN C 534 39.74 -12.10 -20.38
C GLN C 534 40.24 -12.60 -19.02
N TYR C 535 40.39 -11.69 -18.07
CA TYR C 535 40.84 -12.03 -16.74
C TYR C 535 39.62 -11.96 -15.83
N ILE C 536 39.31 -13.08 -15.19
CA ILE C 536 38.13 -13.18 -14.32
C ILE C 536 38.57 -13.20 -12.89
N GLY C 537 37.86 -12.47 -12.04
CA GLY C 537 38.12 -12.55 -10.60
C GLY C 537 37.60 -11.40 -9.78
N GLY C 538 38.51 -10.62 -9.23
CA GLY C 538 38.20 -9.76 -8.11
C GLY C 538 37.75 -8.34 -8.44
N VAL C 539 36.77 -7.90 -7.65
CA VAL C 539 36.47 -6.47 -7.49
C VAL C 539 37.46 -5.89 -6.45
N GLU C 540 38.07 -6.79 -5.67
CA GLU C 540 38.78 -6.47 -4.43
C GLU C 540 40.31 -6.35 -4.58
N HIS C 541 40.85 -6.88 -5.67
CA HIS C 541 42.29 -6.77 -5.94
C HIS C 541 42.64 -5.49 -6.72
N ALA C 542 41.81 -4.45 -6.63
CA ALA C 542 41.93 -3.28 -7.52
C ALA C 542 43.25 -2.52 -7.39
N VAL C 543 43.63 -2.18 -6.15
CA VAL C 543 44.85 -1.41 -5.88
C VAL C 543 45.99 -2.25 -5.29
N LEU C 544 45.86 -3.58 -5.39
CA LEU C 544 46.91 -4.53 -5.00
C LEU C 544 47.52 -5.19 -6.25
N HIS C 545 47.01 -6.37 -6.60
CA HIS C 545 47.56 -7.21 -7.66
C HIS C 545 47.35 -6.56 -9.02
N LEU C 546 46.14 -6.08 -9.28
CA LEU C 546 45.82 -5.44 -10.56
C LEU C 546 46.47 -4.07 -10.74
N LEU C 547 47.34 -3.70 -9.81
CA LEU C 547 48.31 -2.64 -10.04
C LEU C 547 49.66 -3.33 -10.13
N TYR C 548 50.09 -3.90 -9.00
CA TYR C 548 51.36 -4.64 -8.89
C TYR C 548 51.73 -5.39 -10.16
N SER C 549 50.76 -6.13 -10.69
CA SER C 549 50.98 -6.91 -11.89
C SER C 549 51.30 -6.03 -13.10
N ARG C 550 50.72 -4.85 -13.16
CA ARG C 550 50.90 -3.98 -14.32
C ARG C 550 52.31 -3.41 -14.37
N PHE C 551 52.77 -2.91 -13.23
CA PHE C 551 54.18 -2.55 -13.06
C PHE C 551 55.10 -3.64 -13.63
N PHE C 552 55.08 -4.83 -13.01
CA PHE C 552 55.81 -5.99 -13.53
C PHE C 552 55.81 -6.05 -15.05
N THR C 553 54.62 -6.13 -15.65
CA THR C 553 54.55 -6.31 -17.09
C THR C 553 55.32 -5.21 -17.79
N LYS C 554 55.09 -3.95 -17.39
CA LYS C 554 55.80 -2.82 -17.98
C LYS C 554 57.32 -2.93 -17.74
N PHE C 555 57.69 -3.42 -16.56
CA PHE C 555 59.09 -3.62 -16.23
C PHE C 555 59.68 -4.70 -17.10
N LEU C 556 58.99 -5.83 -17.18
CA LEU C 556 59.43 -6.93 -18.03
C LEU C 556 59.43 -6.46 -19.47
N HIS C 557 58.36 -5.79 -19.89
CA HIS C 557 58.31 -5.20 -21.23
C HIS C 557 59.53 -4.34 -21.47
N ASP C 558 59.99 -3.65 -20.43
CA ASP C 558 61.20 -2.83 -20.53
C ASP C 558 62.52 -3.62 -20.71
N LEU C 559 62.59 -4.82 -20.13
CA LEU C 559 63.71 -5.73 -20.39
C LEU C 559 63.60 -6.40 -21.76
N GLY C 560 62.40 -6.35 -22.34
CA GLY C 560 62.15 -6.88 -23.69
C GLY C 560 61.37 -8.17 -23.68
N MET C 561 61.13 -8.71 -22.49
CA MET C 561 60.52 -10.03 -22.36
C MET C 561 58.99 -10.05 -22.48
N VAL C 562 58.37 -8.92 -22.82
CA VAL C 562 56.95 -8.87 -23.21
C VAL C 562 56.70 -7.66 -24.08
N LYS C 563 55.81 -7.81 -25.07
CA LYS C 563 55.60 -6.80 -26.12
C LYS C 563 54.38 -5.90 -25.87
N VAL C 564 53.36 -6.41 -25.18
CA VAL C 564 52.23 -5.58 -24.74
C VAL C 564 52.52 -5.12 -23.32
N GLU C 565 52.29 -3.84 -23.04
CA GLU C 565 52.63 -3.27 -21.73
C GLU C 565 51.61 -3.59 -20.62
N GLU C 566 50.33 -3.71 -20.96
CA GLU C 566 49.29 -4.11 -20.01
C GLU C 566 48.98 -5.59 -20.20
N PRO C 567 49.06 -6.39 -19.13
CA PRO C 567 48.84 -7.83 -19.28
C PRO C 567 47.39 -8.18 -19.56
N PHE C 568 46.47 -7.58 -18.82
CA PHE C 568 45.09 -7.96 -18.94
C PHE C 568 44.39 -7.00 -19.89
N GLN C 569 43.89 -7.50 -21.02
CA GLN C 569 43.19 -6.64 -21.97
C GLN C 569 41.80 -6.36 -21.46
N GLY C 570 41.14 -7.42 -21.01
CA GLY C 570 39.78 -7.37 -20.49
C GLY C 570 39.70 -7.97 -19.11
N LEU C 571 38.85 -7.38 -18.28
CA LEU C 571 38.75 -7.78 -16.90
C LEU C 571 37.30 -7.75 -16.51
N PHE C 572 36.76 -8.91 -16.21
CA PHE C 572 35.42 -9.01 -15.68
C PHE C 572 35.49 -9.30 -14.18
N THR C 573 34.72 -8.54 -13.40
CA THR C 573 34.63 -8.77 -11.97
C THR C 573 33.41 -9.61 -11.63
N GLN C 574 33.42 -10.17 -10.43
CA GLN C 574 32.41 -11.10 -10.01
C GLN C 574 31.73 -10.58 -8.76
N GLY C 575 30.42 -10.74 -8.71
CA GLY C 575 29.69 -10.61 -7.47
C GLY C 575 29.95 -11.87 -6.66
N MET C 576 30.10 -11.71 -5.35
CA MET C 576 30.40 -12.83 -4.48
C MET C 576 29.17 -13.71 -4.40
N VAL C 577 29.35 -14.95 -3.97
CA VAL C 577 28.23 -15.87 -3.79
C VAL C 577 27.81 -15.87 -2.32
N LEU C 578 26.50 -15.74 -2.09
CA LEU C 578 25.92 -15.66 -0.75
C LEU C 578 24.93 -16.80 -0.50
N ALA C 579 24.66 -17.07 0.77
CA ALA C 579 23.66 -18.06 1.19
C ALA C 579 23.06 -17.65 2.53
N TRP C 580 21.78 -17.95 2.73
CA TRP C 580 21.09 -17.60 3.97
C TRP C 580 21.82 -18.29 5.15
N THR C 581 22.15 -17.53 6.19
CA THR C 581 22.90 -18.06 7.33
C THR C 581 22.15 -17.97 8.67
N ASP C 582 22.07 -19.10 9.36
CA ASP C 582 21.45 -19.19 10.70
C ASP C 582 22.30 -18.42 11.71
N PHE C 583 21.74 -17.33 12.21
CA PHE C 583 22.38 -16.51 13.25
C PHE C 583 21.58 -16.59 14.56
N GLY C 584 22.00 -17.51 15.44
CA GLY C 584 21.47 -17.65 16.80
C GLY C 584 19.96 -17.85 16.95
N PRO C 585 19.46 -17.87 18.19
CA PRO C 585 18.02 -17.85 18.49
C PRO C 585 17.39 -16.45 18.63
N VAL C 586 16.07 -16.42 18.76
CA VAL C 586 15.29 -15.18 19.00
C VAL C 586 13.95 -15.53 19.70
N GLU C 587 13.16 -14.51 20.09
CA GLU C 587 11.90 -14.73 20.85
C GLU C 587 10.63 -14.07 20.28
N VAL C 588 9.51 -14.78 20.47
CA VAL C 588 8.19 -14.37 19.95
C VAL C 588 7.35 -13.64 21.00
N GLU C 589 6.64 -12.60 20.56
CA GLU C 589 5.65 -11.91 21.40
C GLU C 589 4.50 -11.40 20.52
N GLY C 590 3.99 -12.27 19.64
CA GLY C 590 2.84 -11.95 18.78
C GLY C 590 3.16 -11.07 17.59
N SER C 591 3.50 -9.80 17.87
CA SER C 591 3.88 -8.82 16.84
C SER C 591 5.01 -7.86 17.28
N VAL C 592 5.87 -8.33 18.19
CA VAL C 592 7.06 -7.58 18.63
C VAL C 592 8.22 -8.55 18.93
N VAL C 593 9.19 -8.60 18.01
CA VAL C 593 10.31 -9.53 18.11
C VAL C 593 11.41 -9.01 19.03
N ARG C 594 11.44 -9.53 20.26
CA ARG C 594 12.46 -9.15 21.24
C ARG C 594 13.77 -9.92 20.98
N LEU C 595 14.86 -9.20 20.72
CA LEU C 595 16.13 -9.81 20.32
C LEU C 595 17.05 -10.11 21.52
N PRO C 596 17.67 -11.31 21.55
CA PRO C 596 18.69 -11.65 22.56
C PRO C 596 20.03 -10.89 22.40
N GLU C 597 21.08 -11.44 23.02
CA GLU C 597 22.42 -10.83 22.99
C GLU C 597 23.52 -11.66 22.29
N PRO C 598 23.61 -12.99 22.55
CA PRO C 598 24.54 -13.81 21.73
C PRO C 598 24.19 -13.88 20.23
N THR C 599 22.95 -13.50 19.89
CA THR C 599 22.52 -13.35 18.50
C THR C 599 22.90 -11.97 17.93
N ARG C 600 22.70 -10.92 18.73
CA ARG C 600 23.07 -9.55 18.37
C ARG C 600 24.56 -9.41 18.06
N ILE C 601 25.39 -10.08 18.86
CA ILE C 601 26.85 -10.09 18.69
C ILE C 601 27.27 -10.17 17.22
N ARG C 602 26.68 -11.12 16.50
CA ARG C 602 27.08 -11.41 15.12
C ARG C 602 26.18 -10.71 14.08
N LEU C 603 25.80 -9.47 14.38
CA LEU C 603 25.02 -8.63 13.46
C LEU C 603 25.56 -7.20 13.32
N GLU C 604 25.96 -6.58 14.43
CA GLU C 604 26.49 -5.20 14.47
C GLU C 604 25.38 -4.16 14.28
N ILE C 605 24.74 -3.75 15.38
CA ILE C 605 23.62 -2.80 15.35
C ILE C 605 23.43 -2.02 16.68
N PRO C 606 22.60 -0.95 16.67
CA PRO C 606 22.19 -0.23 17.88
C PRO C 606 20.84 -0.62 18.53
N GLU C 607 20.04 -1.48 17.87
CA GLU C 607 18.74 -1.93 18.41
C GLU C 607 18.81 -3.33 19.06
N SER C 608 17.72 -3.72 19.74
CA SER C 608 17.58 -5.09 20.25
C SER C 608 16.14 -5.62 20.07
N ALA C 609 15.47 -5.17 19.00
CA ALA C 609 14.13 -5.65 18.65
C ALA C 609 13.58 -4.93 17.42
N LEU C 610 12.71 -5.61 16.68
CA LEU C 610 11.95 -5.00 15.59
C LEU C 610 10.54 -5.59 15.51
N SER C 611 10.24 -6.37 14.47
CA SER C 611 8.88 -6.88 14.21
C SER C 611 8.83 -7.68 12.90
N LEU C 612 7.63 -8.05 12.45
CA LEU C 612 7.45 -8.68 11.13
C LEU C 612 7.58 -7.69 9.95
N GLU C 613 7.65 -6.38 10.23
CA GLU C 613 7.73 -5.34 9.19
C GLU C 613 9.14 -4.75 9.00
N ASP C 614 9.88 -4.58 10.10
CA ASP C 614 11.22 -3.94 10.06
C ASP C 614 12.40 -4.94 9.98
N VAL C 615 12.16 -6.21 10.31
CA VAL C 615 13.14 -7.29 10.10
C VAL C 615 13.11 -7.76 8.64
N ARG C 616 11.92 -7.76 8.04
CA ARG C 616 11.74 -8.20 6.66
C ARG C 616 12.46 -7.30 5.65
N LYS C 617 12.39 -5.99 5.86
CA LYS C 617 12.96 -5.01 4.91
C LYS C 617 14.50 -5.04 4.81
N MET C 618 15.15 -5.93 5.55
CA MET C 618 16.58 -6.17 5.45
C MET C 618 16.90 -7.66 5.27
N GLY C 619 16.12 -8.33 4.43
CA GLY C 619 16.37 -9.72 4.01
C GLY C 619 16.66 -10.70 5.12
N ALA C 620 15.62 -11.18 5.79
CA ALA C 620 15.76 -12.20 6.83
C ALA C 620 14.41 -12.85 7.13
N GLU C 621 14.40 -14.18 7.20
CA GLU C 621 13.17 -14.93 7.45
C GLU C 621 13.26 -15.67 8.81
N LEU C 622 12.12 -16.20 9.25
CA LEU C 622 12.00 -16.84 10.57
C LEU C 622 11.64 -18.33 10.47
N ARG C 623 12.65 -19.20 10.61
CA ARG C 623 12.47 -20.65 10.51
C ARG C 623 12.72 -21.36 11.85
N PRO C 624 11.79 -22.24 12.27
CA PRO C 624 12.05 -23.13 13.40
C PRO C 624 13.30 -24.03 13.25
N HIS C 625 13.61 -24.76 14.32
CA HIS C 625 14.81 -25.59 14.40
C HIS C 625 14.50 -26.92 15.14
N GLU C 626 15.53 -27.57 15.70
CA GLU C 626 15.37 -28.77 16.53
C GLU C 626 15.57 -28.43 18.03
N ASP C 627 15.37 -27.16 18.36
CA ASP C 627 15.40 -26.67 19.75
C ASP C 627 14.23 -25.70 20.04
N GLY C 628 13.03 -26.06 19.55
CA GLY C 628 11.76 -25.40 19.90
C GLY C 628 11.65 -23.88 19.81
N THR C 629 12.60 -23.26 19.12
CA THR C 629 12.71 -21.79 19.08
C THR C 629 12.83 -21.30 17.64
N LEU C 630 12.18 -20.17 17.35
CA LEU C 630 12.32 -19.52 16.04
C LEU C 630 13.77 -19.04 15.88
N HIS C 631 14.35 -19.30 14.71
CA HIS C 631 15.75 -18.96 14.42
C HIS C 631 15.86 -17.95 13.27
N LEU C 632 16.84 -17.05 13.37
CA LEU C 632 17.04 -16.02 12.35
C LEU C 632 18.02 -16.50 11.30
N TRP C 633 17.67 -16.24 10.03
CA TRP C 633 18.57 -16.48 8.90
C TRP C 633 18.77 -15.17 8.13
N LYS C 634 19.93 -15.03 7.50
CA LYS C 634 20.29 -13.83 6.74
C LYS C 634 21.27 -14.22 5.63
N PRO C 635 21.15 -13.61 4.43
CA PRO C 635 22.15 -13.87 3.39
C PRO C 635 23.46 -13.16 3.71
N ALA C 636 24.48 -13.92 4.10
CA ALA C 636 25.77 -13.35 4.47
C ALA C 636 26.90 -13.95 3.65
N VAL C 637 27.99 -13.20 3.53
CA VAL C 637 29.16 -13.61 2.74
C VAL C 637 29.65 -15.01 3.12
N MET C 638 29.24 -15.99 2.33
CA MET C 638 29.63 -17.39 2.48
C MET C 638 31.14 -17.57 2.58
N SER C 639 31.60 -18.24 3.65
CA SER C 639 33.03 -18.55 3.83
C SER C 639 33.28 -19.57 4.94
N LYS C 640 34.55 -19.86 5.20
CA LYS C 640 34.97 -20.72 6.31
C LYS C 640 34.53 -20.14 7.66
N SER C 641 34.98 -18.92 7.96
CA SER C 641 34.73 -18.24 9.25
C SER C 641 33.26 -18.09 9.68
N LYS C 642 32.34 -18.07 8.72
CA LYS C 642 30.91 -17.90 9.01
C LYS C 642 30.19 -19.23 9.23
N GLY C 643 30.79 -20.33 8.78
CA GLY C 643 30.23 -21.67 8.97
C GLY C 643 28.89 -21.87 8.28
N ASN C 644 28.84 -21.53 7.00
CA ASN C 644 27.60 -21.59 6.21
C ASN C 644 27.74 -22.16 4.80
N GLY C 645 28.98 -22.42 4.37
CA GLY C 645 29.26 -22.68 2.97
C GLY C 645 28.89 -24.07 2.50
N VAL C 646 28.34 -24.15 1.29
CA VAL C 646 28.03 -25.42 0.67
C VAL C 646 29.30 -25.98 0.05
N MET C 647 29.93 -26.92 0.75
CA MET C 647 31.10 -27.61 0.23
C MET C 647 30.69 -28.45 -0.97
N VAL C 648 31.64 -28.62 -1.90
CA VAL C 648 31.34 -29.24 -3.19
C VAL C 648 31.17 -30.75 -3.04
N GLY C 649 32.11 -31.38 -2.32
CA GLY C 649 32.11 -32.83 -2.13
C GLY C 649 30.75 -33.42 -1.79
N PRO C 650 30.21 -33.09 -0.60
CA PRO C 650 28.88 -33.59 -0.24
C PRO C 650 27.82 -33.31 -1.30
N PHE C 651 27.78 -32.08 -1.81
CA PHE C 651 26.73 -31.64 -2.74
C PHE C 651 26.72 -32.43 -4.04
N VAL C 652 27.90 -32.64 -4.62
CA VAL C 652 28.00 -33.29 -5.92
C VAL C 652 27.39 -34.69 -5.88
N LYS C 653 27.68 -35.43 -4.81
CA LYS C 653 27.20 -36.80 -4.66
C LYS C 653 25.67 -36.84 -4.49
N GLU C 654 25.10 -35.80 -3.90
CA GLU C 654 23.66 -35.77 -3.58
C GLU C 654 22.81 -34.85 -4.48
N GLN C 655 23.43 -34.17 -5.45
CA GLN C 655 22.66 -33.49 -6.52
C GLN C 655 23.36 -33.55 -7.89
N GLY C 656 24.63 -33.12 -7.95
CA GLY C 656 25.43 -33.25 -9.18
C GLY C 656 26.48 -32.16 -9.37
N ALA C 657 26.81 -31.90 -10.63
CA ALA C 657 27.68 -30.79 -11.01
C ALA C 657 26.94 -29.83 -11.94
N ASP C 658 26.58 -30.30 -13.14
CA ASP C 658 25.78 -29.49 -14.11
C ASP C 658 24.74 -28.64 -13.40
N ILE C 659 24.11 -29.22 -12.38
CA ILE C 659 23.16 -28.50 -11.54
C ILE C 659 23.85 -27.29 -10.93
N ALA C 660 24.82 -27.56 -10.06
CA ALA C 660 25.55 -26.50 -9.36
C ALA C 660 25.96 -25.41 -10.34
N ARG C 661 26.47 -25.82 -11.48
CA ARG C 661 26.88 -24.88 -12.53
C ARG C 661 25.72 -24.00 -12.96
N ILE C 662 24.61 -24.63 -13.37
CA ILE C 662 23.46 -23.89 -13.91
C ILE C 662 22.71 -23.13 -12.81
N THR C 663 22.88 -23.52 -11.55
CA THR C 663 22.38 -22.71 -10.43
C THR C 663 23.19 -21.41 -10.35
N ILE C 664 24.51 -21.58 -10.39
CA ILE C 664 25.48 -20.50 -10.25
C ILE C 664 25.42 -19.48 -11.38
N LEU C 665 25.43 -19.97 -12.61
CA LEU C 665 25.39 -19.10 -13.80
C LEU C 665 24.11 -18.30 -13.95
N PHE C 666 22.98 -18.94 -13.70
CA PHE C 666 21.67 -18.39 -14.05
C PHE C 666 20.94 -17.58 -12.96
N ALA C 667 21.22 -17.90 -11.70
CA ALA C 667 20.47 -17.30 -10.58
C ALA C 667 20.45 -15.78 -10.62
N ALA C 668 21.56 -15.19 -11.02
CA ALA C 668 21.70 -13.73 -11.03
C ALA C 668 22.63 -13.25 -12.14
N PRO C 669 22.69 -11.92 -12.34
CA PRO C 669 23.69 -11.40 -13.25
C PRO C 669 25.07 -11.72 -12.72
N PRO C 670 25.99 -12.01 -13.61
CA PRO C 670 27.29 -12.48 -13.14
C PRO C 670 28.00 -11.41 -12.31
N GLU C 671 28.07 -10.19 -12.80
CA GLU C 671 28.82 -9.16 -12.07
C GLU C 671 28.15 -8.76 -10.74
N ASN C 672 26.84 -9.03 -10.62
CA ASN C 672 26.10 -8.83 -9.36
C ASN C 672 26.30 -9.98 -8.39
N GLU C 673 26.23 -9.71 -7.09
CA GLU C 673 26.32 -10.77 -6.10
C GLU C 673 25.07 -11.64 -6.16
N MET C 674 25.17 -12.87 -5.68
CA MET C 674 24.10 -13.84 -5.84
C MET C 674 23.82 -14.64 -4.57
N VAL C 675 22.60 -15.16 -4.46
CA VAL C 675 22.19 -15.91 -3.29
C VAL C 675 21.95 -17.39 -3.62
N TRP C 676 22.54 -18.26 -2.82
CA TRP C 676 22.50 -19.71 -3.08
C TRP C 676 21.25 -20.30 -2.48
N THR C 677 20.14 -20.09 -3.16
CA THR C 677 18.85 -20.59 -2.70
C THR C 677 18.66 -22.06 -3.10
N GLU C 678 18.57 -22.95 -2.11
CA GLU C 678 18.24 -24.36 -2.37
C GLU C 678 16.91 -24.42 -3.12
N GLU C 679 16.07 -23.42 -2.87
CA GLU C 679 14.83 -23.15 -3.64
C GLU C 679 15.10 -23.01 -5.16
N GLY C 680 16.33 -22.60 -5.52
CA GLY C 680 16.74 -22.44 -6.91
C GLY C 680 17.57 -23.60 -7.44
N VAL C 681 18.27 -24.31 -6.55
CA VAL C 681 19.05 -25.49 -6.96
C VAL C 681 18.13 -26.59 -7.50
N GLN C 682 16.88 -26.56 -7.05
CA GLN C 682 15.82 -27.38 -7.65
C GLN C 682 15.53 -26.87 -9.07
N GLY C 683 15.42 -25.55 -9.22
CA GLY C 683 15.24 -24.93 -10.52
C GLY C 683 16.16 -25.59 -11.52
N ALA C 684 17.41 -25.78 -11.14
CA ALA C 684 18.35 -26.55 -11.92
C ALA C 684 17.71 -27.85 -12.45
N TRP C 685 17.31 -28.74 -11.54
CA TRP C 685 16.71 -30.04 -11.94
C TRP C 685 15.59 -29.87 -12.96
N ARG C 686 14.58 -29.09 -12.60
CA ARG C 686 13.39 -28.89 -13.43
C ARG C 686 13.66 -28.16 -14.74
N PHE C 687 14.89 -27.70 -14.94
CA PHE C 687 15.35 -27.34 -16.27
C PHE C 687 15.99 -28.56 -16.90
N LEU C 688 17.07 -29.02 -16.28
CA LEU C 688 17.91 -30.09 -16.83
C LEU C 688 17.14 -31.34 -17.22
N ASN C 689 16.01 -31.59 -16.56
CA ASN C 689 15.16 -32.71 -16.93
C ASN C 689 14.41 -32.42 -18.22
N ARG C 690 13.82 -31.23 -18.31
CA ARG C 690 13.06 -30.85 -19.50
C ARG C 690 13.94 -31.02 -20.73
N ILE C 691 15.24 -30.74 -20.59
CA ILE C 691 16.18 -31.00 -21.67
C ILE C 691 16.20 -32.51 -21.96
N TYR C 692 16.44 -33.31 -20.92
CA TYR C 692 16.56 -34.76 -21.07
C TYR C 692 15.37 -35.39 -21.78
N ARG C 693 14.18 -35.20 -21.21
CA ARG C 693 12.95 -35.80 -21.73
C ARG C 693 12.64 -35.45 -23.20
N ARG C 694 12.73 -34.16 -23.55
CA ARG C 694 12.37 -33.73 -24.90
C ARG C 694 13.28 -34.31 -25.99
N VAL C 695 14.51 -34.68 -25.60
CA VAL C 695 15.43 -35.41 -26.50
C VAL C 695 15.61 -36.86 -26.03
N ALA C 696 14.68 -37.34 -25.20
CA ALA C 696 14.59 -38.76 -24.83
C ALA C 696 13.27 -39.35 -25.32
N GLU C 697 12.20 -38.54 -25.25
CA GLU C 697 10.91 -38.91 -25.81
C GLU C 697 11.02 -38.99 -27.34
N ASP C 698 12.06 -38.37 -27.89
CA ASP C 698 12.36 -38.44 -29.32
C ASP C 698 13.76 -39.04 -29.58
N ARG C 699 14.09 -40.09 -28.83
CA ARG C 699 15.35 -40.81 -29.03
C ARG C 699 15.27 -41.54 -30.35
N GLU C 700 14.24 -42.36 -30.48
CA GLU C 700 14.05 -43.19 -31.67
C GLU C 700 13.74 -42.36 -32.91
N ALA C 701 13.08 -41.21 -32.73
CA ALA C 701 12.55 -40.40 -33.85
C ALA C 701 13.63 -39.61 -34.62
N LEU C 702 14.66 -39.14 -33.93
CA LEU C 702 15.78 -38.45 -34.59
C LEU C 702 16.73 -39.48 -35.21
N LEU C 703 16.89 -40.63 -34.54
CA LEU C 703 17.65 -41.76 -35.06
C LEU C 703 17.14 -42.24 -36.41
N GLU C 704 15.81 -42.17 -36.60
CA GLU C 704 15.16 -42.55 -37.87
C GLU C 704 14.90 -41.34 -38.80
N THR C 705 15.60 -40.21 -38.57
CA THR C 705 15.44 -39.02 -39.42
C THR C 705 16.77 -38.34 -39.73
N SER C 706 16.94 -37.95 -41.00
CA SER C 706 18.09 -37.18 -41.43
C SER C 706 17.79 -35.70 -41.18
N GLY C 707 18.72 -34.99 -40.55
CA GLY C 707 18.54 -33.57 -40.26
C GLY C 707 18.88 -32.65 -41.43
N VAL C 708 18.88 -33.18 -42.65
CA VAL C 708 19.16 -32.36 -43.84
C VAL C 708 17.84 -31.85 -44.42
N PHE C 709 17.83 -30.58 -44.82
CA PHE C 709 16.65 -29.94 -45.41
C PHE C 709 17.00 -28.61 -46.06
N GLN C 710 16.20 -28.20 -47.03
CA GLN C 710 16.36 -26.88 -47.65
C GLN C 710 15.77 -25.85 -46.69
N ALA C 711 16.49 -24.76 -46.47
CA ALA C 711 16.11 -23.78 -45.45
C ALA C 711 14.99 -22.84 -45.90
N GLU C 712 14.86 -22.65 -47.22
CA GLU C 712 13.95 -21.66 -47.78
C GLU C 712 12.60 -22.26 -48.12
N ALA C 713 12.61 -23.54 -48.51
CA ALA C 713 11.39 -24.29 -48.84
C ALA C 713 10.50 -24.57 -47.63
N LEU C 714 11.02 -24.30 -46.43
CA LEU C 714 10.28 -24.49 -45.20
C LEU C 714 9.07 -23.56 -45.14
N GLU C 715 8.00 -24.08 -44.56
CA GLU C 715 6.73 -23.37 -44.48
C GLU C 715 6.08 -23.69 -43.14
N GLY C 716 4.94 -23.07 -42.86
CA GLY C 716 4.14 -23.39 -41.68
C GLY C 716 4.86 -23.20 -40.35
N LYS C 717 4.49 -24.02 -39.37
CA LYS C 717 5.03 -23.90 -38.00
C LYS C 717 6.48 -24.41 -37.93
N ASP C 718 6.95 -25.04 -39.00
CA ASP C 718 8.39 -25.32 -39.16
C ASP C 718 9.14 -24.01 -39.29
N ARG C 719 8.86 -23.26 -40.36
CA ARG C 719 9.54 -21.97 -40.63
C ARG C 719 9.64 -21.08 -39.37
N GLU C 720 8.66 -21.21 -38.48
CA GLU C 720 8.65 -20.49 -37.20
C GLU C 720 9.70 -21.03 -36.24
N LEU C 721 9.86 -22.36 -36.17
CA LEU C 721 10.88 -22.98 -35.32
C LEU C 721 12.28 -22.69 -35.84
N TYR C 722 12.39 -22.46 -37.14
CA TYR C 722 13.66 -22.06 -37.75
C TYR C 722 14.05 -20.65 -37.32
N GLY C 723 13.09 -19.73 -37.24
CA GLY C 723 13.35 -18.42 -36.66
C GLY C 723 13.74 -18.50 -35.20
N LYS C 724 12.94 -19.25 -34.42
CA LYS C 724 13.13 -19.38 -32.98
C LYS C 724 14.46 -20.06 -32.62
N LEU C 725 14.99 -20.89 -33.51
CA LEU C 725 16.29 -21.49 -33.29
C LEU C 725 17.36 -20.41 -33.40
N HIS C 726 17.41 -19.77 -34.57
CA HIS C 726 18.47 -18.84 -34.91
C HIS C 726 18.43 -17.60 -34.06
N GLU C 727 17.23 -17.09 -33.86
CA GLU C 727 17.03 -15.93 -33.01
C GLU C 727 17.65 -16.21 -31.66
N THR C 728 17.56 -17.48 -31.22
CA THR C 728 18.20 -17.92 -29.99
C THR C 728 19.70 -18.02 -30.17
N LEU C 729 20.15 -18.79 -31.15
CA LEU C 729 21.59 -18.99 -31.35
C LEU C 729 22.31 -17.67 -31.16
N LYS C 730 21.88 -16.66 -31.92
CA LYS C 730 22.38 -15.29 -31.78
C LYS C 730 22.45 -14.91 -30.30
N LYS C 731 21.29 -14.87 -29.65
CA LYS C 731 21.21 -14.39 -28.27
C LYS C 731 22.10 -15.19 -27.30
N VAL C 732 22.43 -16.44 -27.65
CA VAL C 732 23.35 -17.20 -26.83
C VAL C 732 24.77 -16.75 -27.13
N THR C 733 25.07 -16.50 -28.40
CA THR C 733 26.44 -16.17 -28.83
C THR C 733 26.88 -14.81 -28.33
N GLU C 734 26.03 -13.82 -28.50
CA GLU C 734 26.34 -12.46 -28.06
C GLU C 734 26.46 -12.45 -26.55
N ASP C 735 25.39 -12.90 -25.89
CA ASP C 735 25.38 -12.96 -24.43
C ASP C 735 26.50 -13.87 -23.89
N LEU C 736 27.01 -14.80 -24.69
CA LEU C 736 28.23 -15.52 -24.28
C LEU C 736 29.51 -14.74 -24.59
N GLU C 737 29.49 -13.94 -25.67
CA GLU C 737 30.67 -13.15 -26.04
C GLU C 737 30.88 -11.96 -25.12
N ALA C 738 29.79 -11.28 -24.76
CA ALA C 738 29.86 -10.09 -23.89
C ALA C 738 29.76 -10.40 -22.38
N LEU C 739 30.03 -11.66 -22.00
CA LEU C 739 30.05 -12.11 -20.59
C LEU C 739 28.73 -11.90 -19.86
N ARG C 740 27.71 -12.62 -20.31
CA ARG C 740 26.37 -12.50 -19.74
C ARG C 740 25.70 -13.89 -19.65
N PHE C 741 26.30 -14.74 -18.81
CA PHE C 741 25.89 -16.15 -18.69
C PHE C 741 24.45 -16.34 -18.13
N ASN C 742 23.96 -15.38 -17.35
CA ASN C 742 22.57 -15.42 -16.91
C ASN C 742 21.60 -15.52 -18.11
N THR C 743 21.54 -14.49 -18.96
CA THR C 743 20.53 -14.38 -20.03
C THR C 743 20.80 -15.32 -21.19
N ALA C 744 22.03 -15.79 -21.29
CA ALA C 744 22.35 -16.88 -22.18
C ALA C 744 21.48 -18.08 -21.83
N ILE C 745 21.70 -18.62 -20.63
CA ILE C 745 20.95 -19.79 -20.15
C ILE C 745 19.46 -19.50 -20.18
N ALA C 746 19.09 -18.27 -19.86
CA ALA C 746 17.71 -17.82 -19.96
C ALA C 746 17.15 -18.00 -21.37
N ALA C 747 17.93 -17.69 -22.41
CA ALA C 747 17.46 -17.86 -23.78
C ALA C 747 17.43 -19.34 -24.23
N LEU C 748 18.22 -20.18 -23.56
CA LEU C 748 18.20 -21.63 -23.78
C LEU C 748 17.05 -22.35 -23.05
N MET C 749 16.46 -21.68 -22.07
CA MET C 749 15.25 -22.17 -21.40
C MET C 749 14.02 -21.80 -22.20
N GLU C 750 14.08 -20.63 -22.85
CA GLU C 750 12.95 -20.13 -23.63
C GLU C 750 12.77 -20.98 -24.88
N PHE C 751 13.86 -21.25 -25.56
CA PHE C 751 13.81 -22.06 -26.76
C PHE C 751 13.35 -23.47 -26.43
N LEU C 752 13.60 -23.90 -25.19
CA LEU C 752 13.16 -25.21 -24.71
C LEU C 752 11.64 -25.34 -24.61
N ASN C 753 10.98 -24.29 -24.14
CA ASN C 753 9.52 -24.23 -24.21
C ASN C 753 9.10 -24.36 -25.66
N ALA C 754 9.54 -23.40 -26.49
CA ALA C 754 9.23 -23.38 -27.92
C ALA C 754 9.38 -24.76 -28.55
N LEU C 755 10.45 -25.48 -28.17
CA LEU C 755 10.65 -26.87 -28.58
C LEU C 755 9.51 -27.75 -28.09
N TYR C 756 9.33 -27.83 -26.77
CA TYR C 756 8.17 -28.55 -26.21
C TYR C 756 6.83 -28.15 -26.84
N GLU C 757 6.73 -26.86 -27.23
CA GLU C 757 5.54 -26.31 -27.88
C GLU C 757 5.49 -26.57 -29.38
N TYR C 758 6.64 -26.80 -30.01
CA TYR C 758 6.65 -27.27 -31.40
C TYR C 758 6.27 -28.76 -31.50
N ARG C 759 6.41 -29.50 -30.40
CA ARG C 759 6.15 -30.94 -30.39
C ARG C 759 4.67 -31.35 -30.14
N LYS C 760 3.79 -30.36 -29.96
CA LYS C 760 2.36 -30.61 -29.79
C LYS C 760 1.64 -30.70 -31.14
N ASP C 761 2.03 -29.80 -32.05
CA ASP C 761 1.38 -29.71 -33.35
C ASP C 761 2.14 -30.52 -34.39
N ARG C 762 3.40 -30.81 -34.13
CA ARG C 762 4.31 -31.28 -35.17
C ARG C 762 5.14 -32.50 -34.69
N PRO C 763 5.44 -33.44 -35.60
CA PRO C 763 6.20 -34.62 -35.22
C PRO C 763 7.70 -34.36 -35.28
N VAL C 764 8.51 -35.41 -35.11
CA VAL C 764 9.97 -35.27 -35.13
C VAL C 764 10.48 -35.07 -36.55
N THR C 765 10.46 -33.81 -36.99
CA THR C 765 10.79 -33.43 -38.38
C THR C 765 12.32 -33.19 -38.50
N PRO C 766 12.81 -32.79 -39.70
CA PRO C 766 14.26 -32.63 -39.87
C PRO C 766 14.78 -31.38 -39.18
N VAL C 767 14.16 -30.23 -39.45
CA VAL C 767 14.51 -28.99 -38.78
C VAL C 767 14.67 -29.28 -37.29
N TYR C 768 13.62 -29.80 -36.67
CA TYR C 768 13.63 -30.12 -35.24
C TYR C 768 14.88 -30.90 -34.84
N ARG C 769 15.13 -32.04 -35.48
CA ARG C 769 16.32 -32.83 -35.13
C ARG C 769 17.51 -31.90 -35.07
N THR C 770 17.73 -31.18 -36.16
CA THR C 770 18.80 -30.18 -36.18
C THR C 770 18.68 -29.28 -34.96
N ALA C 771 17.49 -28.75 -34.70
CA ALA C 771 17.30 -27.89 -33.56
C ALA C 771 18.04 -28.46 -32.37
N ILE C 772 17.79 -29.74 -32.10
CA ILE C 772 18.38 -30.42 -30.94
C ILE C 772 19.90 -30.48 -31.09
N ARG C 773 20.37 -30.78 -32.29
CA ARG C 773 21.79 -30.71 -32.62
C ARG C 773 22.36 -29.35 -32.16
N TYR C 774 21.87 -28.26 -32.76
CA TYR C 774 22.31 -26.90 -32.41
C TYR C 774 22.14 -26.61 -30.92
N TYR C 775 21.01 -27.03 -30.36
CA TYR C 775 20.74 -26.84 -28.93
C TYR C 775 21.87 -27.42 -28.08
N LEU C 776 22.04 -28.74 -28.16
CA LEU C 776 23.07 -29.44 -27.39
C LEU C 776 24.45 -28.77 -27.45
N GLN C 777 24.79 -28.16 -28.58
CA GLN C 777 26.02 -27.37 -28.69
C GLN C 777 25.91 -26.11 -27.83
N MET C 778 24.81 -25.38 -28.00
CA MET C 778 24.56 -24.18 -27.22
C MET C 778 24.54 -24.47 -25.74
N LEU C 779 24.24 -25.71 -25.37
CA LEU C 779 24.24 -26.14 -23.97
C LEU C 779 25.65 -26.35 -23.44
N PHE C 780 26.51 -26.91 -24.29
CA PHE C 780 27.81 -27.43 -23.84
C PHE C 780 28.52 -26.51 -22.83
N PRO C 781 28.78 -25.25 -23.20
CA PRO C 781 29.60 -24.47 -22.28
C PRO C 781 29.03 -24.43 -20.85
N PHE C 782 27.73 -24.32 -20.72
CA PHE C 782 27.09 -24.16 -19.41
C PHE C 782 26.85 -25.52 -18.77
N ALA C 783 26.14 -26.37 -19.49
CA ALA C 783 25.72 -27.66 -19.01
C ALA C 783 26.34 -28.72 -19.93
N PRO C 784 27.64 -28.98 -19.76
CA PRO C 784 28.37 -29.82 -20.71
C PRO C 784 28.05 -31.29 -20.65
N HIS C 785 28.03 -31.86 -19.44
CA HIS C 785 27.91 -33.31 -19.29
C HIS C 785 26.65 -33.80 -20.00
N LEU C 786 25.51 -33.33 -19.51
CA LEU C 786 24.24 -33.70 -20.10
C LEU C 786 24.21 -33.31 -21.58
N ALA C 787 24.96 -32.29 -21.98
CA ALA C 787 25.06 -31.92 -23.39
C ALA C 787 25.80 -32.97 -24.23
N GLU C 788 26.87 -33.54 -23.65
CA GLU C 788 27.71 -34.52 -24.33
C GLU C 788 26.95 -35.84 -24.46
N GLU C 789 26.38 -36.28 -23.35
CA GLU C 789 25.56 -37.48 -23.32
C GLU C 789 24.58 -37.40 -24.47
N LEU C 790 23.66 -36.44 -24.44
CA LEU C 790 22.66 -36.30 -25.50
C LEU C 790 23.29 -36.40 -26.88
N TRP C 791 24.27 -35.52 -27.14
CA TRP C 791 24.89 -35.40 -28.45
C TRP C 791 25.57 -36.70 -28.91
N HIS C 792 26.08 -37.48 -27.96
CA HIS C 792 26.70 -38.76 -28.31
C HIS C 792 25.69 -39.79 -28.83
N TRP C 793 24.48 -39.83 -28.29
CA TRP C 793 23.47 -40.80 -28.73
C TRP C 793 23.33 -40.75 -30.25
N PHE C 794 23.20 -39.54 -30.79
CA PHE C 794 22.87 -39.36 -32.20
C PHE C 794 24.09 -39.06 -33.07
N TRP C 795 25.18 -38.62 -32.44
CA TRP C 795 26.44 -38.35 -33.16
C TRP C 795 27.65 -39.04 -32.49
N PRO C 796 28.72 -39.35 -33.27
CA PRO C 796 29.81 -40.21 -32.77
C PRO C 796 30.91 -39.51 -31.94
N ASP C 797 31.40 -38.35 -32.40
CA ASP C 797 32.50 -37.63 -31.74
C ASP C 797 32.03 -36.50 -30.81
N SER C 798 32.87 -36.19 -29.81
CA SER C 798 32.62 -35.16 -28.79
C SER C 798 32.13 -33.81 -29.31
N LEU C 799 31.45 -33.06 -28.44
CA LEU C 799 31.02 -31.71 -28.76
C LEU C 799 32.24 -30.83 -29.06
N PHE C 800 33.29 -30.96 -28.25
CA PHE C 800 34.50 -30.16 -28.43
C PHE C 800 34.95 -30.09 -29.88
N GLU C 801 34.70 -31.15 -30.64
CA GLU C 801 35.12 -31.22 -32.04
C GLU C 801 34.06 -30.70 -33.03
N ALA C 802 32.82 -30.54 -32.55
CA ALA C 802 31.66 -30.23 -33.42
C ALA C 802 31.68 -28.89 -34.17
N GLY C 803 31.86 -27.79 -33.45
CA GLY C 803 32.00 -26.46 -34.08
C GLY C 803 30.80 -25.57 -33.89
N TRP C 804 31.03 -24.35 -33.40
CA TRP C 804 29.93 -23.43 -33.05
C TRP C 804 29.04 -23.10 -34.26
N PRO C 805 27.71 -23.23 -34.11
CA PRO C 805 26.80 -23.18 -35.26
C PRO C 805 26.75 -21.85 -36.00
N GLU C 806 26.63 -21.94 -37.33
CA GLU C 806 26.60 -20.76 -38.20
C GLU C 806 25.26 -20.02 -38.07
N LEU C 807 25.28 -18.71 -38.25
CA LEU C 807 24.06 -17.89 -38.19
C LEU C 807 23.47 -17.68 -39.58
N ASP C 808 22.14 -17.71 -39.65
CA ASP C 808 21.41 -17.49 -40.88
C ASP C 808 20.72 -16.17 -40.71
N GLU C 809 21.48 -15.08 -40.94
CA GLU C 809 20.96 -13.71 -40.78
C GLU C 809 19.64 -13.56 -41.54
N LYS C 810 19.50 -14.34 -42.60
CA LYS C 810 18.28 -14.42 -43.39
C LYS C 810 17.11 -15.03 -42.62
N ALA C 811 17.40 -15.93 -41.70
CA ALA C 811 16.37 -16.59 -40.87
C ALA C 811 15.74 -15.66 -39.85
N LEU C 812 16.41 -14.54 -39.60
CA LEU C 812 15.93 -13.57 -38.63
C LEU C 812 14.95 -12.55 -39.22
N GLU C 813 14.68 -12.62 -40.52
CA GLU C 813 13.68 -11.76 -41.14
C GLU C 813 12.28 -12.25 -40.78
N LYS C 814 11.56 -11.47 -39.98
CA LYS C 814 10.25 -11.88 -39.48
C LYS C 814 9.17 -11.60 -40.50
N ASP C 815 8.26 -12.55 -40.67
CA ASP C 815 7.09 -12.43 -41.54
C ASP C 815 5.82 -12.56 -40.72
N VAL C 816 4.85 -11.68 -40.98
CA VAL C 816 3.62 -11.60 -40.17
C VAL C 816 3.97 -11.28 -38.71
N VAL C 817 4.51 -10.07 -38.53
CA VAL C 817 4.86 -9.57 -37.20
C VAL C 817 3.58 -9.21 -36.45
N GLU C 818 3.60 -9.31 -35.12
CA GLU C 818 2.47 -8.87 -34.30
C GLU C 818 2.59 -7.38 -33.97
N VAL C 819 2.05 -6.54 -34.85
CA VAL C 819 2.05 -5.10 -34.62
C VAL C 819 1.08 -4.80 -33.48
N ALA C 820 1.46 -3.84 -32.64
CA ALA C 820 0.61 -3.42 -31.52
C ALA C 820 -0.05 -2.10 -31.86
N VAL C 821 -1.38 -2.11 -31.95
CA VAL C 821 -2.15 -0.89 -32.18
C VAL C 821 -2.20 -0.09 -30.89
N GLN C 822 -2.11 1.23 -31.01
CA GLN C 822 -2.35 2.12 -29.87
C GLN C 822 -3.03 3.38 -30.37
N VAL C 823 -3.80 4.00 -29.47
CA VAL C 823 -4.38 5.30 -29.75
C VAL C 823 -3.97 6.24 -28.62
N ASN C 824 -3.28 7.32 -29.00
CA ASN C 824 -2.72 8.26 -28.06
C ASN C 824 -1.79 7.57 -27.07
N GLY C 825 -0.98 6.62 -27.57
CA GLY C 825 -0.01 5.92 -26.74
C GLY C 825 -0.60 4.78 -25.93
N ARG C 826 -1.86 4.91 -25.55
CA ARG C 826 -2.56 3.87 -24.81
C ARG C 826 -2.77 2.68 -25.73
N VAL C 827 -2.07 1.59 -25.43
CA VAL C 827 -2.06 0.40 -26.27
C VAL C 827 -3.36 -0.38 -26.09
N ARG C 828 -4.19 -0.35 -27.11
CA ARG C 828 -5.55 -0.91 -27.06
C ARG C 828 -5.52 -2.42 -27.31
N GLY C 829 -4.86 -2.82 -28.39
CA GLY C 829 -4.68 -4.23 -28.71
C GLY C 829 -3.56 -4.47 -29.72
N THR C 830 -3.58 -5.64 -30.36
CA THR C 830 -2.56 -6.04 -31.35
C THR C 830 -3.19 -6.79 -32.53
N ILE C 831 -2.81 -6.41 -33.75
CA ILE C 831 -3.16 -7.17 -34.95
C ILE C 831 -1.95 -7.95 -35.44
N HIS C 832 -2.16 -8.88 -36.36
CA HIS C 832 -1.10 -9.78 -36.80
C HIS C 832 -0.88 -9.66 -38.30
N ILE C 833 0.06 -8.80 -38.71
CA ILE C 833 0.24 -8.46 -40.12
C ILE C 833 1.71 -8.50 -40.56
N PRO C 834 1.98 -8.54 -41.87
CA PRO C 834 3.37 -8.53 -42.36
C PRO C 834 4.14 -7.26 -42.04
N LYS C 835 5.46 -7.38 -41.94
CA LYS C 835 6.33 -6.24 -41.60
C LYS C 835 6.23 -5.11 -42.63
N ASP C 836 5.94 -5.45 -43.88
CA ASP C 836 5.85 -4.46 -44.95
C ASP C 836 4.41 -3.97 -45.18
N ALA C 837 3.45 -4.67 -44.57
CA ALA C 837 2.03 -4.39 -44.73
C ALA C 837 1.77 -2.89 -44.57
N PRO C 838 1.45 -2.20 -45.66
CA PRO C 838 1.25 -0.74 -45.58
C PRO C 838 0.07 -0.34 -44.70
N LEU C 839 0.07 0.91 -44.25
CA LEU C 839 -0.98 1.44 -43.37
C LEU C 839 -2.33 0.83 -43.69
N GLU C 840 -2.72 1.02 -44.95
CA GLU C 840 -4.05 0.74 -45.44
C GLU C 840 -4.50 -0.68 -45.09
N VAL C 841 -3.55 -1.62 -45.04
CA VAL C 841 -3.82 -3.02 -44.67
C VAL C 841 -3.90 -3.19 -43.16
N ALA C 842 -3.04 -2.48 -42.44
CA ALA C 842 -3.05 -2.48 -40.97
C ALA C 842 -4.26 -1.71 -40.45
N ARG C 843 -4.48 -0.53 -41.00
CA ARG C 843 -5.65 0.30 -40.69
C ARG C 843 -6.91 -0.57 -40.65
N ALA C 844 -7.25 -1.17 -41.80
CA ALA C 844 -8.46 -1.97 -41.94
C ALA C 844 -8.45 -3.17 -41.01
N GLU C 845 -7.27 -3.69 -40.70
CA GLU C 845 -7.13 -4.82 -39.77
C GLU C 845 -7.35 -4.41 -38.31
N ALA C 846 -6.89 -3.20 -37.97
CA ALA C 846 -7.07 -2.66 -36.64
C ALA C 846 -8.53 -2.37 -36.31
N LEU C 847 -9.28 -1.93 -37.32
CA LEU C 847 -10.66 -1.51 -37.14
C LEU C 847 -11.64 -2.69 -36.99
N LYS C 848 -11.28 -3.65 -36.11
CA LYS C 848 -12.14 -4.79 -35.73
C LYS C 848 -11.33 -5.85 -34.94
N VAL C 849 -10.93 -5.52 -33.71
CA VAL C 849 -10.06 -6.40 -32.91
C VAL C 849 -10.86 -7.36 -32.00
N ARG C 850 -10.27 -7.80 -30.87
CA ARG C 850 -10.95 -8.68 -29.87
C ARG C 850 -12.27 -8.09 -29.33
N ASN C 851 -12.18 -6.90 -28.70
CA ASN C 851 -13.37 -6.22 -28.15
C ASN C 851 -13.78 -4.93 -28.91
N VAL C 852 -13.35 -4.82 -30.17
CA VAL C 852 -13.59 -3.64 -31.03
C VAL C 852 -13.05 -2.35 -30.36
N ARG C 853 -11.95 -2.48 -29.63
CA ARG C 853 -11.42 -1.39 -28.81
C ARG C 853 -10.87 -0.25 -29.66
N ALA C 854 -10.41 -0.55 -30.88
CA ALA C 854 -9.88 0.46 -31.80
C ALA C 854 -10.93 1.49 -32.27
N HIS C 855 -12.21 1.14 -32.15
CA HIS C 855 -13.32 2.09 -32.32
C HIS C 855 -13.64 2.76 -30.97
N LEU C 856 -13.99 1.93 -29.98
CA LEU C 856 -14.48 2.39 -28.68
C LEU C 856 -13.98 3.79 -28.28
N GLU C 857 -12.65 3.93 -28.22
CA GLU C 857 -12.00 5.10 -27.61
C GLU C 857 -11.57 6.16 -28.65
N GLY C 858 -12.42 6.37 -29.66
CA GLY C 858 -12.21 7.39 -30.68
C GLY C 858 -13.27 7.35 -31.78
N LYS C 859 -13.85 8.50 -32.10
CA LYS C 859 -14.80 8.62 -33.21
C LYS C 859 -14.60 9.91 -34.03
N GLU C 860 -13.34 10.36 -34.14
CA GLU C 860 -13.02 11.68 -34.72
C GLU C 860 -11.88 11.65 -35.77
N VAL C 861 -10.67 11.29 -35.32
CA VAL C 861 -9.44 11.21 -36.16
C VAL C 861 -8.97 12.55 -36.77
N VAL C 862 -7.65 12.71 -36.86
CA VAL C 862 -7.01 13.91 -37.46
C VAL C 862 -5.76 13.55 -38.30
N LYS C 863 -4.87 12.72 -37.75
CA LYS C 863 -3.70 12.21 -38.48
C LYS C 863 -3.36 10.76 -38.06
N GLU C 864 -2.34 10.17 -38.70
CA GLU C 864 -1.88 8.81 -38.41
C GLU C 864 -0.35 8.65 -38.53
N ILE C 865 0.23 7.86 -37.63
CA ILE C 865 1.67 7.60 -37.60
C ILE C 865 1.90 6.08 -37.61
N TYR C 866 2.66 5.60 -38.59
CA TYR C 866 2.87 4.18 -38.83
C TYR C 866 4.34 3.78 -38.78
N VAL C 867 4.68 2.89 -37.85
CA VAL C 867 5.99 2.24 -37.83
C VAL C 867 5.80 0.82 -38.33
N PRO C 868 6.34 0.50 -39.52
CA PRO C 868 6.24 -0.85 -40.09
C PRO C 868 6.59 -1.96 -39.11
N GLY C 869 7.55 -1.70 -38.23
CA GLY C 869 7.99 -2.63 -37.20
C GLY C 869 6.89 -3.24 -36.37
N LYS C 870 6.39 -2.49 -35.39
CA LYS C 870 5.33 -2.99 -34.49
C LYS C 870 4.42 -1.90 -33.91
N ILE C 871 3.98 -0.93 -34.69
CA ILE C 871 3.01 0.06 -34.19
C ILE C 871 2.21 0.85 -35.22
N LEU C 872 0.93 1.06 -34.88
CA LEU C 872 0.05 1.99 -35.59
C LEU C 872 -0.56 2.92 -34.56
N ASN C 873 -0.45 4.23 -34.79
CA ASN C 873 -1.02 5.21 -33.88
C ASN C 873 -2.02 6.12 -34.57
N LEU C 874 -3.28 6.06 -34.12
CA LEU C 874 -4.35 6.91 -34.62
C LEU C 874 -4.47 8.13 -33.71
N VAL C 875 -4.41 9.33 -34.30
CA VAL C 875 -4.48 10.57 -33.51
C VAL C 875 -5.93 11.06 -33.39
N VAL C 876 -6.38 11.27 -32.15
CA VAL C 876 -7.72 11.77 -31.86
C VAL C 876 -7.64 12.98 -30.92
#